data_9R95
#
_entry.id   9R95
#
_cell.length_a   1.00
_cell.length_b   1.00
_cell.length_c   1.00
_cell.angle_alpha   90.00
_cell.angle_beta   90.00
_cell.angle_gamma   90.00
#
_symmetry.space_group_name_H-M   'P 1'
#
loop_
_entity.id
_entity.type
_entity.pdbx_description
1 polymer 'DNA-directed RNA polymerase, mitochondrial'
2 polymer 'Dimethyladenosine transferase 2, mitochondrial'
3 polymer 'Transcription factor A, mitochondrial'
4 polymer "RNA (5'-D(*(GTP))-R(P*GP*A)-3')"
5 polymer 'Non-template strand DNA (56-MER)'
6 polymer 'Template strand DNA (56-MER)'
#
loop_
_entity_poly.entity_id
_entity_poly.type
_entity_poly.pdbx_seq_one_letter_code
_entity_poly.pdbx_strand_id
1 'polypeptide(L)'
;SASPQEQDQDRRKDWGHVELLEVLQARVRQLQAESVSEVVVNRVDVARLPECGSGDGSLQPPRKVQMGAKDATPVPCGRW
AKILEKDKRTQQMRMQRLKAKLQMPFQSGEFKALTRRLQVEPRLLSKQMAGCLEDCTRQAPESPWEEQLARLLQEAPGKL
SLDVEQAPSGQHSQAQLSGQQQRLLAFFKCCLLTDQLPLAHHLLVVHHGQRQKRKLLTLDMYNAVMLGWARQGAFKELVY
VLFMVKDAGLTPDLLSYAAALQCMGRQDQDAGTIERCLEQMSQEGLKLQALFTAVLLSEEDRATVLKAVHKVKPTFSLPP
QLPPPVNTSKLLRDVYAKDGRVSYPKLHLPLKTLQCLFEKQLHMELASRVCVVSVEKPTLPSKEVKHARKTLKTLRDQWE
KALCRALRETKNRLEREVYEGRFSLYPFLCLLDEREVVRMLLQVLQALPAQGESFTTLARELSARTFSRHVVQRQRVSGQ
VQALQNHYRKYLCLLASDAEVPEPCLPRQYWEELGAPEALREQPWPLPVQMELGKLLAEMLVQATQMPCSLDKPHRSSRL
VPVLYHVYSFRNVQQIGILKPHPAYVQLLEKAAEPTLTFEAVDVPMLCPPLPWTSPHSGAFLLSPTKLMRTVEGATQHQE
LLETCPPTALHGALDALTQLGNCAWRVNGRVLDLVLQLFQAKGCPQLGVPAPPSEAPQPPEAHLPHSAAPARKAELRREL
AHCQKVAREMHSLRAEALYRLSLAQHLRDRVFWLPHNMDFRGRTYPCPPHFNHLGSDVARALLEFAQGRPLGPHGLDWLK
IHLVNLTGLKKREPLRKRLAFAEEVMDDILDSADQPLTGRKWWMGAEEPWQTLACCMEVANAVRASDPAAYVSHLPVHQD
GSCNGLQHYAALGRDSVGAASVNLEPSDVPQDVYSGVAAQVEVFRRQDAQRGMRVAQVLEGFITRKVVKQTVMTVVYGVT
RYGGRLQIEKRLRELSDFPQEFVWEASHYLVRQVFKSLQEMFSGTRAIQHWLTESARLISHMGSVVEWVTPLGVPVIQPY
RLDSKVKQIGGGIQSITYTHNGDISRKPNTRKQKNGFPPNFIHSLDSSHMMLTALHCYRKGLTFVSVHDCYWTHAADVSV
MNQVCREQFVRLHSEPILQDLSRFLVKRFCSEPQKILEASQLKETLQAVPKPGAFDLEQVKRSTYFFS
;
A
2 'polypeptide(L)'
;PPRKASKASLDFKRYVTDRRLAETLAQIYLGKPSRPPHLLLECNPGPGILTQALLEAGAKVVALESDKTFIPHLESLGKN
LDGKLRVIHCDFFKLDPRSGGVIKPPAMSSRGLFKNLGIEAVPWTADIPLKVVGMFPSRGEKRALWKLAYDLYSCTSIYK
FGRIEVNMFIGEKEFQKLMADPGNPDLYHVLSVIWQLACEIKVLHMEPWSSFDIYTRKGPLENPKRRELLDQLQQKLYLI
QMIPRQNLFTKNLTPMNYNIFFHLLKHCFGRRSATVIDHLRSLTPLDARDILMQIGKQEDEKVVNMHPQDFKTLFETIER
SKDCAYKWLYDETLEDR
;
B
3 'polypeptide(L)'
;MSYYHHHHHHDYDIPTTENLYFQGAMGSSVLASCPKKPVSSYLRFSKEQLPIFKAQNPDAKTTELIRRIAQRWRELPDSK
KKIYQDAYRAEWQVYKEEISRFKEQLTPSQIMSLEKEIMDKHLKRKAMTKKKELTLLGKPKRPRSAYNVYVAERFQEAKG
DSPQEKLKTVKENWKNLSDSEKELYIQHAKEDETRYHNEMKSWEEQMIEVGRKDLLRRTIKKQRKYGAEE
;
C
4 'polyribonucleotide' (GTP)GA R
5 'polydeoxyribonucleotide'
;(DA)(DT)(DG)(DT)(DG)(DT)(DT)(DA)(DG)(DT)(DT)(DG)(DG)(DG)(DG)(DG)(DG)(DT)(DG)(DA)
(DC)(DT)(DG)(DT)(DT)(DA)(DA)(DA)(DA)(DG)(DT)(DG)(DC)(DA)(DT)(DA)(DC)(DC)(DG)(DA)
(DA)(DC)(DA)(DA)(DA)(DG)(DA)(DT)(DA)(DA)(DA)(DA)(DT)(DT)(DT)(DG)
;
N
6 'polydeoxyribonucleotide'
;(DC)(DA)(DA)(DA)(DT)(DT)(DT)(DT)(DA)(DT)(DC)(DT)(DC)(DC)(DA)(DG)(DG)(DC)(DG)(DG)
(DT)(DA)(DT)(DG)(DC)(DA)(DC)(DT)(DT)(DT)(DT)(DA)(DA)(DC)(DA)(DG)(DT)(DC)(DA)(DC)
(DC)(DC)(DC)(DC)(DC)(DA)(DA)(DC)(DT)(DA)(DA)(DC)(DA)(DC)(DA)(DT)
;
T
#
# COMPACT_ATOMS: atom_id res chain seq x y z
N TRP A 80 57.91 40.85 -18.23
CA TRP A 80 56.78 40.87 -17.30
C TRP A 80 57.11 40.09 -16.03
N ALA A 81 58.41 40.08 -15.67
CA ALA A 81 58.82 39.40 -14.45
C ALA A 81 58.24 40.08 -13.22
N LYS A 82 58.15 41.41 -13.24
CA LYS A 82 57.57 42.13 -12.12
C LYS A 82 56.11 41.78 -11.92
N ILE A 83 55.35 41.67 -13.01
CA ILE A 83 53.94 41.31 -12.91
C ILE A 83 53.79 39.91 -12.33
N LEU A 84 54.60 38.97 -12.80
CA LEU A 84 54.55 37.61 -12.27
C LEU A 84 54.91 37.57 -10.80
N GLU A 85 55.93 38.35 -10.40
CA GLU A 85 56.30 38.42 -8.99
C GLU A 85 55.16 38.97 -8.15
N LYS A 86 54.49 40.02 -8.63
CA LYS A 86 53.37 40.60 -7.91
C LYS A 86 52.24 39.59 -7.77
N ASP A 87 51.95 38.85 -8.86
CA ASP A 87 50.89 37.84 -8.79
C ASP A 87 51.24 36.74 -7.80
N LYS A 88 52.50 36.30 -7.80
CA LYS A 88 52.92 35.28 -6.85
C LYS A 88 52.81 35.79 -5.42
N ARG A 89 53.18 37.04 -5.19
CA ARG A 89 53.06 37.62 -3.85
C ARG A 89 51.60 37.67 -3.42
N THR A 90 50.72 38.11 -4.31
CA THR A 90 49.29 38.19 -3.96
C THR A 90 48.74 36.80 -3.65
N GLN A 91 49.14 35.80 -4.45
CA GLN A 91 48.71 34.43 -4.18
C GLN A 91 49.21 33.95 -2.83
N GLN A 92 50.44 34.31 -2.47
CA GLN A 92 51.00 33.88 -1.19
C GLN A 92 50.25 34.49 -0.02
N MET A 93 50.00 35.80 -0.05
CA MET A 93 49.20 36.39 1.02
C MET A 93 47.78 35.84 1.03
N ARG A 94 47.22 35.51 -0.13
CA ARG A 94 45.88 34.93 -0.14
C ARG A 94 45.86 33.57 0.53
N MET A 95 46.85 32.72 0.26
CA MET A 95 46.83 31.40 0.89
C MET A 95 47.17 31.51 2.37
N GLN A 96 48.00 32.49 2.76
CA GLN A 96 48.22 32.73 4.19
C GLN A 96 46.93 33.15 4.88
N ARG A 97 46.15 34.03 4.24
CA ARG A 97 44.87 34.43 4.81
C ARG A 97 43.92 33.25 4.93
N LEU A 98 43.89 32.38 3.91
CA LEU A 98 43.05 31.19 3.99
C LEU A 98 43.49 30.29 5.14
N LYS A 99 44.80 30.10 5.29
CA LYS A 99 45.30 29.27 6.40
C LYS A 99 44.93 29.87 7.75
N ALA A 100 45.02 31.20 7.87
CA ALA A 100 44.66 31.85 9.12
C ALA A 100 43.17 31.68 9.42
N LYS A 101 42.32 31.85 8.42
CA LYS A 101 40.89 31.69 8.63
C LYS A 101 40.48 30.23 8.81
N LEU A 102 41.35 29.28 8.44
CA LEU A 102 41.06 27.88 8.68
C LEU A 102 41.55 27.38 10.02
N GLN A 103 42.69 27.89 10.50
CA GLN A 103 43.31 27.34 11.71
C GLN A 103 42.58 27.73 12.98
N MET A 104 41.65 28.67 12.92
CA MET A 104 40.94 29.13 14.12
C MET A 104 40.09 28.01 14.72
N ARG A 116 34.21 23.00 3.55
CA ARG A 116 33.16 22.80 4.54
C ARG A 116 33.48 21.58 5.40
N ARG A 117 34.26 21.81 6.46
CA ARG A 117 34.73 20.73 7.31
C ARG A 117 33.58 20.20 8.16
N LEU A 118 33.88 19.15 8.92
CA LEU A 118 32.91 18.50 9.81
C LEU A 118 33.31 18.77 11.25
N GLN A 119 32.38 19.29 12.04
CA GLN A 119 32.67 19.69 13.40
C GLN A 119 32.96 18.48 14.28
N VAL A 120 33.96 18.61 15.14
CA VAL A 120 34.35 17.54 16.05
C VAL A 120 34.25 17.93 17.52
N GLU A 121 34.36 19.21 17.87
CA GLU A 121 34.27 19.64 19.26
C GLU A 121 32.91 20.24 19.53
N PRO A 122 32.10 19.68 20.42
CA PRO A 122 30.77 20.23 20.66
C PRO A 122 30.80 21.59 21.34
N ARG A 123 29.74 22.35 21.12
CA ARG A 123 29.52 23.61 21.82
C ARG A 123 28.46 23.39 22.88
N LEU A 124 28.78 23.73 24.13
CA LEU A 124 27.96 23.39 25.28
C LEU A 124 27.29 24.62 25.85
N LEU A 125 26.00 24.48 26.20
CA LEU A 125 25.26 25.58 26.80
C LEU A 125 25.84 25.96 28.16
N SER A 126 26.18 24.97 28.98
CA SER A 126 26.69 25.23 30.32
C SER A 126 28.04 25.93 30.26
N LYS A 127 28.17 27.02 31.02
CA LYS A 127 29.43 27.76 31.05
C LYS A 127 30.51 26.98 31.80
N GLN A 128 30.17 26.41 32.94
CA GLN A 128 31.16 25.67 33.72
C GLN A 128 31.57 24.39 33.01
N MET A 129 30.65 23.75 32.28
CA MET A 129 31.04 22.56 31.51
C MET A 129 31.92 22.94 30.33
N ALA A 130 31.64 24.07 29.68
CA ALA A 130 32.53 24.56 28.64
C ALA A 130 33.92 24.85 29.19
N GLY A 131 33.98 25.45 30.39
CA GLY A 131 35.26 25.66 31.02
C GLY A 131 35.96 24.36 31.37
N CYS A 132 35.21 23.36 31.80
CA CYS A 132 35.80 22.05 32.10
C CYS A 132 36.39 21.42 30.84
N LEU A 133 35.66 21.50 29.72
CA LEU A 133 36.17 20.95 28.47
C LEU A 133 37.41 21.71 28.01
N GLU A 134 37.39 23.04 28.13
CA GLU A 134 38.56 23.83 27.77
C GLU A 134 39.76 23.45 28.62
N ASP A 135 39.54 23.28 29.93
CA ASP A 135 40.63 22.90 30.83
C ASP A 135 41.15 21.50 30.51
N CYS A 136 40.25 20.56 30.19
CA CYS A 136 40.69 19.22 29.83
C CYS A 136 41.51 19.23 28.56
N THR A 137 41.12 20.07 27.59
CA THR A 137 41.92 20.23 26.38
C THR A 137 43.27 20.88 26.69
N ARG A 138 43.28 21.85 27.61
CA ARG A 138 44.44 22.66 27.88
C ARG A 138 45.39 22.04 28.91
N GLN A 139 45.02 20.90 29.51
CA GLN A 139 45.86 20.31 30.55
C GLN A 139 47.24 19.96 30.00
N ALA A 140 47.30 19.36 28.82
CA ALA A 140 48.57 19.00 28.20
C ALA A 140 48.34 18.83 26.71
N PRO A 141 49.35 19.10 25.88
CA PRO A 141 49.19 18.82 24.44
C PRO A 141 48.89 17.35 24.16
N GLU A 142 49.47 16.44 24.94
CA GLU A 142 49.12 15.02 24.87
C GLU A 142 48.03 14.67 25.88
N SER A 143 46.97 15.48 25.91
CA SER A 143 45.94 15.48 26.95
C SER A 143 45.42 14.08 27.25
N PRO A 144 45.72 13.52 28.42
CA PRO A 144 45.18 12.19 28.76
C PRO A 144 43.69 12.29 29.04
N TRP A 145 42.90 11.53 28.29
CA TRP A 145 41.45 11.56 28.44
C TRP A 145 40.90 10.43 29.30
N GLU A 146 41.74 9.47 29.69
CA GLU A 146 41.25 8.31 30.43
C GLU A 146 40.78 8.69 31.82
N GLU A 147 41.58 9.50 32.53
CA GLU A 147 41.19 9.91 33.88
C GLU A 147 39.92 10.76 33.85
N GLN A 148 39.81 11.66 32.86
CA GLN A 148 38.60 12.45 32.74
C GLN A 148 37.40 11.58 32.40
N LEU A 149 37.61 10.54 31.60
CA LEU A 149 36.52 9.61 31.32
C LEU A 149 36.07 8.90 32.59
N ALA A 150 37.03 8.47 33.40
CA ALA A 150 36.69 7.83 34.67
C ALA A 150 35.91 8.78 35.57
N ARG A 151 36.35 10.03 35.66
CA ARG A 151 35.65 11.01 36.47
C ARG A 151 34.23 11.26 35.95
N LEU A 152 34.08 11.40 34.64
CA LEU A 152 32.78 11.64 34.05
C LEU A 152 31.83 10.50 34.33
N LEU A 153 32.31 9.25 34.21
CA LEU A 153 31.46 8.11 34.49
C LEU A 153 31.14 7.99 35.97
N GLN A 154 32.12 8.28 36.83
CA GLN A 154 31.94 8.07 38.27
C GLN A 154 31.13 9.17 38.94
N GLU A 155 31.02 10.35 38.32
CA GLU A 155 30.26 11.43 38.93
C GLU A 155 28.78 11.04 39.08
N ALA A 156 28.16 10.61 37.98
CA ALA A 156 26.76 10.19 37.91
C ALA A 156 25.85 11.04 38.78
N PRO A 157 25.67 12.33 38.47
CA PRO A 157 24.85 13.21 39.31
C PRO A 157 23.36 12.97 39.12
N ALA A 175 6.95 9.00 25.73
CA ALA A 175 6.82 7.55 25.75
C ALA A 175 7.03 6.97 24.35
N GLN A 176 6.44 7.62 23.36
CA GLN A 176 6.54 7.19 21.97
C GLN A 176 7.33 8.23 21.18
N LEU A 177 8.34 7.78 20.45
CA LEU A 177 9.19 8.70 19.70
C LEU A 177 8.43 9.31 18.55
N SER A 178 8.84 10.52 18.17
CA SER A 178 8.25 11.21 17.03
C SER A 178 8.84 10.68 15.73
N GLY A 179 8.25 11.12 14.62
CA GLY A 179 8.76 10.68 13.32
C GLY A 179 10.19 11.12 13.07
N GLN A 180 10.49 12.38 13.37
CA GLN A 180 11.85 12.86 13.19
C GLN A 180 12.83 12.15 14.10
N GLN A 181 12.43 11.88 15.33
CA GLN A 181 13.30 11.15 16.25
C GLN A 181 13.58 9.74 15.74
N GLN A 182 12.53 9.05 15.26
CA GLN A 182 12.73 7.71 14.71
C GLN A 182 13.67 7.74 13.52
N ARG A 183 13.49 8.72 12.64
CA ARG A 183 14.33 8.81 11.45
C ARG A 183 15.78 9.10 11.83
N LEU A 184 16.01 9.98 12.81
CA LEU A 184 17.37 10.26 13.25
C LEU A 184 18.01 9.03 13.88
N LEU A 185 17.26 8.29 14.69
CA LEU A 185 17.82 7.08 15.30
C LEU A 185 18.18 6.06 14.23
N ALA A 186 17.32 5.89 13.22
CA ALA A 186 17.63 4.97 12.14
C ALA A 186 18.88 5.41 11.38
N PHE A 187 19.02 6.72 11.16
CA PHE A 187 20.21 7.26 10.49
C PHE A 187 21.47 6.92 11.28
N PHE A 188 21.42 7.14 12.60
CA PHE A 188 22.59 6.88 13.43
C PHE A 188 22.93 5.39 13.46
N LYS A 189 21.91 4.53 13.50
CA LYS A 189 22.17 3.09 13.49
C LYS A 189 22.76 2.64 12.16
N CYS A 190 22.25 3.17 11.04
CA CYS A 190 22.74 2.75 9.73
C CYS A 190 24.15 3.26 9.46
N CYS A 191 24.52 4.39 10.05
CA CYS A 191 25.87 4.91 9.85
C CYS A 191 26.93 3.97 10.40
N LEU A 192 26.56 3.02 11.25
CA LEU A 192 27.52 2.05 11.76
C LEU A 192 27.79 0.94 10.75
N LEU A 193 26.73 0.33 10.22
CA LEU A 193 26.91 -0.69 9.19
C LEU A 193 27.54 -0.11 7.94
N THR A 194 27.14 1.10 7.56
CA THR A 194 27.71 1.76 6.38
C THR A 194 29.19 2.08 6.56
N ASP A 195 29.66 2.21 7.81
CA ASP A 195 31.03 2.61 8.14
C ASP A 195 31.32 4.04 7.68
N GLN A 196 30.47 4.98 8.12
CA GLN A 196 30.70 6.41 7.98
C GLN A 196 30.39 7.04 9.33
N LEU A 197 31.40 7.14 10.18
CA LEU A 197 31.22 7.67 11.52
C LEU A 197 31.32 9.19 11.59
N PRO A 198 32.25 9.84 10.89
CA PRO A 198 32.30 11.30 10.95
C PRO A 198 31.00 11.98 10.56
N LEU A 199 30.24 11.40 9.61
CA LEU A 199 28.96 11.98 9.23
C LEU A 199 27.99 11.98 10.39
N ALA A 200 27.83 10.83 11.05
CA ALA A 200 26.91 10.75 12.19
C ALA A 200 27.38 11.65 13.33
N HIS A 201 28.68 11.68 13.59
CA HIS A 201 29.19 12.54 14.65
C HIS A 201 28.90 14.01 14.36
N HIS A 202 29.13 14.44 13.12
CA HIS A 202 28.88 15.83 12.77
C HIS A 202 27.40 16.17 12.88
N LEU A 203 26.52 15.27 12.43
CA LEU A 203 25.10 15.52 12.58
C LEU A 203 24.71 15.65 14.04
N LEU A 204 25.30 14.80 14.90
CA LEU A 204 25.00 14.88 16.32
C LEU A 204 25.48 16.21 16.92
N VAL A 205 26.69 16.64 16.57
CA VAL A 205 27.19 17.89 17.15
C VAL A 205 26.35 19.07 16.68
N VAL A 206 25.92 19.05 15.41
CA VAL A 206 25.11 20.15 14.90
C VAL A 206 23.75 20.16 15.60
N HIS A 207 23.13 19.00 15.78
CA HIS A 207 21.85 18.96 16.46
C HIS A 207 21.97 19.39 17.91
N HIS A 208 23.07 19.02 18.57
CA HIS A 208 23.29 19.45 19.94
C HIS A 208 23.61 20.93 20.04
N GLY A 209 24.14 21.53 18.98
CA GLY A 209 24.46 22.94 19.00
C GLY A 209 23.25 23.85 19.13
N GLN A 210 22.35 23.81 18.15
CA GLN A 210 21.19 24.69 18.14
C GLN A 210 20.26 24.37 19.31
N ARG A 211 19.64 25.43 19.84
CA ARG A 211 18.76 25.27 20.99
C ARG A 211 17.53 24.44 20.63
N GLN A 212 16.96 24.67 19.45
CA GLN A 212 15.71 24.00 19.09
C GLN A 212 15.94 22.53 18.75
N LYS A 213 17.03 22.23 18.05
CA LYS A 213 17.25 20.87 17.58
C LYS A 213 17.73 19.94 18.69
N ARG A 214 18.41 20.47 19.71
CA ARG A 214 18.97 19.63 20.77
C ARG A 214 17.90 18.95 21.61
N LYS A 215 16.65 19.39 21.53
CA LYS A 215 15.59 18.80 22.35
C LYS A 215 15.10 17.47 21.80
N LEU A 216 15.38 17.16 20.53
CA LEU A 216 14.93 15.89 19.96
C LEU A 216 15.80 14.72 20.41
N LEU A 217 17.06 14.96 20.74
CA LEU A 217 18.00 13.88 20.99
C LEU A 217 17.62 13.09 22.24
N THR A 218 17.94 11.80 22.22
CA THR A 218 17.63 10.86 23.28
C THR A 218 18.89 10.05 23.57
N LEU A 219 18.94 9.42 24.74
CA LEU A 219 20.12 8.68 25.16
C LEU A 219 20.55 7.63 24.16
N ASP A 220 19.60 7.07 23.40
CA ASP A 220 19.92 5.99 22.47
C ASP A 220 20.87 6.46 21.37
N MET A 221 20.66 7.66 20.83
CA MET A 221 21.54 8.17 19.78
C MET A 221 22.94 8.39 20.31
N TYR A 222 23.05 8.97 21.51
CA TYR A 222 24.35 9.14 22.15
C TYR A 222 25.05 7.80 22.32
N ASN A 223 24.31 6.80 22.80
CA ASN A 223 24.89 5.47 23.01
C ASN A 223 25.37 4.87 21.69
N ALA A 224 24.58 5.04 20.62
CA ALA A 224 24.97 4.49 19.33
C ALA A 224 26.26 5.11 18.83
N VAL A 225 26.38 6.43 18.92
CA VAL A 225 27.59 7.08 18.44
C VAL A 225 28.78 6.72 19.32
N MET A 226 28.56 6.61 20.65
CA MET A 226 29.64 6.22 21.54
C MET A 226 30.16 4.82 21.20
N LEU A 227 29.24 3.88 20.99
CA LEU A 227 29.66 2.52 20.64
C LEU A 227 30.39 2.51 19.31
N GLY A 228 29.89 3.26 18.34
CA GLY A 228 30.58 3.34 17.06
C GLY A 228 32.00 3.84 17.20
N TRP A 229 32.20 4.87 18.01
CA TRP A 229 33.56 5.39 18.20
C TRP A 229 34.41 4.38 18.97
N ALA A 230 33.82 3.68 19.93
CA ALA A 230 34.58 2.72 20.73
C ALA A 230 35.05 1.54 19.90
N ARG A 231 34.29 1.15 18.87
CA ARG A 231 34.70 0.02 18.04
C ARG A 231 36.04 0.25 17.37
N GLN A 232 36.46 1.50 17.20
CA GLN A 232 37.75 1.82 16.60
C GLN A 232 38.83 2.08 17.63
N GLY A 233 38.53 1.92 18.91
CA GLY A 233 39.50 2.18 19.96
C GLY A 233 39.92 3.63 20.08
N ALA A 234 38.97 4.56 19.97
CA ALA A 234 39.23 5.98 20.07
C ALA A 234 38.81 6.49 21.44
N PHE A 235 39.50 7.52 21.91
CA PHE A 235 39.27 8.07 23.24
C PHE A 235 38.79 9.51 23.23
N LYS A 236 39.34 10.35 22.34
CA LYS A 236 38.97 11.76 22.33
C LYS A 236 37.50 11.95 21.96
N GLU A 237 37.05 11.27 20.89
CA GLU A 237 35.66 11.41 20.48
C GLU A 237 34.71 10.81 21.50
N LEU A 238 35.12 9.70 22.12
CA LEU A 238 34.32 9.13 23.21
C LEU A 238 34.18 10.14 24.34
N VAL A 239 35.26 10.82 24.68
CA VAL A 239 35.19 11.84 25.73
C VAL A 239 34.28 12.99 25.32
N TYR A 240 34.31 13.36 24.04
CA TYR A 240 33.42 14.41 23.55
C TYR A 240 31.96 14.02 23.72
N VAL A 241 31.61 12.78 23.36
CA VAL A 241 30.22 12.37 23.49
C VAL A 241 29.84 12.20 24.96
N LEU A 242 30.79 11.83 25.82
CA LEU A 242 30.51 11.84 27.25
C LEU A 242 30.21 13.25 27.75
N PHE A 243 30.98 14.23 27.28
CA PHE A 243 30.68 15.62 27.58
C PHE A 243 29.26 15.97 27.13
N MET A 244 28.88 15.51 25.95
CA MET A 244 27.53 15.77 25.45
C MET A 244 26.47 15.19 26.37
N VAL A 245 26.61 13.91 26.73
CA VAL A 245 25.57 13.27 27.54
C VAL A 245 25.51 13.89 28.92
N LYS A 246 26.64 14.38 29.44
CA LYS A 246 26.60 15.05 30.73
C LYS A 246 25.94 16.43 30.63
N ASP A 247 26.25 17.17 29.56
CA ASP A 247 25.69 18.52 29.41
C ASP A 247 24.19 18.48 29.13
N ALA A 248 23.73 17.48 28.39
CA ALA A 248 22.31 17.38 28.10
C ALA A 248 21.48 17.07 29.34
N GLY A 249 22.11 16.70 30.45
CA GLY A 249 21.40 16.39 31.67
C GLY A 249 20.95 14.95 31.80
N LEU A 250 21.39 14.07 30.91
CA LEU A 250 21.03 12.66 30.99
C LEU A 250 21.99 11.93 31.94
N THR A 251 21.90 10.60 31.94
CA THR A 251 22.73 9.80 32.82
C THR A 251 23.42 8.70 32.01
N PRO A 252 24.65 8.34 32.39
CA PRO A 252 25.28 7.16 31.79
C PRO A 252 24.52 5.90 32.16
N ASP A 253 24.53 4.93 31.23
CA ASP A 253 23.76 3.70 31.42
C ASP A 253 24.63 2.47 31.17
N LEU A 254 23.99 1.30 31.09
CA LEU A 254 24.70 0.06 30.80
C LEU A 254 25.50 0.18 29.52
N LEU A 255 24.88 0.73 28.46
CA LEU A 255 25.56 0.80 27.17
C LEU A 255 26.76 1.73 27.21
N SER A 256 26.67 2.83 27.96
CA SER A 256 27.81 3.73 28.08
C SER A 256 28.99 3.04 28.75
N TYR A 257 28.74 2.31 29.83
CA TYR A 257 29.82 1.58 30.49
C TYR A 257 30.35 0.45 29.61
N ALA A 258 29.48 -0.21 28.85
CA ALA A 258 29.94 -1.23 27.92
C ALA A 258 30.85 -0.63 26.86
N ALA A 259 30.49 0.54 26.32
CA ALA A 259 31.34 1.20 25.34
C ALA A 259 32.68 1.59 25.94
N ALA A 260 32.67 2.13 27.16
CA ALA A 260 33.93 2.52 27.80
C ALA A 260 34.82 1.31 28.05
N LEU A 261 34.22 0.21 28.53
CA LEU A 261 35.00 -0.99 28.78
C LEU A 261 35.56 -1.57 27.49
N GLN A 262 34.76 -1.56 26.42
CA GLN A 262 35.25 -2.08 25.14
C GLN A 262 36.39 -1.23 24.61
N CYS A 263 36.28 0.10 24.72
CA CYS A 263 37.37 0.95 24.27
C CYS A 263 38.64 0.70 25.07
N MET A 264 38.52 0.59 26.40
CA MET A 264 39.69 0.33 27.22
C MET A 264 40.32 -1.02 26.88
N GLY A 265 39.50 -2.04 26.68
CA GLY A 265 40.03 -3.34 26.33
C GLY A 265 40.72 -3.34 24.97
N ARG A 266 40.13 -2.65 24.00
CA ARG A 266 40.72 -2.59 22.66
C ARG A 266 42.05 -1.84 22.69
N GLN A 267 42.14 -0.77 23.47
CA GLN A 267 43.36 0.01 23.51
C GLN A 267 44.44 -0.59 24.40
N ASP A 268 44.12 -1.64 25.15
CA ASP A 268 45.09 -2.36 25.97
C ASP A 268 45.75 -1.44 27.00
N GLN A 269 44.93 -0.94 27.92
CA GLN A 269 45.39 -0.05 28.96
C GLN A 269 45.77 -0.84 30.22
N ASP A 270 46.24 -0.11 31.22
CA ASP A 270 46.60 -0.73 32.49
C ASP A 270 45.36 -1.00 33.34
N ALA A 271 45.51 -1.90 34.31
CA ALA A 271 44.38 -2.44 35.04
C ALA A 271 43.81 -1.49 36.08
N GLY A 272 44.52 -0.41 36.43
CA GLY A 272 44.01 0.49 37.46
C GLY A 272 42.71 1.17 37.06
N THR A 273 42.67 1.70 35.83
CA THR A 273 41.46 2.34 35.34
C THR A 273 40.30 1.35 35.24
N ILE A 274 40.59 0.12 34.81
CA ILE A 274 39.55 -0.90 34.74
C ILE A 274 39.02 -1.20 36.14
N GLU A 275 39.93 -1.21 37.11
CA GLU A 275 39.52 -1.50 38.51
C GLU A 275 38.61 -0.37 39.01
N ARG A 276 38.96 0.88 38.70
CA ARG A 276 38.16 2.01 39.12
C ARG A 276 36.79 2.00 38.45
N CYS A 277 36.76 1.71 37.14
CA CYS A 277 35.48 1.66 36.42
C CYS A 277 34.58 0.56 36.97
N LEU A 278 35.14 -0.64 37.14
CA LEU A 278 34.32 -1.76 37.60
C LEU A 278 33.79 -1.52 39.01
N GLU A 279 34.63 -1.01 39.90
CA GLU A 279 34.15 -0.71 41.24
C GLU A 279 33.13 0.43 41.22
N GLN A 280 33.26 1.36 40.28
CA GLN A 280 32.25 2.40 40.14
C GLN A 280 30.90 1.80 39.75
N MET A 281 30.90 0.86 38.81
CA MET A 281 29.65 0.17 38.48
C MET A 281 29.11 -0.57 39.68
N SER A 282 29.99 -1.19 40.48
CA SER A 282 29.54 -1.92 41.66
C SER A 282 28.85 -1.00 42.66
N GLN A 283 29.44 0.17 42.92
CA GLN A 283 28.79 1.11 43.83
C GLN A 283 27.53 1.72 43.23
N GLU A 284 27.46 1.82 41.90
CA GLU A 284 26.30 2.39 41.23
C GLU A 284 25.13 1.41 41.14
N GLY A 285 25.30 0.18 41.61
CA GLY A 285 24.25 -0.81 41.49
C GLY A 285 24.23 -1.55 40.18
N LEU A 286 25.34 -1.58 39.46
CA LEU A 286 25.41 -2.19 38.14
C LEU A 286 25.97 -3.60 38.23
N LYS A 287 25.36 -4.53 37.51
CA LYS A 287 25.76 -5.92 37.52
C LYS A 287 26.56 -6.26 36.27
N LEU A 288 27.75 -6.81 36.47
CA LEU A 288 28.59 -7.18 35.32
C LEU A 288 27.94 -8.28 34.50
N GLN A 289 27.30 -9.26 35.15
CA GLN A 289 26.68 -10.34 34.41
C GLN A 289 25.49 -9.84 33.59
N ALA A 290 24.78 -8.84 34.11
CA ALA A 290 23.68 -8.25 33.33
C ALA A 290 24.18 -7.51 32.10
N LEU A 291 25.45 -7.10 32.08
CA LEU A 291 25.99 -6.40 30.92
C LEU A 291 26.00 -7.31 29.69
N PHE A 292 26.36 -8.57 29.87
CA PHE A 292 26.53 -9.48 28.74
C PHE A 292 25.21 -9.97 28.16
N THR A 293 24.07 -9.41 28.56
CA THR A 293 22.78 -9.75 27.97
C THR A 293 22.24 -8.65 27.07
N ALA A 294 23.01 -7.59 26.83
CA ALA A 294 22.53 -6.49 25.99
C ALA A 294 22.44 -6.95 24.54
N VAL A 295 21.30 -6.68 23.91
CA VAL A 295 21.06 -7.16 22.56
C VAL A 295 21.94 -6.43 21.55
N LEU A 296 22.17 -5.13 21.78
CA LEU A 296 22.89 -4.32 20.79
C LEU A 296 24.31 -4.80 20.57
N LEU A 297 24.96 -5.31 21.60
CA LEU A 297 26.33 -5.78 21.46
C LEU A 297 26.41 -7.01 20.59
N SER A 298 27.44 -7.08 19.75
CA SER A 298 27.69 -8.25 18.93
C SER A 298 28.65 -9.19 19.64
N GLU A 299 28.97 -10.31 18.99
CA GLU A 299 29.84 -11.31 19.60
C GLU A 299 31.23 -10.74 19.85
N GLU A 300 31.77 -10.01 18.88
CA GLU A 300 33.12 -9.47 19.04
C GLU A 300 33.18 -8.44 20.17
N ASP A 301 32.17 -7.59 20.29
CA ASP A 301 32.15 -6.61 21.37
C ASP A 301 32.10 -7.29 22.72
N ARG A 302 31.28 -8.33 22.85
CA ARG A 302 31.22 -9.06 24.11
C ARG A 302 32.54 -9.75 24.41
N ALA A 303 33.19 -10.30 23.38
CA ALA A 303 34.48 -10.95 23.59
C ALA A 303 35.53 -9.94 24.07
N THR A 304 35.56 -8.75 23.47
CA THR A 304 36.54 -7.75 23.90
C THR A 304 36.24 -7.23 25.29
N VAL A 305 34.96 -7.03 25.62
CA VAL A 305 34.60 -6.62 26.97
C VAL A 305 35.02 -7.70 27.97
N LEU A 306 34.85 -8.96 27.59
CA LEU A 306 35.27 -10.07 28.46
C LEU A 306 36.78 -10.06 28.65
N LYS A 307 37.54 -9.78 27.59
CA LYS A 307 38.98 -9.67 27.74
C LYS A 307 39.37 -8.55 28.69
N ALA A 308 38.70 -7.40 28.55
CA ALA A 308 38.99 -6.28 29.45
C ALA A 308 38.68 -6.63 30.89
N VAL A 309 37.56 -7.32 31.13
CA VAL A 309 37.23 -7.74 32.49
C VAL A 309 38.25 -8.74 33.01
N HIS A 310 38.61 -9.72 32.18
CA HIS A 310 39.56 -10.77 32.58
C HIS A 310 40.93 -10.21 32.88
N LYS A 311 41.26 -9.04 32.33
CA LYS A 311 42.55 -8.44 32.62
C LYS A 311 42.78 -8.28 34.12
N VAL A 312 41.75 -7.87 34.86
CA VAL A 312 41.91 -7.66 36.29
C VAL A 312 41.10 -8.62 37.15
N LYS A 313 40.13 -9.34 36.57
CA LYS A 313 39.36 -10.36 37.27
C LYS A 313 39.46 -11.64 36.47
N PRO A 314 40.59 -12.34 36.54
CA PRO A 314 40.77 -13.56 35.74
C PRO A 314 39.75 -14.63 36.04
N THR A 315 39.30 -14.74 37.30
CA THR A 315 38.31 -15.73 37.68
C THR A 315 36.90 -15.21 37.48
N PHE A 316 36.63 -14.71 36.28
CA PHE A 316 35.31 -14.26 35.88
C PHE A 316 34.84 -15.12 34.71
N SER A 317 33.67 -15.74 34.86
CA SER A 317 33.17 -16.67 33.87
C SER A 317 31.71 -16.38 33.57
N LEU A 318 31.32 -16.70 32.34
CA LEU A 318 29.93 -16.57 31.94
C LEU A 318 29.08 -17.61 32.66
N PRO A 319 27.78 -17.35 32.83
CA PRO A 319 26.90 -18.31 33.50
C PRO A 319 26.91 -19.64 32.77
N PRO A 320 26.85 -20.75 33.51
CA PRO A 320 26.93 -22.07 32.87
C PRO A 320 25.73 -22.33 31.97
N GLN A 321 25.99 -23.07 30.90
CA GLN A 321 24.93 -23.43 29.97
C GLN A 321 24.06 -24.55 30.54
N LEU A 322 22.80 -24.55 30.14
CA LEU A 322 21.84 -25.55 30.58
C LEU A 322 21.06 -26.08 29.38
N PRO A 323 20.71 -27.36 29.36
CA PRO A 323 19.85 -27.89 28.30
C PRO A 323 18.49 -27.22 28.32
N PRO A 324 17.92 -26.93 27.16
CA PRO A 324 16.63 -26.24 27.14
C PRO A 324 15.55 -27.12 27.74
N PRO A 325 14.59 -26.51 28.43
CA PRO A 325 13.50 -27.30 29.02
C PRO A 325 12.57 -27.84 27.94
N VAL A 326 11.90 -28.93 28.27
CA VAL A 326 10.92 -29.52 27.38
C VAL A 326 9.55 -29.02 27.79
N ASN A 327 8.60 -29.10 26.86
CA ASN A 327 7.24 -28.67 27.14
C ASN A 327 6.57 -29.64 28.10
N THR A 328 5.87 -29.08 29.09
CA THR A 328 5.21 -29.88 30.13
C THR A 328 3.71 -29.65 30.17
N SER A 329 3.15 -29.06 29.10
CA SER A 329 1.72 -28.80 29.07
C SER A 329 0.94 -30.11 29.07
N LYS A 330 -0.34 -30.03 29.46
CA LYS A 330 -1.16 -31.23 29.54
C LYS A 330 -1.34 -31.88 28.18
N LEU A 331 -1.58 -31.07 27.15
CA LEU A 331 -1.86 -31.62 25.82
C LEU A 331 -0.59 -32.12 25.14
N LEU A 332 0.53 -31.44 25.34
CA LEU A 332 1.77 -31.76 24.67
C LEU A 332 2.68 -32.68 25.48
N ARG A 333 2.26 -33.15 26.65
CA ARG A 333 3.12 -34.00 27.45
C ARG A 333 3.32 -35.37 26.80
N ASP A 334 2.37 -35.79 25.97
CA ASP A 334 2.52 -37.07 25.27
C ASP A 334 3.48 -36.97 24.10
N VAL A 335 3.53 -35.82 23.43
CA VAL A 335 4.41 -35.67 22.28
C VAL A 335 5.87 -35.71 22.71
N TYR A 336 6.19 -35.06 23.82
CA TYR A 336 7.57 -34.93 24.27
C TYR A 336 7.94 -35.93 25.34
N ALA A 337 7.14 -36.97 25.53
CA ALA A 337 7.48 -38.00 26.51
C ALA A 337 8.62 -38.85 26.00
N LYS A 338 9.63 -39.05 26.85
CA LYS A 338 10.83 -39.79 26.45
C LYS A 338 10.66 -41.30 26.58
N ASP A 339 9.59 -41.77 27.21
CA ASP A 339 9.35 -43.19 27.37
C ASP A 339 8.33 -43.64 26.33
N GLY A 340 8.76 -44.45 25.38
CA GLY A 340 7.88 -44.97 24.36
C GLY A 340 8.65 -45.41 23.14
N ARG A 341 7.89 -45.85 22.14
CA ARG A 341 8.42 -46.30 20.87
C ARG A 341 8.16 -45.24 19.81
N VAL A 342 9.22 -44.82 19.12
CA VAL A 342 9.13 -43.79 18.10
C VAL A 342 9.85 -44.28 16.85
N SER A 343 9.19 -44.13 15.69
CA SER A 343 9.77 -44.47 14.40
C SER A 343 9.59 -43.26 13.49
N TYR A 344 10.51 -42.31 13.59
CA TYR A 344 10.41 -41.09 12.81
C TYR A 344 10.76 -41.37 11.35
N PRO A 345 9.98 -40.86 10.39
CA PRO A 345 10.24 -41.16 8.99
C PRO A 345 11.53 -40.54 8.50
N LYS A 346 12.12 -41.18 7.49
CA LYS A 346 13.33 -40.71 6.84
C LYS A 346 13.07 -40.53 5.36
N LEU A 347 13.84 -39.65 4.73
CA LEU A 347 13.71 -39.44 3.30
C LEU A 347 14.27 -40.64 2.54
N HIS A 348 14.09 -40.62 1.22
CA HIS A 348 14.51 -41.72 0.36
C HIS A 348 15.80 -41.41 -0.39
N LEU A 349 16.50 -40.35 -0.01
CA LEU A 349 17.70 -39.95 -0.72
C LEU A 349 18.95 -40.15 0.14
N PRO A 350 20.11 -40.36 -0.47
CA PRO A 350 21.34 -40.47 0.31
C PRO A 350 21.79 -39.14 0.87
N LEU A 351 22.99 -39.10 1.47
CA LEU A 351 23.47 -37.86 2.07
C LEU A 351 24.07 -36.94 1.02
N LYS A 352 24.83 -37.49 0.08
CA LYS A 352 25.53 -36.66 -0.90
C LYS A 352 24.56 -35.88 -1.78
N THR A 353 23.48 -36.54 -2.20
CA THR A 353 22.49 -35.84 -3.01
C THR A 353 21.85 -34.69 -2.25
N LEU A 354 21.54 -34.90 -0.98
CA LEU A 354 20.97 -33.82 -0.17
C LEU A 354 21.95 -32.66 -0.02
N GLN A 355 23.23 -32.96 0.19
CA GLN A 355 24.20 -31.87 0.30
C GLN A 355 24.35 -31.10 -1.01
N CYS A 356 24.32 -31.81 -2.14
CA CYS A 356 24.38 -31.13 -3.43
C CYS A 356 23.16 -30.23 -3.62
N LEU A 357 21.98 -30.72 -3.24
CA LEU A 357 20.78 -29.90 -3.34
C LEU A 357 20.88 -28.66 -2.46
N PHE A 358 21.44 -28.82 -1.26
CA PHE A 358 21.62 -27.67 -0.38
C PHE A 358 22.54 -26.64 -1.00
N GLU A 359 23.63 -27.08 -1.63
CA GLU A 359 24.52 -26.15 -2.30
C GLU A 359 23.80 -25.40 -3.42
N LYS A 360 23.01 -26.13 -4.21
CA LYS A 360 22.28 -25.49 -5.30
C LYS A 360 21.29 -24.44 -4.78
N GLN A 361 20.58 -24.76 -3.70
CA GLN A 361 19.63 -23.80 -3.14
C GLN A 361 20.34 -22.59 -2.56
N LEU A 362 21.48 -22.80 -1.92
CA LEU A 362 22.25 -21.67 -1.40
C LEU A 362 22.70 -20.74 -2.51
N HIS A 363 23.18 -21.32 -3.62
CA HIS A 363 23.56 -20.49 -4.76
C HIS A 363 22.37 -19.73 -5.32
N MET A 364 21.22 -20.40 -5.41
CA MET A 364 20.02 -19.74 -5.94
C MET A 364 19.57 -18.59 -5.06
N GLU A 365 19.66 -18.74 -3.74
CA GLU A 365 19.27 -17.67 -2.85
C GLU A 365 20.28 -16.53 -2.81
N LEU A 366 21.58 -16.85 -2.91
CA LEU A 366 22.58 -15.79 -2.99
C LEU A 366 22.43 -14.97 -4.27
N ALA A 367 22.07 -15.62 -5.38
CA ALA A 367 21.88 -14.90 -6.63
C ALA A 367 20.67 -13.97 -6.55
N SER A 368 19.62 -14.37 -5.83
CA SER A 368 18.36 -13.65 -5.61
C SER A 368 17.46 -13.63 -6.84
N ARG A 369 17.81 -14.33 -7.91
CA ARG A 369 16.96 -14.41 -9.10
C ARG A 369 17.05 -15.81 -9.70
N VAL A 370 15.93 -16.31 -10.19
CA VAL A 370 15.86 -17.60 -10.88
C VAL A 370 15.07 -17.42 -12.16
N CYS A 371 15.64 -17.82 -13.29
CA CYS A 371 15.03 -17.68 -14.60
C CYS A 371 14.55 -19.03 -15.10
N VAL A 372 13.33 -19.06 -15.64
CA VAL A 372 12.72 -20.27 -16.14
C VAL A 372 12.36 -20.06 -17.61
N VAL A 373 12.21 -21.17 -18.33
CA VAL A 373 11.87 -21.11 -19.75
C VAL A 373 10.36 -20.95 -19.89
N SER A 374 9.94 -20.01 -20.73
CA SER A 374 8.52 -19.77 -20.94
C SER A 374 7.87 -20.97 -21.63
N VAL A 375 6.60 -21.20 -21.30
CA VAL A 375 5.86 -22.35 -21.80
C VAL A 375 4.91 -21.99 -22.94
N GLU A 376 4.80 -20.71 -23.28
CA GLU A 376 3.95 -20.29 -24.39
C GLU A 376 4.41 -20.95 -25.69
N LYS A 377 3.56 -20.86 -26.70
CA LYS A 377 3.88 -21.46 -27.99
C LYS A 377 5.06 -20.72 -28.61
N PRO A 378 6.15 -21.41 -28.95
CA PRO A 378 7.29 -20.73 -29.55
C PRO A 378 6.91 -20.08 -30.88
N THR A 379 7.51 -18.93 -31.16
CA THR A 379 7.19 -18.16 -32.34
C THR A 379 8.24 -18.36 -33.43
N LEU A 380 7.79 -18.34 -34.67
CA LEU A 380 8.69 -18.46 -35.80
C LEU A 380 9.61 -17.24 -35.85
N PRO A 381 10.93 -17.44 -35.95
CA PRO A 381 11.85 -16.30 -35.93
C PRO A 381 11.79 -15.48 -37.21
N SER A 382 10.79 -14.62 -37.33
CA SER A 382 10.64 -13.75 -38.47
C SER A 382 11.67 -12.62 -38.41
N LYS A 383 11.69 -11.78 -39.45
CA LYS A 383 12.54 -10.60 -39.43
C LYS A 383 12.10 -9.62 -38.35
N GLU A 384 10.79 -9.43 -38.20
CA GLU A 384 10.28 -8.47 -37.24
C GLU A 384 10.64 -8.86 -35.81
N VAL A 385 10.63 -10.15 -35.50
CA VAL A 385 10.99 -10.59 -34.16
C VAL A 385 12.43 -10.24 -33.84
N LYS A 386 13.34 -10.51 -34.78
CA LYS A 386 14.74 -10.19 -34.56
C LYS A 386 14.95 -8.68 -34.44
N HIS A 387 14.26 -7.90 -35.27
CA HIS A 387 14.39 -6.45 -35.19
C HIS A 387 13.89 -5.93 -33.85
N ALA A 388 12.76 -6.46 -33.38
CA ALA A 388 12.24 -6.06 -32.09
C ALA A 388 13.20 -6.41 -30.97
N ARG A 389 13.83 -7.58 -31.05
CA ARG A 389 14.78 -7.97 -30.02
C ARG A 389 16.00 -7.07 -30.01
N LYS A 390 16.49 -6.69 -31.19
CA LYS A 390 17.62 -5.75 -31.24
C LYS A 390 17.25 -4.42 -30.62
N THR A 391 16.06 -3.90 -30.95
CA THR A 391 15.62 -2.63 -30.38
C THR A 391 15.50 -2.73 -28.86
N LEU A 392 14.93 -3.83 -28.37
CA LEU A 392 14.78 -4.02 -26.94
C LEU A 392 16.13 -4.03 -26.23
N LYS A 393 17.10 -4.75 -26.80
CA LYS A 393 18.42 -4.81 -26.16
C LYS A 393 19.07 -3.44 -26.12
N THR A 394 18.99 -2.68 -27.22
CA THR A 394 19.59 -1.35 -27.22
C THR A 394 18.93 -0.43 -26.19
N LEU A 395 17.61 -0.47 -26.11
CA LEU A 395 16.90 0.33 -25.12
C LEU A 395 17.31 -0.04 -23.71
N ARG A 396 17.43 -1.35 -23.43
CA ARG A 396 17.79 -1.77 -22.09
C ARG A 396 19.18 -1.28 -21.70
N ASP A 397 20.14 -1.36 -22.64
CA ASP A 397 21.47 -0.86 -22.32
C ASP A 397 21.46 0.64 -22.04
N GLN A 398 20.74 1.41 -22.87
CA GLN A 398 20.68 2.85 -22.64
C GLN A 398 20.06 3.16 -21.28
N TRP A 399 18.98 2.46 -20.93
CA TRP A 399 18.34 2.70 -19.63
C TRP A 399 19.29 2.38 -18.49
N GLU A 400 20.06 1.31 -18.61
CA GLU A 400 21.01 0.96 -17.55
C GLU A 400 22.01 2.09 -17.34
N LYS A 401 22.60 2.60 -18.43
CA LYS A 401 23.59 3.66 -18.27
C LYS A 401 22.98 4.92 -17.68
N ALA A 402 21.80 5.32 -18.17
CA ALA A 402 21.16 6.53 -17.67
C ALA A 402 20.81 6.39 -16.20
N LEU A 403 20.32 5.21 -15.78
CA LEU A 403 19.98 5.00 -14.38
C LEU A 403 21.22 5.08 -13.49
N CYS A 404 22.35 4.53 -13.96
CA CYS A 404 23.58 4.64 -13.17
C CYS A 404 23.97 6.10 -12.97
N ARG A 405 23.91 6.89 -14.04
CA ARG A 405 24.25 8.32 -13.91
C ARG A 405 23.31 9.02 -12.95
N ALA A 406 22.00 8.74 -13.06
CA ALA A 406 21.04 9.40 -12.18
C ALA A 406 21.27 9.04 -10.72
N LEU A 407 21.57 7.77 -10.45
CA LEU A 407 21.82 7.35 -9.07
C LEU A 407 23.04 8.05 -8.50
N ARG A 408 24.11 8.17 -9.30
CA ARG A 408 25.29 8.88 -8.82
C ARG A 408 24.97 10.33 -8.48
N GLU A 409 24.22 11.00 -9.37
CA GLU A 409 23.87 12.39 -9.10
C GLU A 409 23.01 12.52 -7.85
N THR A 410 22.08 11.57 -7.65
CA THR A 410 21.22 11.62 -6.47
C THR A 410 22.01 11.45 -5.19
N LYS A 411 22.99 10.53 -5.18
CA LYS A 411 23.82 10.38 -3.99
C LYS A 411 24.63 11.65 -3.72
N ASN A 412 25.17 12.25 -4.77
CA ASN A 412 25.90 13.51 -4.59
C ASN A 412 25.00 14.58 -3.99
N ARG A 413 23.77 14.68 -4.48
CA ARG A 413 22.85 15.69 -3.97
C ARG A 413 22.48 15.42 -2.51
N LEU A 414 22.28 14.15 -2.16
CA LEU A 414 21.80 13.82 -0.82
C LEU A 414 22.89 13.98 0.24
N GLU A 415 24.16 13.79 -0.12
CA GLU A 415 25.23 13.97 0.86
C GLU A 415 25.29 15.41 1.36
N ARG A 416 25.14 16.38 0.44
CA ARG A 416 25.27 17.78 0.82
C ARG A 416 24.24 18.19 1.86
N GLU A 417 23.05 17.61 1.82
CA GLU A 417 22.03 17.97 2.81
C GLU A 417 22.48 17.60 4.22
N VAL A 418 23.09 16.43 4.39
CA VAL A 418 23.66 16.08 5.68
C VAL A 418 24.83 17.00 6.00
N TYR A 419 25.61 17.37 4.98
CA TYR A 419 26.74 18.27 5.21
C TYR A 419 26.30 19.63 5.73
N GLU A 420 25.01 19.95 5.62
CA GLU A 420 24.48 21.22 6.12
C GLU A 420 23.61 21.06 7.35
N GLY A 421 23.60 19.88 7.97
CA GLY A 421 22.90 19.70 9.22
C GLY A 421 21.48 19.18 9.13
N ARG A 422 21.07 18.64 7.98
CA ARG A 422 19.73 18.10 7.80
C ARG A 422 19.79 16.58 7.65
N PHE A 423 18.73 15.92 8.07
CA PHE A 423 18.62 14.48 7.90
C PHE A 423 18.32 14.14 6.45
N SER A 424 18.95 13.09 5.95
CA SER A 424 18.82 12.69 4.55
C SER A 424 18.76 11.17 4.49
N LEU A 425 18.94 10.62 3.29
CA LEU A 425 18.92 9.18 3.08
C LEU A 425 20.23 8.68 2.48
N TYR A 426 21.34 9.37 2.77
CA TYR A 426 22.61 9.01 2.15
C TYR A 426 23.10 7.62 2.54
N PRO A 427 23.16 7.24 3.83
CA PRO A 427 23.64 5.88 4.15
C PRO A 427 22.78 4.78 3.57
N PHE A 428 21.46 4.97 3.52
CA PHE A 428 20.59 3.94 2.97
C PHE A 428 20.89 3.70 1.50
N LEU A 429 21.28 4.74 0.77
CA LEU A 429 21.73 4.55 -0.60
C LEU A 429 23.13 3.96 -0.66
N CYS A 430 23.95 4.21 0.37
CA CYS A 430 25.29 3.66 0.41
C CYS A 430 25.34 2.22 0.89
N LEU A 431 24.21 1.65 1.30
CA LEU A 431 24.21 0.28 1.82
C LEU A 431 24.60 -0.73 0.74
N LEU A 432 24.01 -0.62 -0.44
CA LEU A 432 24.19 -1.60 -1.50
C LEU A 432 25.07 -1.06 -2.62
N ASP A 433 25.49 -1.97 -3.50
CA ASP A 433 26.29 -1.59 -4.65
C ASP A 433 25.42 -0.92 -5.70
N GLU A 434 26.05 -0.11 -6.56
CA GLU A 434 25.32 0.58 -7.61
C GLU A 434 24.73 -0.42 -8.60
N ARG A 435 25.50 -1.43 -8.99
CA ARG A 435 25.04 -2.38 -10.00
C ARG A 435 23.81 -3.14 -9.50
N GLU A 436 23.80 -3.52 -8.23
CA GLU A 436 22.67 -4.24 -7.68
C GLU A 436 21.40 -3.40 -7.71
N VAL A 437 21.51 -2.13 -7.33
CA VAL A 437 20.34 -1.25 -7.34
C VAL A 437 19.84 -1.06 -8.76
N VAL A 438 20.75 -0.85 -9.71
CA VAL A 438 20.35 -0.67 -11.10
C VAL A 438 19.66 -1.91 -11.63
N ARG A 439 20.21 -3.09 -11.32
CA ARG A 439 19.60 -4.33 -11.79
C ARG A 439 18.22 -4.53 -11.20
N MET A 440 18.04 -4.22 -9.91
CA MET A 440 16.73 -4.34 -9.30
C MET A 440 15.73 -3.40 -9.95
N LEU A 441 16.14 -2.17 -10.22
CA LEU A 441 15.24 -1.22 -10.86
C LEU A 441 14.85 -1.69 -12.26
N LEU A 442 15.80 -2.21 -13.02
CA LEU A 442 15.50 -2.70 -14.37
C LEU A 442 14.54 -3.88 -14.31
N GLN A 443 14.76 -4.80 -13.37
CA GLN A 443 13.84 -5.94 -13.23
C GLN A 443 12.44 -5.48 -12.88
N VAL A 444 12.32 -4.50 -11.97
CA VAL A 444 11.01 -3.99 -11.60
C VAL A 444 10.32 -3.35 -12.81
N LEU A 445 11.07 -2.58 -13.60
CA LEU A 445 10.48 -1.98 -14.80
C LEU A 445 10.02 -3.05 -15.78
N GLN A 446 10.80 -4.11 -15.93
CA GLN A 446 10.43 -5.17 -16.86
C GLN A 446 9.17 -5.91 -16.41
N ALA A 447 9.01 -6.12 -15.11
CA ALA A 447 7.88 -6.90 -14.61
C ALA A 447 6.57 -6.13 -14.60
N LEU A 448 6.57 -4.85 -14.93
CA LEU A 448 5.37 -4.04 -14.84
C LEU A 448 4.32 -4.50 -15.84
N PRO A 449 3.06 -4.57 -15.45
CA PRO A 449 2.00 -4.94 -16.39
C PRO A 449 1.68 -3.78 -17.33
N ALA A 450 0.85 -4.09 -18.34
CA ALA A 450 0.51 -3.09 -19.34
C ALA A 450 -0.47 -2.06 -18.82
N GLN A 451 -1.27 -2.40 -17.82
CA GLN A 451 -2.30 -1.50 -17.30
C GLN A 451 -1.78 -0.56 -16.22
N GLY A 452 -0.52 -0.70 -15.82
CA GLY A 452 0.05 0.20 -14.83
C GLY A 452 -0.07 -0.31 -13.42
N GLU A 453 0.53 0.46 -12.50
CA GLU A 453 0.53 0.12 -11.08
C GLU A 453 0.38 1.40 -10.27
N SER A 454 -0.20 1.25 -9.08
CA SER A 454 -0.37 2.38 -8.19
C SER A 454 0.98 2.89 -7.69
N PHE A 455 1.03 4.19 -7.41
CA PHE A 455 2.28 4.80 -6.97
C PHE A 455 2.69 4.31 -5.59
N THR A 456 1.74 4.27 -4.65
CA THR A 456 2.07 3.84 -3.29
C THR A 456 2.52 2.38 -3.26
N THR A 457 1.85 1.52 -4.03
CA THR A 457 2.25 0.11 -4.08
C THR A 457 3.65 -0.05 -4.64
N LEU A 458 3.97 0.70 -5.71
CA LEU A 458 5.31 0.63 -6.27
C LEU A 458 6.35 1.12 -5.27
N ALA A 459 6.04 2.19 -4.55
CA ALA A 459 6.96 2.71 -3.54
C ALA A 459 7.19 1.69 -2.43
N ARG A 460 6.13 1.01 -2.00
CA ARG A 460 6.29 -0.02 -0.98
C ARG A 460 7.12 -1.18 -1.49
N GLU A 461 6.86 -1.64 -2.72
CA GLU A 461 7.57 -2.81 -3.23
C GLU A 461 9.05 -2.51 -3.45
N LEU A 462 9.38 -1.31 -3.93
CA LEU A 462 10.77 -0.99 -4.22
C LEU A 462 11.61 -0.87 -2.97
N SER A 463 11.00 -0.71 -1.80
CA SER A 463 11.74 -0.65 -0.55
C SER A 463 11.78 -1.98 0.19
N ALA A 464 10.88 -2.91 -0.14
CA ALA A 464 10.92 -4.24 0.46
C ALA A 464 12.02 -5.10 -0.17
N ARG A 465 12.29 -4.90 -1.46
CA ARG A 465 13.35 -5.67 -2.11
C ARG A 465 14.73 -5.17 -1.73
N THR A 466 14.87 -3.88 -1.43
CA THR A 466 16.16 -3.35 -1.02
C THR A 466 16.58 -3.93 0.33
N PHE A 467 15.63 -4.13 1.24
CA PHE A 467 15.98 -4.66 2.56
C PHE A 467 16.47 -6.09 2.47
N SER A 468 15.81 -6.93 1.64
CA SER A 468 16.19 -8.33 1.57
C SER A 468 17.61 -8.50 1.05
N ARG A 469 17.96 -7.77 0.00
CA ARG A 469 19.32 -7.85 -0.54
C ARG A 469 20.33 -7.36 0.49
N HIS A 470 20.00 -6.31 1.22
CA HIS A 470 20.89 -5.81 2.26
C HIS A 470 21.13 -6.87 3.33
N VAL A 471 20.07 -7.56 3.76
CA VAL A 471 20.20 -8.58 4.78
C VAL A 471 21.08 -9.72 4.27
N VAL A 472 20.82 -10.18 3.05
CA VAL A 472 21.57 -11.32 2.52
C VAL A 472 23.04 -10.95 2.36
N GLN A 473 23.33 -9.76 1.83
CA GLN A 473 24.72 -9.35 1.66
C GLN A 473 25.42 -9.16 3.01
N ARG A 474 24.69 -8.65 4.01
CA ARG A 474 25.26 -8.54 5.34
C ARG A 474 25.65 -9.90 5.89
N GLN A 475 24.76 -10.89 5.71
CA GLN A 475 25.08 -12.24 6.16
C GLN A 475 26.29 -12.80 5.42
N ARG A 476 26.37 -12.56 4.12
CA ARG A 476 27.51 -13.04 3.35
C ARG A 476 28.82 -12.43 3.83
N VAL A 477 28.82 -11.12 4.06
CA VAL A 477 30.06 -10.44 4.43
C VAL A 477 30.48 -10.82 5.85
N SER A 478 29.54 -10.87 6.78
CA SER A 478 29.89 -11.10 8.18
C SER A 478 30.55 -12.45 8.39
N GLY A 479 30.01 -13.50 7.77
CA GLY A 479 30.61 -14.82 7.88
C GLY A 479 29.70 -15.89 8.45
N GLN A 480 28.39 -15.68 8.34
CA GLN A 480 27.44 -16.69 8.80
C GLN A 480 27.20 -17.78 7.78
N VAL A 481 27.60 -17.56 6.52
CA VAL A 481 27.34 -18.55 5.48
C VAL A 481 28.11 -19.83 5.76
N GLN A 482 29.38 -19.72 6.13
CA GLN A 482 30.19 -20.91 6.41
C GLN A 482 29.65 -21.67 7.61
N ALA A 483 29.28 -20.95 8.68
CA ALA A 483 28.72 -21.61 9.84
C ALA A 483 27.42 -22.32 9.51
N LEU A 484 26.57 -21.68 8.71
CA LEU A 484 25.32 -22.31 8.28
C LEU A 484 25.60 -23.56 7.46
N GLN A 485 26.59 -23.49 6.57
CA GLN A 485 26.93 -24.65 5.75
C GLN A 485 27.37 -25.82 6.62
N ASN A 486 28.28 -25.56 7.57
CA ASN A 486 28.75 -26.64 8.43
C ASN A 486 27.61 -27.23 9.24
N HIS A 487 26.78 -26.37 9.84
CA HIS A 487 25.71 -26.87 10.69
C HIS A 487 24.68 -27.66 9.89
N TYR A 488 24.33 -27.18 8.69
CA TYR A 488 23.34 -27.89 7.90
C TYR A 488 23.87 -29.22 7.40
N ARG A 489 25.14 -29.26 6.98
CA ARG A 489 25.70 -30.51 6.51
C ARG A 489 25.87 -31.51 7.64
N LYS A 490 26.03 -31.04 8.87
CA LYS A 490 26.03 -31.96 10.01
C LYS A 490 24.63 -32.42 10.38
N TYR A 491 23.64 -31.53 10.28
CA TYR A 491 22.28 -31.85 10.70
C TYR A 491 21.52 -32.68 9.68
N LEU A 492 21.97 -32.71 8.42
CA LEU A 492 21.28 -33.51 7.42
C LEU A 492 21.34 -35.01 7.70
N CYS A 493 22.19 -35.45 8.62
CA CYS A 493 22.29 -36.88 8.92
C CYS A 493 20.99 -37.42 9.52
N LEU A 494 20.13 -36.56 10.04
CA LEU A 494 18.89 -37.02 10.66
C LEU A 494 17.86 -37.45 9.62
N LEU A 495 17.81 -36.73 8.49
CA LEU A 495 16.81 -37.01 7.46
C LEU A 495 17.30 -37.96 6.38
N ALA A 496 18.61 -38.13 6.22
CA ALA A 496 19.13 -39.00 5.18
C ALA A 496 18.78 -40.46 5.48
N SER A 497 18.62 -41.24 4.40
CA SER A 497 18.27 -42.64 4.56
C SER A 497 19.47 -43.49 4.96
N ASP A 498 20.66 -43.17 4.44
CA ASP A 498 21.86 -43.97 4.68
C ASP A 498 22.74 -43.38 5.78
N ALA A 499 22.14 -42.72 6.76
CA ALA A 499 22.88 -42.16 7.88
C ALA A 499 22.16 -42.49 9.18
N GLU A 500 22.93 -42.57 10.26
CA GLU A 500 22.38 -42.94 11.57
C GLU A 500 22.77 -41.90 12.60
N VAL A 501 21.77 -41.26 13.19
CA VAL A 501 21.96 -40.35 14.31
C VAL A 501 21.98 -41.21 15.58
N PRO A 502 22.82 -40.90 16.58
CA PRO A 502 22.86 -41.74 17.78
C PRO A 502 21.51 -41.90 18.47
N GLU A 503 20.71 -40.84 18.53
CA GLU A 503 19.40 -40.89 19.18
C GLU A 503 18.38 -40.19 18.27
N PRO A 504 17.26 -40.83 17.97
CA PRO A 504 16.25 -40.18 17.12
C PRO A 504 15.60 -39.01 17.84
N CYS A 505 15.62 -37.85 17.20
CA CYS A 505 15.12 -36.62 17.78
C CYS A 505 14.25 -35.90 16.76
N LEU A 506 13.45 -34.97 17.27
CA LEU A 506 12.75 -34.03 16.39
C LEU A 506 13.77 -33.12 15.71
N PRO A 507 13.46 -32.62 14.52
CA PRO A 507 14.46 -31.78 13.81
C PRO A 507 14.93 -30.58 14.61
N ARG A 508 14.03 -29.87 15.30
CA ARG A 508 14.45 -28.71 16.08
C ARG A 508 15.31 -29.13 17.25
N GLN A 509 14.98 -30.24 17.90
CA GLN A 509 15.77 -30.73 19.02
C GLN A 509 17.18 -31.07 18.58
N TYR A 510 17.31 -31.75 17.43
CA TYR A 510 18.65 -32.08 16.93
C TYR A 510 19.42 -30.84 16.52
N TRP A 511 18.76 -29.91 15.84
CA TRP A 511 19.44 -28.67 15.44
C TRP A 511 19.92 -27.89 16.65
N GLU A 512 19.19 -27.95 17.76
CA GLU A 512 19.65 -27.29 18.98
C GLU A 512 20.77 -28.08 19.64
N GLU A 513 20.68 -29.41 19.64
CA GLU A 513 21.67 -30.23 20.34
C GLU A 513 23.02 -30.17 19.65
N LEU A 514 23.05 -29.99 18.32
CA LEU A 514 24.31 -29.86 17.62
C LEU A 514 25.08 -28.60 17.99
N GLY A 515 24.44 -27.65 18.67
CA GLY A 515 25.06 -26.38 18.98
C GLY A 515 24.60 -25.33 17.99
N ALA A 516 23.62 -24.53 18.39
CA ALA A 516 22.98 -23.62 17.47
C ALA A 516 23.83 -22.37 17.28
N PRO A 517 24.25 -22.04 16.07
CA PRO A 517 24.93 -20.75 15.85
C PRO A 517 23.97 -19.60 16.13
N GLU A 518 24.52 -18.52 16.68
CA GLU A 518 23.70 -17.35 16.98
C GLU A 518 23.21 -16.70 15.70
N ALA A 519 21.94 -16.28 15.70
CA ALA A 519 21.33 -15.65 14.55
C ALA A 519 21.59 -14.16 14.58
N LEU A 520 22.12 -13.63 13.48
CA LEU A 520 22.39 -12.20 13.35
C LEU A 520 21.09 -11.49 13.00
N ARG A 521 20.33 -11.13 14.03
CA ARG A 521 19.08 -10.43 13.82
C ARG A 521 19.32 -9.06 13.20
N GLU A 522 18.49 -8.73 12.21
CA GLU A 522 18.62 -7.47 11.47
C GLU A 522 17.42 -6.59 11.78
N GLN A 523 17.70 -5.34 12.11
CA GLN A 523 16.65 -4.41 12.52
C GLN A 523 15.92 -3.87 11.30
N PRO A 524 14.60 -3.99 11.22
CA PRO A 524 13.86 -3.36 10.14
C PRO A 524 13.87 -1.84 10.27
N TRP A 525 13.76 -1.18 9.14
CA TRP A 525 13.68 0.28 9.13
C TRP A 525 12.30 0.75 9.56
N PRO A 526 12.20 1.96 10.09
CA PRO A 526 10.88 2.51 10.41
C PRO A 526 10.07 2.77 9.15
N LEU A 527 8.75 2.83 9.33
CA LEU A 527 7.86 3.00 8.18
C LEU A 527 8.13 4.27 7.38
N PRO A 528 8.31 5.45 7.99
CA PRO A 528 8.61 6.63 7.17
C PRO A 528 9.86 6.48 6.34
N VAL A 529 10.90 5.84 6.87
CA VAL A 529 12.13 5.66 6.10
C VAL A 529 11.88 4.76 4.90
N GLN A 530 11.14 3.67 5.10
CA GLN A 530 10.83 2.77 4.00
C GLN A 530 10.06 3.49 2.90
N MET A 531 9.03 4.25 3.29
CA MET A 531 8.23 4.94 2.30
C MET A 531 9.04 6.00 1.56
N GLU A 532 9.87 6.75 2.28
CA GLU A 532 10.69 7.77 1.65
C GLU A 532 11.66 7.16 0.64
N LEU A 533 12.32 6.07 1.03
CA LEU A 533 13.26 5.41 0.13
C LEU A 533 12.57 4.86 -1.10
N GLY A 534 11.41 4.22 -0.92
CA GLY A 534 10.68 3.71 -2.06
C GLY A 534 10.25 4.81 -3.01
N LYS A 535 9.74 5.92 -2.48
CA LYS A 535 9.31 7.01 -3.32
C LYS A 535 10.49 7.61 -4.08
N LEU A 536 11.63 7.76 -3.42
CA LEU A 536 12.80 8.31 -4.10
C LEU A 536 13.24 7.42 -5.25
N LEU A 537 13.30 6.11 -5.01
CA LEU A 537 13.71 5.19 -6.07
C LEU A 537 12.73 5.21 -7.23
N ALA A 538 11.43 5.23 -6.93
CA ALA A 538 10.43 5.27 -8.00
C ALA A 538 10.54 6.54 -8.82
N GLU A 539 10.76 7.68 -8.16
CA GLU A 539 10.91 8.93 -8.90
C GLU A 539 12.13 8.89 -9.80
N MET A 540 13.25 8.36 -9.29
CA MET A 540 14.44 8.26 -10.12
C MET A 540 14.19 7.37 -11.34
N LEU A 541 13.53 6.24 -11.14
CA LEU A 541 13.22 5.35 -12.25
C LEU A 541 12.34 6.03 -13.28
N VAL A 542 11.33 6.78 -12.82
CA VAL A 542 10.45 7.48 -13.75
C VAL A 542 11.23 8.53 -14.54
N GLN A 543 12.13 9.25 -13.88
CA GLN A 543 12.81 10.37 -14.53
C GLN A 543 13.87 9.88 -15.52
N ALA A 544 14.60 8.83 -15.19
CA ALA A 544 15.81 8.48 -15.93
C ALA A 544 15.59 7.64 -17.17
N THR A 545 14.36 7.21 -17.46
CA THR A 545 14.09 6.30 -18.57
C THR A 545 13.47 7.06 -19.74
N GLN A 546 14.04 6.90 -20.93
CA GLN A 546 13.54 7.55 -22.13
C GLN A 546 13.66 6.61 -23.32
N MET A 547 12.78 6.78 -24.28
CA MET A 547 12.73 5.97 -25.48
C MET A 547 12.39 6.85 -26.67
N PRO A 548 12.78 6.46 -27.88
CA PRO A 548 12.42 7.25 -29.07
C PRO A 548 10.92 7.31 -29.26
N CYS A 549 10.45 8.42 -29.83
CA CYS A 549 9.02 8.58 -30.06
C CYS A 549 8.52 7.64 -31.15
N SER A 550 9.23 7.57 -32.27
CA SER A 550 8.86 6.73 -33.41
C SER A 550 9.85 5.58 -33.50
N LEU A 551 9.39 4.38 -33.15
CA LEU A 551 10.27 3.21 -33.18
C LEU A 551 10.49 2.68 -34.59
N ASP A 552 9.53 2.90 -35.50
CA ASP A 552 9.61 2.29 -36.82
C ASP A 552 10.81 2.81 -37.62
N LYS A 553 11.07 4.11 -37.55
CA LYS A 553 12.13 4.73 -38.35
C LYS A 553 12.91 5.71 -37.47
N PRO A 554 14.12 5.34 -37.05
CA PRO A 554 14.92 6.27 -36.24
C PRO A 554 15.28 7.52 -37.01
N HIS A 555 15.34 8.64 -36.28
CA HIS A 555 15.74 9.97 -36.74
C HIS A 555 14.74 10.60 -37.71
N ARG A 556 13.68 9.89 -38.11
CA ARG A 556 12.59 10.57 -38.81
C ARG A 556 11.94 11.60 -37.91
N SER A 557 11.74 11.25 -36.64
CA SER A 557 11.36 12.18 -35.59
C SER A 557 12.28 11.92 -34.41
N SER A 558 13.20 12.84 -34.14
CA SER A 558 14.29 12.59 -33.20
C SER A 558 13.93 12.86 -31.75
N ARG A 559 12.75 13.42 -31.48
CA ARG A 559 12.40 13.76 -30.11
C ARG A 559 12.23 12.51 -29.26
N LEU A 560 12.58 12.63 -27.99
CA LEU A 560 12.47 11.54 -27.03
C LEU A 560 11.25 11.75 -26.14
N VAL A 561 10.61 10.64 -25.76
CA VAL A 561 9.42 10.69 -24.91
C VAL A 561 9.63 9.78 -23.72
N PRO A 562 8.98 10.04 -22.58
CA PRO A 562 9.17 9.18 -21.41
C PRO A 562 8.59 7.80 -21.63
N VAL A 563 9.13 6.83 -20.89
CA VAL A 563 8.62 5.47 -20.90
C VAL A 563 7.49 5.30 -19.90
N LEU A 564 7.60 5.92 -18.73
CA LEU A 564 6.60 5.83 -17.68
C LEU A 564 5.90 7.18 -17.53
N TYR A 565 4.57 7.16 -17.55
CA TYR A 565 3.76 8.36 -17.41
C TYR A 565 3.04 8.35 -16.07
N HIS A 566 2.72 9.54 -15.57
CA HIS A 566 2.08 9.70 -14.27
C HIS A 566 0.68 10.29 -14.48
N VAL A 567 -0.33 9.42 -14.51
CA VAL A 567 -1.70 9.84 -14.73
C VAL A 567 -2.48 9.68 -13.44
N TYR A 568 -3.63 10.35 -13.37
CA TYR A 568 -4.55 10.24 -12.25
C TYR A 568 -5.68 9.29 -12.62
N SER A 569 -6.13 8.51 -11.64
CA SER A 569 -7.29 7.66 -11.79
C SER A 569 -8.33 8.08 -10.77
N PHE A 570 -9.57 8.26 -11.20
CA PHE A 570 -10.63 8.78 -10.37
C PHE A 570 -11.60 7.67 -10.00
N ARG A 571 -11.88 7.54 -8.71
CA ARG A 571 -12.87 6.62 -8.18
C ARG A 571 -13.79 7.42 -7.27
N ASN A 572 -15.05 7.56 -7.67
CA ASN A 572 -15.99 8.45 -6.99
C ASN A 572 -15.42 9.86 -6.93
N VAL A 573 -15.01 10.28 -5.73
CA VAL A 573 -14.36 11.58 -5.59
C VAL A 573 -12.84 11.46 -5.57
N GLN A 574 -12.31 10.33 -5.09
CA GLN A 574 -10.90 10.23 -4.77
C GLN A 574 -10.03 10.14 -6.02
N GLN A 575 -8.87 10.77 -5.96
CA GLN A 575 -7.82 10.60 -6.95
C GLN A 575 -6.85 9.52 -6.49
N ILE A 576 -6.28 8.81 -7.45
CA ILE A 576 -5.21 7.86 -7.18
C ILE A 576 -4.15 8.03 -8.24
N GLY A 577 -2.89 8.21 -7.82
CA GLY A 577 -1.80 8.37 -8.76
C GLY A 577 -1.33 7.03 -9.27
N ILE A 578 -1.23 6.91 -10.59
CA ILE A 578 -0.95 5.64 -11.25
C ILE A 578 0.13 5.85 -12.29
N LEU A 579 1.13 4.98 -12.29
CA LEU A 579 2.18 5.00 -13.32
C LEU A 579 1.81 4.02 -14.43
N LYS A 580 1.85 4.51 -15.66
CA LYS A 580 1.38 3.73 -16.81
C LYS A 580 2.45 3.72 -17.89
N PRO A 581 2.75 2.58 -18.50
CA PRO A 581 3.77 2.54 -19.54
C PRO A 581 3.26 3.10 -20.86
N HIS A 582 4.22 3.54 -21.68
CA HIS A 582 3.90 4.02 -23.01
C HIS A 582 3.38 2.88 -23.87
N PRO A 583 2.29 3.08 -24.63
CA PRO A 583 1.72 1.97 -25.40
C PRO A 583 2.67 1.37 -26.42
N ALA A 584 3.55 2.18 -27.01
CA ALA A 584 4.49 1.64 -28.00
C ALA A 584 5.42 0.61 -27.37
N TYR A 585 5.87 0.87 -26.14
CA TYR A 585 6.72 -0.09 -25.44
C TYR A 585 5.97 -1.39 -25.17
N VAL A 586 4.69 -1.29 -24.80
CA VAL A 586 3.90 -2.49 -24.54
C VAL A 586 3.75 -3.32 -25.82
N GLN A 587 3.45 -2.65 -26.93
CA GLN A 587 3.30 -3.36 -28.20
C GLN A 587 4.63 -3.98 -28.64
N LEU A 588 5.74 -3.27 -28.44
CA LEU A 588 7.05 -3.82 -28.77
C LEU A 588 7.35 -5.06 -27.94
N LEU A 589 7.06 -4.99 -26.63
CA LEU A 589 7.28 -6.15 -25.77
C LEU A 589 6.45 -7.34 -26.22
N GLU A 590 5.20 -7.10 -26.60
CA GLU A 590 4.34 -8.19 -27.06
C GLU A 590 4.83 -8.76 -28.38
N LYS A 591 5.38 -7.92 -29.26
CA LYS A 591 5.84 -8.41 -30.55
C LYS A 591 7.15 -9.19 -30.43
N ALA A 592 8.03 -8.79 -29.51
CA ALA A 592 9.34 -9.43 -29.40
C ALA A 592 9.22 -10.89 -28.99
N ALA A 593 8.28 -11.21 -28.11
CA ALA A 593 8.04 -12.57 -27.64
C ALA A 593 9.29 -13.17 -26.98
N GLU A 594 9.64 -12.56 -25.86
CA GLU A 594 10.78 -13.04 -25.09
C GLU A 594 10.52 -14.45 -24.57
N PRO A 595 11.52 -15.32 -24.57
CA PRO A 595 11.30 -16.73 -24.20
C PRO A 595 11.56 -17.08 -22.74
N THR A 596 11.82 -16.12 -21.86
CA THR A 596 12.16 -16.44 -20.48
C THR A 596 11.35 -15.58 -19.51
N LEU A 597 11.18 -16.10 -18.30
CA LEU A 597 10.54 -15.41 -17.21
C LEU A 597 11.52 -15.28 -16.05
N THR A 598 11.31 -14.28 -15.20
CA THR A 598 12.17 -14.05 -14.06
C THR A 598 11.35 -14.10 -12.78
N PHE A 599 11.79 -14.91 -11.83
CA PHE A 599 11.11 -15.09 -10.56
C PHE A 599 12.02 -14.67 -9.42
N GLU A 600 11.46 -13.96 -8.45
CA GLU A 600 12.20 -13.65 -7.24
C GLU A 600 12.50 -14.95 -6.48
N ALA A 601 13.66 -14.99 -5.84
CA ALA A 601 14.12 -16.22 -5.20
C ALA A 601 13.21 -16.66 -4.07
N VAL A 602 12.36 -15.78 -3.55
CA VAL A 602 11.42 -16.14 -2.49
C VAL A 602 10.09 -16.62 -3.03
N ASP A 603 9.89 -16.61 -4.34
CA ASP A 603 8.64 -17.06 -4.96
C ASP A 603 8.79 -18.39 -5.66
N VAL A 604 9.82 -19.16 -5.33
CA VAL A 604 10.08 -20.45 -5.96
C VAL A 604 10.30 -21.48 -4.86
N PRO A 605 9.69 -22.67 -4.96
CA PRO A 605 9.84 -23.65 -3.88
C PRO A 605 11.29 -24.03 -3.64
N MET A 606 11.63 -24.22 -2.37
CA MET A 606 12.99 -24.56 -2.00
C MET A 606 13.41 -25.89 -2.62
N LEU A 607 14.67 -25.99 -3.01
CA LEU A 607 15.22 -27.22 -3.57
C LEU A 607 15.91 -28.09 -2.53
N CYS A 608 15.94 -27.66 -1.27
CA CYS A 608 16.54 -28.40 -0.18
C CYS A 608 15.61 -28.31 1.02
N PRO A 609 15.70 -29.25 1.96
CA PRO A 609 14.82 -29.21 3.13
C PRO A 609 14.98 -27.90 3.89
N PRO A 610 13.88 -27.27 4.29
CA PRO A 610 13.97 -25.94 4.89
C PRO A 610 14.61 -25.95 6.26
N LEU A 611 15.07 -24.78 6.68
CA LEU A 611 15.61 -24.61 8.01
C LEU A 611 14.53 -24.86 9.05
N PRO A 612 14.83 -25.57 10.13
CA PRO A 612 13.83 -25.76 11.19
C PRO A 612 13.50 -24.44 11.88
N TRP A 613 12.25 -24.31 12.32
CA TRP A 613 11.85 -23.16 13.11
C TRP A 613 12.34 -23.35 14.55
N THR A 614 13.25 -22.49 14.99
CA THR A 614 13.77 -22.56 16.34
C THR A 614 13.49 -21.31 17.16
N SER A 615 12.90 -20.28 16.57
CA SER A 615 12.66 -19.01 17.25
C SER A 615 11.83 -18.14 16.30
N PRO A 616 11.08 -17.18 16.84
CA PRO A 616 10.32 -16.26 15.96
C PRO A 616 11.18 -15.48 14.97
N HIS A 617 12.50 -15.56 15.06
CA HIS A 617 13.38 -14.83 14.16
C HIS A 617 13.96 -15.69 13.03
N SER A 618 14.31 -16.94 13.32
CA SER A 618 15.04 -17.78 12.39
C SER A 618 14.18 -18.95 11.93
N GLY A 619 14.25 -19.26 10.65
CA GLY A 619 13.55 -20.41 10.09
C GLY A 619 13.26 -20.20 8.62
N ALA A 620 12.61 -21.21 8.05
CA ALA A 620 12.08 -21.19 6.67
C ALA A 620 13.24 -21.05 5.70
N PHE A 621 13.35 -19.97 4.93
CA PHE A 621 14.39 -19.87 3.91
C PHE A 621 15.77 -19.76 4.55
N LEU A 622 16.78 -20.10 3.76
CA LEU A 622 18.15 -20.18 4.29
C LEU A 622 18.67 -18.81 4.73
N LEU A 623 18.46 -17.77 3.93
CA LEU A 623 19.02 -16.47 4.25
C LEU A 623 17.96 -15.38 4.26
N SER A 624 16.98 -15.48 3.36
CA SER A 624 16.00 -14.43 3.21
C SER A 624 15.12 -14.31 4.45
N PRO A 625 14.72 -13.11 4.84
CA PRO A 625 13.85 -12.96 6.00
C PRO A 625 12.45 -13.47 5.72
N THR A 626 11.77 -13.90 6.78
CA THR A 626 10.40 -14.41 6.66
C THR A 626 9.68 -14.21 7.99
N LYS A 627 8.55 -13.51 7.94
CA LYS A 627 7.75 -13.29 9.13
C LYS A 627 7.14 -14.59 9.61
N LEU A 628 7.17 -14.82 10.92
CA LEU A 628 6.46 -15.96 11.49
C LEU A 628 4.95 -15.77 11.39
N MET A 629 4.48 -14.54 11.53
CA MET A 629 3.06 -14.22 11.47
C MET A 629 2.86 -13.17 10.38
N ARG A 630 2.33 -13.59 9.24
CA ARG A 630 2.18 -12.69 8.11
C ARG A 630 1.12 -11.63 8.43
N THR A 631 1.49 -10.37 8.22
CA THR A 631 0.61 -9.24 8.51
C THR A 631 1.17 -8.03 7.78
N VAL A 632 0.61 -6.86 8.05
CA VAL A 632 1.02 -5.63 7.37
C VAL A 632 2.42 -5.26 7.82
N GLU A 633 3.05 -4.32 7.11
CA GLU A 633 4.47 -4.07 7.27
C GLU A 633 4.81 -3.48 8.64
N GLY A 634 4.00 -2.56 9.13
CA GLY A 634 4.35 -1.85 10.35
C GLY A 634 3.92 -2.49 11.64
N ALA A 635 2.95 -3.40 11.58
CA ALA A 635 2.37 -3.98 12.79
C ALA A 635 3.42 -4.79 13.55
N THR A 636 3.49 -4.60 14.86
CA THR A 636 4.50 -5.27 15.67
C THR A 636 3.96 -5.85 16.98
N GLN A 637 2.67 -5.73 17.26
CA GLN A 637 2.15 -6.25 18.53
C GLN A 637 2.19 -7.76 18.58
N HIS A 638 1.96 -8.44 17.46
CA HIS A 638 2.00 -9.89 17.43
C HIS A 638 3.40 -10.40 17.76
N GLN A 639 4.43 -9.78 17.18
CA GLN A 639 5.81 -10.19 17.48
C GLN A 639 6.16 -9.93 18.93
N GLU A 640 5.71 -8.81 19.48
CA GLU A 640 5.97 -8.52 20.89
C GLU A 640 5.34 -9.57 21.79
N LEU A 641 4.09 -9.93 21.51
CA LEU A 641 3.43 -10.96 22.32
C LEU A 641 4.13 -12.30 22.18
N LEU A 642 4.58 -12.64 20.97
CA LEU A 642 5.29 -13.89 20.77
C LEU A 642 6.59 -13.92 21.55
N GLU A 643 7.34 -12.82 21.53
CA GLU A 643 8.64 -12.80 22.19
C GLU A 643 8.53 -12.72 23.71
N THR A 644 7.48 -12.08 24.23
CA THR A 644 7.35 -11.93 25.67
C THR A 644 6.92 -13.21 26.38
N CYS A 645 6.49 -14.23 25.65
CA CYS A 645 6.00 -15.46 26.25
C CYS A 645 7.15 -16.34 26.72
N PRO A 646 6.89 -17.28 27.63
CA PRO A 646 7.93 -18.22 28.03
C PRO A 646 8.42 -19.02 26.84
N PRO A 647 9.71 -19.37 26.81
CA PRO A 647 10.26 -20.01 25.60
C PRO A 647 9.61 -21.32 25.23
N THR A 648 9.16 -22.12 26.21
CA THR A 648 8.66 -23.45 25.93
C THR A 648 7.19 -23.46 25.50
N ALA A 649 6.56 -22.28 25.39
CA ALA A 649 5.15 -22.24 25.02
C ALA A 649 4.94 -22.52 23.53
N LEU A 650 5.83 -22.00 22.68
CA LEU A 650 5.64 -22.06 21.23
C LEU A 650 6.27 -23.29 20.60
N HIS A 651 6.72 -24.25 21.41
CA HIS A 651 7.39 -25.43 20.86
C HIS A 651 6.44 -26.24 19.99
N GLY A 652 5.18 -26.37 20.41
CA GLY A 652 4.23 -27.12 19.60
C GLY A 652 4.01 -26.51 18.23
N ALA A 653 3.80 -25.19 18.18
CA ALA A 653 3.59 -24.52 16.91
C ALA A 653 4.82 -24.63 16.03
N LEU A 654 6.01 -24.39 16.60
CA LEU A 654 7.22 -24.47 15.78
C LEU A 654 7.46 -25.87 15.25
N ASP A 655 7.23 -26.89 16.09
CA ASP A 655 7.42 -28.27 15.65
C ASP A 655 6.43 -28.65 14.56
N ALA A 656 5.17 -28.22 14.69
CA ALA A 656 4.20 -28.54 13.65
C ALA A 656 4.53 -27.85 12.35
N LEU A 657 4.96 -26.58 12.40
CA LEU A 657 5.36 -25.89 11.18
C LEU A 657 6.54 -26.59 10.52
N THR A 658 7.53 -27.01 11.30
CA THR A 658 8.67 -27.71 10.73
C THR A 658 8.25 -29.04 10.11
N GLN A 659 7.35 -29.77 10.77
CA GLN A 659 6.91 -31.04 10.23
C GLN A 659 6.15 -30.84 8.92
N LEU A 660 5.32 -29.79 8.85
CA LEU A 660 4.59 -29.51 7.61
C LEU A 660 5.54 -29.10 6.50
N GLY A 661 6.61 -28.38 6.83
CA GLY A 661 7.51 -27.94 5.79
C GLY A 661 8.47 -28.97 5.25
N ASN A 662 8.51 -30.16 5.82
CA ASN A 662 9.48 -31.18 5.42
C ASN A 662 8.93 -32.19 4.43
N CYS A 663 7.70 -32.01 3.96
CA CYS A 663 7.15 -32.92 2.97
C CYS A 663 7.79 -32.68 1.61
N ALA A 664 8.24 -33.74 0.97
CA ALA A 664 8.93 -33.66 -0.31
C ALA A 664 7.96 -33.94 -1.44
N TRP A 665 7.75 -32.96 -2.32
CA TRP A 665 6.79 -33.07 -3.39
C TRP A 665 7.48 -33.47 -4.69
N ARG A 666 6.67 -33.67 -5.73
CA ARG A 666 7.18 -33.89 -7.07
C ARG A 666 6.02 -33.67 -8.06
N VAL A 667 6.37 -33.47 -9.32
CA VAL A 667 5.43 -33.01 -10.33
C VAL A 667 4.93 -34.20 -11.15
N ASN A 668 3.61 -34.31 -11.28
CA ASN A 668 3.01 -35.33 -12.13
C ASN A 668 3.31 -35.07 -13.59
N GLY A 669 3.64 -36.12 -14.32
CA GLY A 669 4.08 -35.96 -15.70
C GLY A 669 2.98 -35.95 -16.74
N ARG A 670 2.20 -37.02 -16.81
CA ARG A 670 1.22 -37.16 -17.88
C ARG A 670 0.15 -36.08 -17.80
N VAL A 671 -0.30 -35.74 -16.59
CA VAL A 671 -1.28 -34.68 -16.43
C VAL A 671 -0.71 -33.36 -16.93
N LEU A 672 0.56 -33.09 -16.63
CA LEU A 672 1.19 -31.87 -17.12
C LEU A 672 1.25 -31.87 -18.64
N ASP A 673 1.58 -33.01 -19.25
CA ASP A 673 1.65 -33.07 -20.70
C ASP A 673 0.29 -32.79 -21.33
N LEU A 674 -0.77 -33.39 -20.79
CA LEU A 674 -2.11 -33.15 -21.33
C LEU A 674 -2.53 -31.70 -21.15
N VAL A 675 -2.26 -31.13 -19.97
CA VAL A 675 -2.62 -29.74 -19.72
C VAL A 675 -1.89 -28.82 -20.68
N LEU A 676 -0.59 -29.09 -20.92
CA LEU A 676 0.16 -28.28 -21.87
C LEU A 676 -0.39 -28.42 -23.28
N GLN A 677 -0.76 -29.64 -23.68
CA GLN A 677 -1.32 -29.84 -25.01
C GLN A 677 -2.60 -29.04 -25.19
N LEU A 678 -3.46 -29.03 -24.19
CA LEU A 678 -4.68 -28.21 -24.27
C LEU A 678 -4.34 -26.72 -24.25
N PHE A 679 -3.36 -26.33 -23.43
CA PHE A 679 -3.09 -24.92 -23.19
C PHE A 679 -2.46 -24.24 -24.41
N GLN A 680 -1.51 -24.91 -25.06
CA GLN A 680 -0.78 -24.28 -26.15
C GLN A 680 -1.63 -24.15 -27.40
N ALA A 681 -2.52 -25.11 -27.68
CA ALA A 681 -3.23 -25.11 -28.96
C ALA A 681 -4.42 -24.16 -28.94
N LYS A 682 -5.45 -24.49 -28.15
CA LYS A 682 -6.68 -23.70 -28.17
C LYS A 682 -7.26 -23.40 -26.79
N GLY A 683 -6.91 -24.12 -25.74
CA GLY A 683 -7.51 -23.93 -24.44
C GLY A 683 -8.84 -24.63 -24.31
N CYS A 684 -9.38 -24.61 -23.09
CA CYS A 684 -10.67 -25.23 -22.82
C CYS A 684 -11.30 -24.57 -21.61
N PRO A 685 -12.07 -23.49 -21.80
CA PRO A 685 -12.64 -22.78 -20.65
C PRO A 685 -13.55 -23.64 -19.79
N GLN A 686 -14.18 -24.67 -20.36
CA GLN A 686 -15.05 -25.53 -19.57
C GLN A 686 -14.27 -26.44 -18.63
N LEU A 687 -12.94 -26.51 -18.76
CA LEU A 687 -12.11 -27.33 -17.90
C LEU A 687 -11.26 -26.54 -16.93
N GLY A 688 -10.85 -25.33 -17.30
CA GLY A 688 -10.03 -24.52 -16.41
C GLY A 688 -8.75 -24.04 -17.07
N VAL A 689 -8.68 -24.17 -18.39
CA VAL A 689 -7.52 -23.74 -19.18
C VAL A 689 -7.93 -22.51 -19.97
N PRO A 690 -7.34 -21.35 -19.71
CA PRO A 690 -7.75 -20.13 -20.42
C PRO A 690 -7.46 -20.19 -21.91
N ALA A 691 -8.31 -19.51 -22.67
CA ALA A 691 -8.18 -19.44 -24.13
C ALA A 691 -7.17 -18.38 -24.54
N PRO A 692 -6.50 -18.57 -25.68
CA PRO A 692 -5.50 -17.59 -26.12
C PRO A 692 -6.16 -16.27 -26.48
N PRO A 693 -5.41 -15.17 -26.46
CA PRO A 693 -6.01 -13.86 -26.82
C PRO A 693 -6.47 -13.80 -28.27
N SER A 694 -5.96 -14.67 -29.14
CA SER A 694 -6.41 -14.68 -30.52
C SER A 694 -7.89 -15.03 -30.62
N GLU A 695 -8.35 -15.98 -29.82
CA GLU A 695 -9.75 -16.39 -29.82
C GLU A 695 -10.53 -15.47 -28.91
N ALA A 696 -11.37 -14.62 -29.50
CA ALA A 696 -12.18 -13.67 -28.77
C ALA A 696 -13.37 -13.29 -29.63
N PRO A 697 -14.46 -12.78 -29.03
CA PRO A 697 -15.61 -12.38 -29.86
C PRO A 697 -15.27 -11.32 -30.91
N GLN A 698 -14.35 -10.41 -30.60
CA GLN A 698 -13.92 -9.38 -31.55
C GLN A 698 -15.10 -8.55 -32.05
N ALA A 714 -24.81 5.74 -31.66
CA ALA A 714 -24.45 5.36 -30.30
C ALA A 714 -24.79 3.90 -30.03
N GLU A 715 -25.36 3.24 -31.03
CA GLU A 715 -25.70 1.82 -30.89
C GLU A 715 -24.47 0.93 -30.97
N LEU A 716 -23.43 1.36 -31.68
CA LEU A 716 -22.20 0.58 -31.75
C LEU A 716 -21.39 0.66 -30.47
N ARG A 717 -21.64 1.66 -29.63
CA ARG A 717 -20.89 1.80 -28.38
C ARG A 717 -21.17 0.64 -27.43
N ARG A 718 -22.42 0.15 -27.41
CA ARG A 718 -22.79 -0.91 -26.48
C ARG A 718 -22.00 -2.19 -26.73
N GLU A 719 -21.88 -2.59 -28.01
CA GLU A 719 -21.12 -3.79 -28.32
C GLU A 719 -19.64 -3.61 -27.99
N LEU A 720 -19.07 -2.45 -28.34
CA LEU A 720 -17.65 -2.22 -28.08
C LEU A 720 -17.36 -2.16 -26.58
N ALA A 721 -18.28 -1.59 -25.81
CA ALA A 721 -18.09 -1.53 -24.36
C ALA A 721 -18.10 -2.92 -23.74
N HIS A 722 -18.98 -3.80 -24.20
CA HIS A 722 -19.05 -5.14 -23.65
C HIS A 722 -17.89 -6.00 -24.12
N CYS A 723 -17.53 -5.89 -25.40
CA CYS A 723 -16.46 -6.72 -25.95
C CYS A 723 -15.12 -6.43 -25.29
N GLN A 724 -14.82 -5.15 -25.06
CA GLN A 724 -13.58 -4.81 -24.37
C GLN A 724 -13.60 -5.26 -22.92
N LYS A 725 -14.79 -5.30 -22.30
CA LYS A 725 -14.90 -5.81 -20.94
C LYS A 725 -14.56 -7.29 -20.87
N VAL A 726 -14.96 -8.07 -21.88
CA VAL A 726 -14.75 -9.52 -21.85
C VAL A 726 -13.27 -9.85 -21.95
N ALA A 727 -12.55 -9.18 -22.85
CA ALA A 727 -11.16 -9.53 -23.13
C ALA A 727 -10.20 -9.18 -22.01
N ARG A 728 -10.64 -8.43 -20.99
CA ARG A 728 -9.73 -8.05 -19.91
C ARG A 728 -9.44 -9.23 -19.00
N GLU A 729 -10.48 -9.80 -18.37
CA GLU A 729 -10.26 -10.94 -17.49
C GLU A 729 -9.79 -12.17 -18.24
N MET A 730 -10.11 -12.27 -19.53
CA MET A 730 -9.55 -13.34 -20.35
C MET A 730 -8.04 -13.24 -20.43
N HIS A 731 -7.52 -12.01 -20.57
CA HIS A 731 -6.08 -11.81 -20.54
C HIS A 731 -5.51 -11.97 -19.14
N SER A 732 -6.27 -11.56 -18.12
CA SER A 732 -5.78 -11.68 -16.75
C SER A 732 -5.59 -13.14 -16.35
N LEU A 733 -6.54 -14.00 -16.70
CA LEU A 733 -6.42 -15.41 -16.34
C LEU A 733 -5.28 -16.09 -17.08
N ARG A 734 -5.12 -15.77 -18.36
CA ARG A 734 -4.08 -16.43 -19.16
C ARG A 734 -2.69 -16.10 -18.63
N ALA A 735 -2.46 -14.85 -18.24
CA ALA A 735 -1.17 -14.48 -17.69
C ALA A 735 -0.95 -15.07 -16.30
N GLU A 736 -2.01 -15.22 -15.51
CA GLU A 736 -1.86 -15.80 -14.18
C GLU A 736 -1.48 -17.26 -14.26
N ALA A 737 -2.05 -18.01 -15.21
CA ALA A 737 -1.73 -19.41 -15.38
C ALA A 737 -0.45 -19.64 -16.17
N LEU A 738 0.10 -18.61 -16.80
CA LEU A 738 1.36 -18.77 -17.52
C LEU A 738 2.51 -18.96 -16.54
N TYR A 739 2.47 -18.25 -15.42
CA TYR A 739 3.54 -18.38 -14.42
C TYR A 739 3.51 -19.75 -13.75
N ARG A 740 2.32 -20.24 -13.41
CA ARG A 740 2.21 -21.51 -12.70
C ARG A 740 2.67 -22.67 -13.58
N LEU A 741 2.24 -22.70 -14.84
CA LEU A 741 2.59 -23.80 -15.73
C LEU A 741 4.04 -23.74 -16.20
N SER A 742 4.67 -22.57 -16.17
CA SER A 742 6.08 -22.47 -16.50
C SER A 742 6.97 -22.98 -15.37
N LEU A 743 6.53 -22.79 -14.12
CA LEU A 743 7.27 -23.34 -12.98
C LEU A 743 7.23 -24.85 -12.97
N ALA A 744 6.07 -25.45 -13.23
CA ALA A 744 5.95 -26.89 -13.17
C ALA A 744 6.84 -27.58 -14.20
N GLN A 745 6.89 -27.04 -15.41
CA GLN A 745 7.78 -27.61 -16.42
C GLN A 745 9.23 -27.50 -15.99
N HIS A 746 9.59 -26.40 -15.33
CA HIS A 746 10.97 -26.23 -14.86
C HIS A 746 11.30 -27.19 -13.74
N LEU A 747 10.31 -27.66 -12.99
CA LEU A 747 10.50 -28.61 -11.90
C LEU A 747 9.98 -29.99 -12.24
N ARG A 748 10.06 -30.39 -13.51
CA ARG A 748 9.43 -31.63 -13.93
C ARG A 748 10.27 -32.86 -13.66
N ASP A 749 11.54 -32.69 -13.28
CA ASP A 749 12.41 -33.82 -12.96
C ASP A 749 13.19 -33.54 -11.69
N ARG A 750 12.52 -33.00 -10.67
CA ARG A 750 13.20 -32.56 -9.46
C ARG A 750 12.28 -32.72 -8.27
N VAL A 751 12.84 -32.53 -7.08
CA VAL A 751 12.14 -32.65 -5.82
C VAL A 751 12.23 -31.30 -5.11
N PHE A 752 11.09 -30.79 -4.64
CA PHE A 752 11.03 -29.46 -4.06
C PHE A 752 10.22 -29.48 -2.77
N TRP A 753 10.49 -28.48 -1.92
CA TRP A 753 9.86 -28.35 -0.61
C TRP A 753 9.16 -27.01 -0.49
N LEU A 754 8.17 -26.94 0.39
CA LEU A 754 7.40 -25.72 0.61
C LEU A 754 7.37 -25.38 2.09
N PRO A 755 8.03 -24.31 2.53
CA PRO A 755 7.95 -23.91 3.93
C PRO A 755 6.58 -23.32 4.28
N HIS A 756 6.38 -23.05 5.56
CA HIS A 756 5.07 -22.63 6.06
C HIS A 756 5.24 -21.51 7.08
N ASN A 757 4.17 -20.72 7.25
CA ASN A 757 4.08 -19.74 8.33
C ASN A 757 2.60 -19.51 8.62
N MET A 758 2.32 -18.62 9.57
CA MET A 758 0.99 -18.46 10.13
C MET A 758 0.47 -17.04 9.95
N ASP A 759 -0.85 -16.90 10.02
CA ASP A 759 -1.47 -15.59 10.15
C ASP A 759 -1.71 -15.32 11.64
N PHE A 760 -2.31 -14.16 11.95
CA PHE A 760 -2.34 -13.75 13.34
C PHE A 760 -3.25 -14.60 14.22
N ARG A 761 -4.05 -15.49 13.64
CA ARG A 761 -4.88 -16.38 14.44
C ARG A 761 -4.21 -17.73 14.68
N GLY A 762 -3.53 -18.27 13.69
CA GLY A 762 -2.85 -19.54 13.87
C GLY A 762 -2.89 -20.47 12.67
N ARG A 763 -3.68 -20.12 11.66
CA ARG A 763 -3.76 -20.94 10.47
C ARG A 763 -2.46 -20.86 9.67
N THR A 764 -2.09 -21.97 9.05
CA THR A 764 -0.79 -22.11 8.39
C THR A 764 -0.95 -22.08 6.88
N TYR A 765 -0.10 -21.31 6.21
CA TYR A 765 -0.09 -21.17 4.77
C TYR A 765 1.32 -21.36 4.24
N PRO A 766 1.47 -21.91 3.03
CA PRO A 766 2.79 -21.98 2.40
C PRO A 766 3.27 -20.62 1.96
N CYS A 767 4.59 -20.48 1.88
CA CYS A 767 5.20 -19.20 1.50
C CYS A 767 5.21 -18.94 0.00
N PRO A 768 5.62 -19.90 -0.85
CA PRO A 768 5.60 -19.64 -2.30
C PRO A 768 4.18 -19.56 -2.82
N PRO A 769 3.80 -18.43 -3.44
CA PRO A 769 2.40 -18.21 -3.79
C PRO A 769 1.99 -18.76 -5.16
N HIS A 770 2.94 -18.86 -6.09
CA HIS A 770 2.58 -19.16 -7.47
C HIS A 770 2.14 -20.61 -7.65
N PHE A 771 2.86 -21.55 -7.04
CA PHE A 771 2.62 -22.97 -7.27
C PHE A 771 2.59 -23.68 -5.91
N ASN A 772 1.38 -23.97 -5.42
CA ASN A 772 1.24 -24.72 -4.18
C ASN A 772 -0.11 -25.42 -4.19
N HIS A 773 -0.29 -26.33 -3.25
CA HIS A 773 -1.48 -27.19 -3.19
C HIS A 773 -2.69 -26.48 -2.62
N LEU A 774 -2.67 -25.15 -2.54
CA LEU A 774 -3.82 -24.37 -2.10
C LEU A 774 -4.57 -23.72 -3.25
N GLY A 775 -4.26 -24.09 -4.48
CA GLY A 775 -4.86 -23.48 -5.65
C GLY A 775 -6.03 -24.27 -6.19
N SER A 776 -6.30 -24.09 -7.47
CA SER A 776 -7.41 -24.75 -8.13
C SER A 776 -7.05 -26.19 -8.46
N ASP A 777 -7.96 -26.90 -9.13
CA ASP A 777 -7.72 -28.31 -9.40
C ASP A 777 -6.55 -28.53 -10.35
N VAL A 778 -6.26 -27.55 -11.20
CA VAL A 778 -5.12 -27.69 -12.10
C VAL A 778 -3.83 -27.70 -11.31
N ALA A 779 -3.76 -26.94 -10.22
CA ALA A 779 -2.59 -26.95 -9.35
C ALA A 779 -2.56 -28.16 -8.44
N ARG A 780 -3.73 -28.67 -8.04
CA ARG A 780 -3.78 -29.83 -7.16
C ARG A 780 -3.62 -31.15 -7.92
N ALA A 781 -3.74 -31.15 -9.24
CA ALA A 781 -3.56 -32.37 -10.02
C ALA A 781 -2.11 -32.60 -10.43
N LEU A 782 -1.26 -31.58 -10.35
CA LEU A 782 0.13 -31.68 -10.75
C LEU A 782 1.05 -32.06 -9.60
N LEU A 783 0.52 -32.26 -8.40
CA LEU A 783 1.33 -32.51 -7.22
C LEU A 783 1.09 -33.91 -6.69
N GLU A 784 2.16 -34.55 -6.23
CA GLU A 784 2.08 -35.87 -5.62
C GLU A 784 3.27 -36.06 -4.71
N PHE A 785 3.13 -36.97 -3.75
CA PHE A 785 4.20 -37.23 -2.81
C PHE A 785 5.40 -37.86 -3.52
N ALA A 786 6.61 -37.41 -3.15
CA ALA A 786 7.80 -37.99 -3.75
C ALA A 786 8.06 -39.39 -3.22
N GLN A 787 7.80 -39.62 -1.94
CA GLN A 787 8.04 -40.91 -1.31
C GLN A 787 6.77 -41.74 -1.34
N GLY A 788 6.83 -42.90 -1.97
CA GLY A 788 5.68 -43.77 -2.10
C GLY A 788 5.67 -44.87 -1.07
N ARG A 789 4.50 -45.46 -0.87
CA ARG A 789 4.32 -46.55 0.08
C ARG A 789 3.49 -47.66 -0.56
N PRO A 790 3.74 -48.90 -0.18
CA PRO A 790 2.94 -50.02 -0.70
C PRO A 790 1.47 -49.85 -0.33
N LEU A 791 0.60 -50.29 -1.24
CA LEU A 791 -0.83 -50.09 -1.06
C LEU A 791 -1.40 -50.88 0.11
N GLY A 792 -0.72 -51.93 0.56
CA GLY A 792 -1.20 -52.70 1.68
C GLY A 792 -2.41 -53.53 1.31
N PRO A 793 -3.11 -54.04 2.31
CA PRO A 793 -4.30 -54.87 2.04
C PRO A 793 -5.58 -54.05 1.91
N HIS A 794 -5.57 -52.81 2.38
CA HIS A 794 -6.74 -51.94 2.33
C HIS A 794 -6.40 -50.59 1.70
N GLY A 795 -5.72 -50.63 0.56
CA GLY A 795 -5.37 -49.41 -0.13
C GLY A 795 -6.13 -49.19 -1.41
N LEU A 796 -6.39 -50.27 -2.14
CA LEU A 796 -7.14 -50.17 -3.38
C LEU A 796 -8.55 -49.64 -3.12
N ASP A 797 -9.18 -50.12 -2.05
CA ASP A 797 -10.52 -49.65 -1.71
C ASP A 797 -10.51 -48.17 -1.40
N TRP A 798 -9.50 -47.69 -0.67
CA TRP A 798 -9.43 -46.26 -0.36
C TRP A 798 -9.19 -45.45 -1.61
N LEU A 799 -8.39 -45.97 -2.54
CA LEU A 799 -8.19 -45.26 -3.81
C LEU A 799 -9.50 -45.14 -4.58
N LYS A 800 -10.27 -46.22 -4.67
CA LYS A 800 -11.54 -46.17 -5.39
C LYS A 800 -12.52 -45.24 -4.69
N ILE A 801 -12.57 -45.28 -3.36
CA ILE A 801 -13.47 -44.40 -2.61
C ILE A 801 -13.08 -42.95 -2.83
N HIS A 802 -11.78 -42.66 -2.88
CA HIS A 802 -11.34 -41.31 -3.16
C HIS A 802 -11.75 -40.87 -4.56
N LEU A 803 -11.66 -41.78 -5.53
CA LEU A 803 -12.09 -41.44 -6.88
C LEU A 803 -13.58 -41.09 -6.91
N VAL A 804 -14.40 -41.90 -6.25
CA VAL A 804 -15.84 -41.63 -6.21
C VAL A 804 -16.11 -40.31 -5.50
N ASN A 805 -15.37 -40.03 -4.43
CA ASN A 805 -15.52 -38.76 -3.73
C ASN A 805 -15.19 -37.60 -4.64
N LEU A 806 -14.14 -37.73 -5.46
CA LEU A 806 -13.78 -36.67 -6.38
C LEU A 806 -14.86 -36.45 -7.42
N THR A 807 -15.50 -37.53 -7.90
CA THR A 807 -16.55 -37.37 -8.90
C THR A 807 -17.70 -36.53 -8.36
N GLY A 808 -18.11 -36.78 -7.12
CA GLY A 808 -19.20 -36.03 -6.53
C GLY A 808 -20.58 -36.53 -6.87
N LEU A 809 -20.72 -37.76 -7.35
CA LEU A 809 -22.02 -38.27 -7.75
C LEU A 809 -22.76 -38.93 -6.59
N LYS A 810 -22.03 -39.42 -5.59
CA LYS A 810 -22.60 -40.26 -4.53
C LYS A 810 -22.30 -39.67 -3.16
N LYS A 811 -22.58 -38.38 -2.99
CA LYS A 811 -22.21 -37.68 -1.77
C LYS A 811 -22.90 -38.26 -0.54
N ARG A 812 -24.18 -38.60 -0.65
CA ARG A 812 -24.99 -39.01 0.50
C ARG A 812 -25.14 -40.52 0.61
N GLU A 813 -24.10 -41.27 0.28
CA GLU A 813 -24.14 -42.72 0.33
C GLU A 813 -23.03 -43.26 1.21
N PRO A 814 -23.22 -44.44 1.81
CA PRO A 814 -22.16 -45.02 2.64
C PRO A 814 -20.92 -45.41 1.86
N LEU A 815 -19.87 -45.86 2.56
CA LEU A 815 -18.65 -46.26 1.87
C LEU A 815 -18.85 -47.52 1.06
N ARG A 816 -19.70 -48.44 1.53
CA ARG A 816 -19.97 -49.67 0.77
C ARG A 816 -20.57 -49.36 -0.58
N LYS A 817 -21.54 -48.44 -0.62
CA LYS A 817 -22.16 -48.10 -1.90
C LYS A 817 -21.19 -47.35 -2.81
N ARG A 818 -20.33 -46.52 -2.23
CA ARG A 818 -19.32 -45.84 -3.05
C ARG A 818 -18.37 -46.85 -3.68
N LEU A 819 -17.93 -47.84 -2.91
CA LEU A 819 -17.06 -48.87 -3.48
C LEU A 819 -17.78 -49.70 -4.54
N ALA A 820 -19.05 -50.03 -4.30
CA ALA A 820 -19.81 -50.79 -5.29
C ALA A 820 -19.97 -50.00 -6.59
N PHE A 821 -20.30 -48.71 -6.49
CA PHE A 821 -20.43 -47.89 -7.68
C PHE A 821 -19.09 -47.76 -8.40
N ALA A 822 -18.00 -47.64 -7.65
CA ALA A 822 -16.69 -47.57 -8.27
C ALA A 822 -16.39 -48.85 -9.04
N GLU A 823 -16.79 -50.00 -8.48
CA GLU A 823 -16.54 -51.26 -9.16
C GLU A 823 -17.45 -51.44 -10.38
N GLU A 824 -18.62 -50.81 -10.37
CA GLU A 824 -19.56 -51.03 -11.47
C GLU A 824 -19.27 -50.18 -12.70
N VAL A 825 -18.41 -49.17 -12.60
CA VAL A 825 -18.08 -48.34 -13.75
C VAL A 825 -16.59 -48.44 -14.06
N MET A 826 -16.01 -49.61 -13.81
CA MET A 826 -14.58 -49.79 -14.05
C MET A 826 -14.23 -49.63 -15.52
N ASP A 827 -15.18 -49.92 -16.42
CA ASP A 827 -14.91 -49.77 -17.85
C ASP A 827 -14.63 -48.32 -18.21
N ASP A 828 -15.43 -47.39 -17.69
CA ASP A 828 -15.21 -45.99 -17.97
C ASP A 828 -13.89 -45.50 -17.40
N ILE A 829 -13.56 -45.94 -16.18
CA ILE A 829 -12.28 -45.56 -15.57
C ILE A 829 -11.12 -46.05 -16.42
N LEU A 830 -11.19 -47.31 -16.87
CA LEU A 830 -10.11 -47.85 -17.68
C LEU A 830 -9.98 -47.13 -19.01
N ASP A 831 -11.12 -46.81 -19.65
CA ASP A 831 -11.06 -46.10 -20.92
C ASP A 831 -10.48 -44.71 -20.74
N SER A 832 -10.87 -44.00 -19.68
CA SER A 832 -10.33 -42.67 -19.43
C SER A 832 -8.85 -42.71 -19.08
N ALA A 833 -8.40 -43.79 -18.45
CA ALA A 833 -6.98 -43.92 -18.16
C ALA A 833 -6.19 -44.28 -19.41
N ASP A 834 -6.81 -44.98 -20.36
CA ASP A 834 -6.11 -45.38 -21.58
C ASP A 834 -6.03 -44.23 -22.57
N GLN A 835 -7.17 -43.76 -23.05
CA GLN A 835 -7.23 -42.67 -24.04
C GLN A 835 -8.00 -41.51 -23.43
N PRO A 836 -7.31 -40.52 -22.84
CA PRO A 836 -8.05 -39.47 -22.12
C PRO A 836 -8.76 -38.49 -23.02
N LEU A 837 -8.13 -38.06 -24.12
CA LEU A 837 -8.66 -36.99 -24.93
C LEU A 837 -9.34 -37.46 -26.22
N THR A 838 -9.20 -38.73 -26.58
CA THR A 838 -9.81 -39.25 -27.80
C THR A 838 -10.78 -40.40 -27.54
N GLY A 839 -11.05 -40.72 -26.28
CA GLY A 839 -11.94 -41.80 -25.91
C GLY A 839 -13.33 -41.31 -25.59
N ARG A 840 -13.99 -42.01 -24.66
CA ARG A 840 -15.35 -41.64 -24.27
C ARG A 840 -15.38 -40.32 -23.50
N LYS A 841 -14.26 -39.91 -22.92
CA LYS A 841 -14.17 -38.64 -22.18
C LYS A 841 -15.21 -38.58 -21.06
N TRP A 842 -15.28 -39.67 -20.28
CA TRP A 842 -16.24 -39.74 -19.18
C TRP A 842 -15.86 -38.82 -18.04
N TRP A 843 -14.56 -38.65 -17.78
CA TRP A 843 -14.12 -37.93 -16.59
C TRP A 843 -14.51 -36.46 -16.61
N MET A 844 -14.73 -35.87 -17.80
CA MET A 844 -14.99 -34.44 -17.88
C MET A 844 -16.28 -34.03 -17.18
N GLY A 845 -17.18 -34.98 -16.91
CA GLY A 845 -18.40 -34.67 -16.20
C GLY A 845 -18.27 -34.56 -14.70
N ALA A 846 -17.07 -34.80 -14.18
CA ALA A 846 -16.86 -34.77 -12.74
C ALA A 846 -16.85 -33.32 -12.23
N GLU A 847 -17.01 -33.19 -10.91
CA GLU A 847 -16.89 -31.86 -10.29
C GLU A 847 -15.48 -31.32 -10.42
N GLU A 848 -14.48 -32.19 -10.26
CA GLU A 848 -13.08 -31.83 -10.49
C GLU A 848 -12.55 -32.67 -11.63
N PRO A 849 -12.56 -32.15 -12.87
CA PRO A 849 -12.16 -32.99 -14.01
C PRO A 849 -10.71 -33.41 -13.99
N TRP A 850 -9.82 -32.63 -13.38
CA TRP A 850 -8.40 -32.89 -13.53
C TRP A 850 -7.85 -33.86 -12.49
N GLN A 851 -8.22 -33.71 -11.23
CA GLN A 851 -7.79 -34.68 -10.22
C GLN A 851 -8.35 -36.06 -10.53
N THR A 852 -9.57 -36.11 -11.05
CA THR A 852 -10.20 -37.38 -11.37
C THR A 852 -9.41 -38.15 -12.41
N LEU A 853 -8.80 -37.46 -13.36
CA LEU A 853 -7.97 -38.13 -14.35
C LEU A 853 -6.77 -38.80 -13.69
N ALA A 854 -6.10 -38.10 -12.78
CA ALA A 854 -4.95 -38.67 -12.08
C ALA A 854 -5.36 -39.88 -11.25
N CYS A 855 -6.50 -39.78 -10.57
CA CYS A 855 -6.98 -40.92 -9.79
C CYS A 855 -7.31 -42.10 -10.69
N CYS A 856 -7.88 -41.83 -11.87
CA CYS A 856 -8.16 -42.90 -12.82
C CYS A 856 -6.87 -43.58 -13.25
N MET A 857 -5.83 -42.80 -13.56
CA MET A 857 -4.56 -43.39 -13.96
C MET A 857 -3.99 -44.26 -12.85
N GLU A 858 -4.03 -43.77 -11.60
CA GLU A 858 -3.48 -44.54 -10.49
C GLU A 858 -4.26 -45.83 -10.27
N VAL A 859 -5.60 -45.76 -10.33
CA VAL A 859 -6.41 -46.95 -10.11
C VAL A 859 -6.16 -47.98 -11.21
N ALA A 860 -6.08 -47.53 -12.46
CA ALA A 860 -5.82 -48.47 -13.55
C ALA A 860 -4.45 -49.13 -13.40
N ASN A 861 -3.43 -48.34 -13.04
CA ASN A 861 -2.10 -48.91 -12.84
C ASN A 861 -2.11 -49.93 -11.71
N ALA A 862 -2.79 -49.61 -10.61
CA ALA A 862 -2.83 -50.52 -9.47
C ALA A 862 -3.54 -51.82 -9.82
N VAL A 863 -4.67 -51.72 -10.52
CA VAL A 863 -5.44 -52.92 -10.83
C VAL A 863 -4.70 -53.81 -11.82
N ARG A 864 -4.08 -53.21 -12.84
CA ARG A 864 -3.41 -54.02 -13.86
C ARG A 864 -2.20 -54.77 -13.33
N ALA A 865 -1.66 -54.38 -12.17
CA ALA A 865 -0.42 -54.97 -11.68
C ALA A 865 -0.64 -56.42 -11.28
N SER A 866 0.47 -57.17 -11.26
CA SER A 866 0.41 -58.59 -10.88
C SER A 866 -0.02 -58.74 -9.43
N ASP A 867 0.53 -57.91 -8.54
CA ASP A 867 0.19 -57.95 -7.12
C ASP A 867 -0.41 -56.61 -6.72
N PRO A 868 -1.74 -56.48 -6.66
CA PRO A 868 -2.33 -55.18 -6.33
C PRO A 868 -2.06 -54.72 -4.91
N ALA A 869 -1.64 -55.60 -4.02
CA ALA A 869 -1.37 -55.24 -2.63
C ALA A 869 0.06 -54.82 -2.40
N ALA A 870 0.90 -54.79 -3.43
CA ALA A 870 2.29 -54.41 -3.29
C ALA A 870 2.69 -53.24 -4.17
N TYR A 871 1.77 -52.71 -4.98
CA TYR A 871 2.06 -51.55 -5.81
C TYR A 871 2.32 -50.33 -4.94
N VAL A 872 3.29 -49.51 -5.35
CA VAL A 872 3.65 -48.31 -4.59
C VAL A 872 2.90 -47.12 -5.17
N SER A 873 2.18 -46.39 -4.32
CA SER A 873 1.33 -45.29 -4.74
C SER A 873 1.86 -43.98 -4.18
N HIS A 874 1.95 -42.96 -5.05
CA HIS A 874 2.43 -41.64 -4.68
C HIS A 874 1.30 -40.62 -4.58
N LEU A 875 0.06 -41.06 -4.41
CA LEU A 875 -1.08 -40.18 -4.56
C LEU A 875 -1.67 -39.81 -3.21
N PRO A 876 -1.85 -38.52 -2.91
CA PRO A 876 -2.53 -38.14 -1.67
C PRO A 876 -4.00 -38.54 -1.69
N VAL A 877 -4.53 -38.80 -0.49
CA VAL A 877 -5.94 -39.13 -0.30
C VAL A 877 -6.52 -38.18 0.73
N HIS A 878 -7.56 -37.44 0.34
CA HIS A 878 -8.15 -36.42 1.18
C HIS A 878 -9.16 -37.02 2.15
N GLN A 879 -9.37 -36.33 3.26
CA GLN A 879 -10.42 -36.66 4.21
C GLN A 879 -10.95 -35.34 4.79
N ASP A 880 -12.04 -34.83 4.23
CA ASP A 880 -12.56 -33.52 4.57
C ASP A 880 -13.43 -33.57 5.82
N GLY A 881 -13.81 -32.39 6.30
CA GLY A 881 -14.75 -32.27 7.39
C GLY A 881 -15.93 -31.37 7.02
N SER A 882 -17.14 -31.86 7.24
CA SER A 882 -18.34 -31.14 6.79
C SER A 882 -18.67 -30.04 7.78
N CYS A 883 -18.51 -28.79 7.36
CA CYS A 883 -18.82 -27.61 8.18
C CYS A 883 -18.08 -27.67 9.52
N ASN A 884 -16.75 -27.57 9.40
CA ASN A 884 -15.91 -27.74 10.58
C ASN A 884 -16.18 -26.67 11.63
N GLY A 885 -16.48 -25.45 11.20
CA GLY A 885 -16.83 -24.42 12.17
C GLY A 885 -18.03 -24.80 13.02
N LEU A 886 -19.07 -25.33 12.38
CA LEU A 886 -20.24 -25.76 13.14
C LEU A 886 -19.94 -26.98 13.99
N GLN A 887 -19.01 -27.83 13.54
CA GLN A 887 -18.60 -28.95 14.37
C GLN A 887 -17.94 -28.48 15.66
N HIS A 888 -17.05 -27.49 15.56
CA HIS A 888 -16.43 -26.93 16.75
C HIS A 888 -17.45 -26.25 17.64
N TYR A 889 -18.39 -25.51 17.04
CA TYR A 889 -19.42 -24.84 17.83
C TYR A 889 -20.26 -25.86 18.59
N ALA A 890 -20.66 -26.94 17.93
CA ALA A 890 -21.46 -27.96 18.59
C ALA A 890 -20.67 -28.67 19.67
N ALA A 891 -19.38 -28.89 19.44
CA ALA A 891 -18.55 -29.50 20.49
C ALA A 891 -18.46 -28.60 21.71
N LEU A 892 -18.30 -27.29 21.49
CA LEU A 892 -18.24 -26.36 22.62
C LEU A 892 -19.57 -26.31 23.36
N GLY A 893 -20.68 -26.27 22.63
CA GLY A 893 -21.98 -26.17 23.26
C GLY A 893 -22.54 -27.48 23.78
N ARG A 894 -22.04 -28.60 23.29
CA ARG A 894 -22.49 -29.93 23.73
C ARG A 894 -24.00 -30.11 23.56
N ASP A 895 -24.53 -29.70 22.42
CA ASP A 895 -25.95 -29.82 22.12
C ASP A 895 -26.18 -31.04 21.26
N SER A 896 -27.05 -31.95 21.73
CA SER A 896 -27.23 -33.23 21.04
C SER A 896 -27.84 -33.04 19.66
N VAL A 897 -28.85 -32.18 19.55
CA VAL A 897 -29.55 -32.02 18.27
C VAL A 897 -28.62 -31.47 17.21
N GLY A 898 -27.83 -30.45 17.56
CA GLY A 898 -26.88 -29.91 16.61
C GLY A 898 -25.76 -30.88 16.29
N ALA A 899 -25.26 -31.59 17.30
CA ALA A 899 -24.15 -32.51 17.09
C ALA A 899 -24.54 -33.65 16.17
N ALA A 900 -25.76 -34.18 16.32
CA ALA A 900 -26.17 -35.32 15.51
C ALA A 900 -26.28 -34.98 14.03
N SER A 901 -26.41 -33.69 13.68
CA SER A 901 -26.59 -33.28 12.29
C SER A 901 -25.29 -32.95 11.58
N VAL A 902 -24.16 -32.94 12.30
CA VAL A 902 -22.87 -32.66 11.66
C VAL A 902 -21.96 -33.86 11.85
N ASN A 903 -22.55 -35.05 11.93
CA ASN A 903 -21.81 -36.31 11.93
C ASN A 903 -20.90 -36.43 13.15
N LEU A 904 -21.37 -35.98 14.30
CA LEU A 904 -20.67 -36.21 15.56
C LEU A 904 -21.21 -37.42 16.31
N GLU A 905 -22.13 -38.17 15.71
CA GLU A 905 -22.69 -39.37 16.31
C GLU A 905 -22.60 -40.52 15.32
N PRO A 906 -22.41 -41.74 15.81
CA PRO A 906 -22.38 -42.90 14.92
C PRO A 906 -23.70 -43.07 14.17
N SER A 907 -23.58 -43.46 12.91
CA SER A 907 -24.73 -43.72 12.06
C SER A 907 -24.25 -44.50 10.85
N ASP A 908 -25.20 -44.95 10.02
CA ASP A 908 -24.85 -45.77 8.87
C ASP A 908 -24.67 -44.94 7.61
N VAL A 909 -25.29 -43.77 7.52
CA VAL A 909 -25.22 -42.94 6.32
C VAL A 909 -24.80 -41.53 6.71
N PRO A 910 -24.17 -40.78 5.81
CA PRO A 910 -23.79 -39.40 6.14
C PRO A 910 -25.02 -38.53 6.37
N GLN A 911 -24.85 -37.53 7.22
CA GLN A 911 -25.89 -36.55 7.49
C GLN A 911 -25.44 -35.19 6.96
N ASP A 912 -26.28 -34.59 6.14
CA ASP A 912 -25.99 -33.30 5.52
C ASP A 912 -26.86 -32.24 6.20
N VAL A 913 -26.22 -31.21 6.75
CA VAL A 913 -26.97 -30.15 7.42
C VAL A 913 -27.76 -29.32 6.41
N TYR A 914 -27.19 -29.09 5.22
CA TYR A 914 -27.88 -28.30 4.22
C TYR A 914 -29.18 -28.96 3.80
N SER A 915 -29.16 -30.27 3.58
CA SER A 915 -30.38 -30.99 3.21
C SER A 915 -31.42 -30.90 4.31
N GLY A 916 -31.00 -31.03 5.57
CA GLY A 916 -31.94 -30.92 6.67
C GLY A 916 -32.58 -29.55 6.76
N VAL A 917 -31.78 -28.50 6.60
CA VAL A 917 -32.32 -27.15 6.63
C VAL A 917 -33.29 -26.94 5.48
N ALA A 918 -32.94 -27.41 4.28
CA ALA A 918 -33.83 -27.27 3.14
C ALA A 918 -35.13 -28.03 3.36
N ALA A 919 -35.05 -29.23 3.94
CA ALA A 919 -36.26 -30.00 4.20
C ALA A 919 -37.16 -29.30 5.21
N GLN A 920 -36.57 -28.74 6.26
CA GLN A 920 -37.38 -28.01 7.25
C GLN A 920 -38.04 -26.79 6.63
N VAL A 921 -37.30 -26.06 5.79
CA VAL A 921 -37.86 -24.90 5.13
C VAL A 921 -39.01 -25.32 4.21
N GLU A 922 -38.84 -26.43 3.50
CA GLU A 922 -39.91 -26.92 2.63
C GLU A 922 -41.14 -27.34 3.43
N VAL A 923 -40.93 -27.96 4.59
CA VAL A 923 -42.05 -28.32 5.45
C VAL A 923 -42.80 -27.08 5.90
N PHE A 924 -42.06 -26.04 6.31
CA PHE A 924 -42.70 -24.79 6.71
C PHE A 924 -43.47 -24.17 5.55
N ARG A 925 -42.89 -24.22 4.34
CA ARG A 925 -43.57 -23.68 3.17
C ARG A 925 -44.86 -24.44 2.88
N ARG A 926 -44.83 -25.76 2.99
CA ARG A 926 -46.03 -26.56 2.76
C ARG A 926 -47.10 -26.23 3.79
N GLN A 927 -46.71 -26.08 5.05
CA GLN A 927 -47.68 -25.73 6.09
C GLN A 927 -48.29 -24.35 5.81
N ASP A 928 -47.47 -23.38 5.42
CA ASP A 928 -47.99 -22.05 5.13
C ASP A 928 -48.92 -22.08 3.93
N ALA A 929 -48.58 -22.84 2.88
CA ALA A 929 -49.43 -22.92 1.71
C ALA A 929 -50.76 -23.58 2.04
N GLN A 930 -50.74 -24.61 2.90
CA GLN A 930 -51.98 -25.22 3.35
C GLN A 930 -52.81 -24.21 4.15
N ARG A 931 -52.15 -23.40 4.98
CA ARG A 931 -52.86 -22.34 5.70
C ARG A 931 -53.41 -21.30 4.73
N GLY A 932 -52.65 -20.94 3.71
CA GLY A 932 -53.09 -19.97 2.72
C GLY A 932 -52.24 -18.72 2.67
N MET A 933 -51.45 -18.59 1.60
CA MET A 933 -50.62 -17.42 1.37
C MET A 933 -50.14 -17.40 -0.08
N ARG A 934 -50.23 -16.24 -0.73
CA ARG A 934 -49.94 -16.17 -2.17
C ARG A 934 -48.47 -16.50 -2.45
N VAL A 935 -47.55 -15.82 -1.77
CA VAL A 935 -46.13 -15.99 -2.07
C VAL A 935 -45.67 -17.41 -1.74
N ALA A 936 -46.21 -18.01 -0.67
CA ALA A 936 -45.84 -19.38 -0.33
C ALA A 936 -46.23 -20.34 -1.44
N GLN A 937 -47.48 -20.29 -1.88
CA GLN A 937 -47.93 -21.18 -2.94
C GLN A 937 -47.37 -20.81 -4.30
N VAL A 938 -46.73 -19.65 -4.43
CA VAL A 938 -46.11 -19.27 -5.70
C VAL A 938 -45.00 -20.25 -6.05
N LEU A 939 -44.14 -20.57 -5.09
CA LEU A 939 -43.04 -21.49 -5.28
C LEU A 939 -43.34 -22.80 -4.57
N GLU A 940 -43.49 -23.87 -5.35
CA GLU A 940 -43.68 -25.22 -4.81
C GLU A 940 -42.67 -26.12 -5.49
N GLY A 941 -41.84 -26.79 -4.69
CA GLY A 941 -40.74 -27.56 -5.22
C GLY A 941 -39.52 -26.75 -5.59
N PHE A 942 -39.55 -25.44 -5.38
CA PHE A 942 -38.42 -24.57 -5.67
C PHE A 942 -37.47 -24.43 -4.49
N ILE A 943 -37.73 -25.13 -3.40
CA ILE A 943 -36.85 -25.08 -2.23
C ILE A 943 -35.94 -26.30 -2.29
N THR A 944 -34.62 -26.06 -2.33
CA THR A 944 -33.64 -27.13 -2.49
C THR A 944 -32.40 -26.79 -1.68
N ARG A 945 -31.45 -27.72 -1.70
CA ARG A 945 -30.20 -27.54 -0.97
C ARG A 945 -29.38 -26.39 -1.54
N LYS A 946 -29.43 -26.22 -2.86
CA LYS A 946 -28.64 -25.16 -3.51
C LYS A 946 -29.08 -23.77 -3.07
N VAL A 947 -30.35 -23.61 -2.71
CA VAL A 947 -30.86 -22.28 -2.36
C VAL A 947 -30.29 -21.81 -1.03
N VAL A 948 -30.18 -22.71 -0.04
CA VAL A 948 -29.82 -22.33 1.33
C VAL A 948 -28.40 -22.73 1.69
N LYS A 949 -27.67 -23.39 0.78
CA LYS A 949 -26.33 -23.85 1.11
C LYS A 949 -25.41 -22.70 1.49
N GLN A 950 -25.45 -21.61 0.72
CA GLN A 950 -24.55 -20.49 0.99
C GLN A 950 -24.83 -19.84 2.34
N THR A 951 -26.10 -19.62 2.67
CA THR A 951 -26.43 -19.00 3.95
C THR A 951 -26.01 -19.89 5.10
N VAL A 952 -26.31 -21.20 5.01
CA VAL A 952 -25.93 -22.10 6.10
C VAL A 952 -24.41 -22.15 6.24
N MET A 953 -23.69 -22.11 5.13
CA MET A 953 -22.23 -22.11 5.18
C MET A 953 -21.71 -20.84 5.85
N THR A 954 -22.34 -19.71 5.56
CA THR A 954 -21.85 -18.42 6.04
C THR A 954 -22.36 -18.06 7.42
N VAL A 955 -23.22 -18.89 8.03
CA VAL A 955 -23.68 -18.62 9.39
C VAL A 955 -22.52 -18.49 10.36
N VAL A 956 -21.42 -19.21 10.12
CA VAL A 956 -20.28 -19.16 11.03
C VAL A 956 -19.66 -17.77 11.07
N TYR A 957 -19.66 -17.06 9.94
CA TYR A 957 -19.02 -15.76 9.84
C TYR A 957 -19.94 -14.62 10.28
N GLY A 958 -20.95 -14.91 11.09
CA GLY A 958 -21.83 -13.88 11.60
C GLY A 958 -22.75 -13.25 10.58
N VAL A 959 -23.40 -14.07 9.77
CA VAL A 959 -24.37 -13.54 8.82
C VAL A 959 -25.60 -13.05 9.56
N THR A 960 -26.41 -12.24 8.86
CA THR A 960 -27.59 -11.63 9.43
C THR A 960 -28.77 -11.79 8.48
N ARG A 961 -29.91 -11.21 8.86
CA ARG A 961 -31.10 -11.27 8.03
C ARG A 961 -31.03 -10.35 6.82
N TYR A 962 -30.05 -9.46 6.77
CA TYR A 962 -29.86 -8.59 5.63
C TYR A 962 -28.91 -9.19 4.60
N GLY A 963 -27.82 -9.80 5.06
CA GLY A 963 -26.88 -10.44 4.15
C GLY A 963 -27.40 -11.71 3.52
N GLY A 964 -28.36 -12.37 4.16
CA GLY A 964 -28.94 -13.57 3.58
C GLY A 964 -29.93 -13.27 2.47
N ARG A 965 -30.57 -12.10 2.51
CA ARG A 965 -31.49 -11.72 1.45
C ARG A 965 -30.77 -11.62 0.11
N LEU A 966 -29.60 -10.98 0.10
CA LEU A 966 -28.86 -10.81 -1.15
C LEU A 966 -28.26 -12.12 -1.63
N GLN A 967 -28.11 -13.10 -0.75
CA GLN A 967 -27.62 -14.40 -1.19
C GLN A 967 -28.74 -15.26 -1.75
N ILE A 968 -29.91 -15.22 -1.14
CA ILE A 968 -31.04 -15.99 -1.66
C ILE A 968 -31.54 -15.41 -2.97
N GLU A 969 -31.59 -14.07 -3.06
CA GLU A 969 -32.07 -13.42 -4.29
C GLU A 969 -31.16 -13.74 -5.47
N LYS A 970 -29.85 -13.90 -5.24
CA LYS A 970 -28.94 -14.19 -6.34
C LYS A 970 -29.30 -15.52 -7.01
N ARG A 971 -29.65 -16.54 -6.22
CA ARG A 971 -30.07 -17.81 -6.79
C ARG A 971 -31.47 -17.73 -7.37
N LEU A 972 -32.36 -16.99 -6.70
CA LEU A 972 -33.73 -16.90 -7.19
C LEU A 972 -33.79 -16.23 -8.55
N ARG A 973 -32.90 -15.26 -8.80
CA ARG A 973 -32.86 -14.62 -10.11
C ARG A 973 -32.48 -15.61 -11.20
N GLU A 974 -31.50 -16.49 -10.92
CA GLU A 974 -31.13 -17.50 -11.90
C GLU A 974 -32.22 -18.55 -12.06
N LEU A 975 -33.05 -18.74 -11.05
CA LEU A 975 -34.21 -19.63 -11.19
C LEU A 975 -35.11 -19.13 -12.31
N SER A 976 -35.54 -20.05 -13.17
CA SER A 976 -36.21 -19.67 -14.42
C SER A 976 -37.73 -19.64 -14.28
N ASP A 977 -38.33 -20.79 -13.93
CA ASP A 977 -39.79 -20.89 -13.89
C ASP A 977 -40.40 -19.98 -12.84
N PHE A 978 -39.64 -19.58 -11.83
CA PHE A 978 -40.17 -18.73 -10.78
C PHE A 978 -40.55 -17.37 -11.35
N PRO A 979 -41.72 -16.83 -11.02
CA PRO A 979 -42.08 -15.49 -11.49
C PRO A 979 -41.11 -14.44 -10.98
N GLN A 980 -40.77 -13.48 -11.84
CA GLN A 980 -39.81 -12.45 -11.46
C GLN A 980 -40.45 -11.31 -10.69
N GLU A 981 -41.77 -11.33 -10.49
CA GLU A 981 -42.47 -10.30 -9.74
C GLU A 981 -42.63 -10.63 -8.26
N PHE A 982 -42.11 -11.77 -7.81
CA PHE A 982 -42.24 -12.18 -6.42
C PHE A 982 -40.89 -12.34 -5.73
N VAL A 983 -39.80 -11.85 -6.34
CA VAL A 983 -38.47 -12.10 -5.82
C VAL A 983 -38.27 -11.47 -4.45
N TRP A 984 -38.72 -10.23 -4.27
CA TRP A 984 -38.53 -9.53 -3.00
C TRP A 984 -39.24 -10.26 -1.86
N GLU A 985 -40.52 -10.57 -2.05
CA GLU A 985 -41.28 -11.27 -1.01
C GLU A 985 -40.72 -12.65 -0.76
N ALA A 986 -40.32 -13.37 -1.82
CA ALA A 986 -39.76 -14.69 -1.65
C ALA A 986 -38.45 -14.65 -0.88
N SER A 987 -37.59 -13.66 -1.16
CA SER A 987 -36.35 -13.53 -0.42
C SER A 987 -36.62 -13.27 1.05
N HIS A 988 -37.56 -12.36 1.35
CA HIS A 988 -37.89 -12.09 2.75
C HIS A 988 -38.37 -13.35 3.45
N TYR A 989 -39.33 -14.05 2.84
CA TYR A 989 -39.91 -15.23 3.47
C TYR A 989 -38.86 -16.31 3.67
N LEU A 990 -38.03 -16.57 2.65
CA LEU A 990 -37.03 -17.61 2.75
C LEU A 990 -35.99 -17.30 3.82
N VAL A 991 -35.56 -16.03 3.90
CA VAL A 991 -34.56 -15.66 4.90
C VAL A 991 -35.14 -15.87 6.30
N ARG A 992 -36.37 -15.40 6.52
CA ARG A 992 -36.99 -15.55 7.83
C ARG A 992 -37.13 -17.02 8.20
N GLN A 993 -37.60 -17.85 7.26
CA GLN A 993 -37.80 -19.26 7.55
C GLN A 993 -36.47 -19.97 7.82
N VAL A 994 -35.44 -19.66 7.03
CA VAL A 994 -34.14 -20.30 7.23
C VAL A 994 -33.59 -19.97 8.59
N PHE A 995 -33.66 -18.70 9.00
CA PHE A 995 -33.13 -18.33 10.31
C PHE A 995 -33.95 -18.97 11.43
N LYS A 996 -35.28 -19.01 11.27
CA LYS A 996 -36.11 -19.65 12.29
C LYS A 996 -35.77 -21.12 12.44
N SER A 997 -35.57 -21.82 11.33
CA SER A 997 -35.19 -23.24 11.41
C SER A 997 -33.80 -23.40 12.01
N LEU A 998 -32.87 -22.51 11.66
CA LEU A 998 -31.54 -22.57 12.24
C LEU A 998 -31.56 -22.38 13.75
N GLN A 999 -32.50 -21.58 14.25
CA GLN A 999 -32.58 -21.38 15.69
C GLN A 999 -32.85 -22.69 16.43
N GLU A 1000 -33.72 -23.54 15.86
CA GLU A 1000 -34.05 -24.80 16.52
C GLU A 1000 -32.85 -25.74 16.57
N MET A 1001 -32.08 -25.82 15.49
CA MET A 1001 -31.00 -26.79 15.41
C MET A 1001 -29.83 -26.40 16.30
N PHE A 1002 -29.51 -25.11 16.37
CA PHE A 1002 -28.34 -24.62 17.10
C PHE A 1002 -28.75 -23.47 18.02
N SER A 1003 -28.88 -23.77 19.31
CA SER A 1003 -29.12 -22.74 20.32
C SER A 1003 -27.88 -22.40 21.12
N GLY A 1004 -27.09 -23.41 21.48
CA GLY A 1004 -25.83 -23.16 22.14
C GLY A 1004 -24.91 -22.30 21.29
N THR A 1005 -24.93 -22.52 19.97
CA THR A 1005 -24.13 -21.69 19.08
C THR A 1005 -24.56 -20.23 19.15
N ARG A 1006 -25.87 -19.97 19.18
CA ARG A 1006 -26.36 -18.60 19.29
C ARG A 1006 -25.94 -17.99 20.62
N ALA A 1007 -26.04 -18.75 21.70
CA ALA A 1007 -25.62 -18.22 23.00
C ALA A 1007 -24.14 -17.88 23.00
N ILE A 1008 -23.31 -18.76 22.45
CA ILE A 1008 -21.86 -18.52 22.42
C ILE A 1008 -21.55 -17.29 21.59
N GLN A 1009 -22.20 -17.15 20.43
CA GLN A 1009 -21.94 -16.01 19.58
C GLN A 1009 -22.32 -14.70 20.27
N HIS A 1010 -23.50 -14.67 20.90
CA HIS A 1010 -23.92 -13.45 21.59
C HIS A 1010 -22.98 -13.11 22.73
N TRP A 1011 -22.56 -14.12 23.51
CA TRP A 1011 -21.65 -13.86 24.63
C TRP A 1011 -20.32 -13.29 24.14
N LEU A 1012 -19.75 -13.90 23.09
CA LEU A 1012 -18.47 -13.41 22.59
C LEU A 1012 -18.58 -12.01 22.01
N THR A 1013 -19.65 -11.73 21.26
CA THR A 1013 -19.82 -10.40 20.69
C THR A 1013 -19.96 -9.34 21.77
N GLU A 1014 -20.77 -9.62 22.80
CA GLU A 1014 -20.95 -8.66 23.87
C GLU A 1014 -19.64 -8.43 24.64
N SER A 1015 -18.89 -9.50 24.90
CA SER A 1015 -17.62 -9.35 25.60
C SER A 1015 -16.66 -8.49 24.80
N ALA A 1016 -16.56 -8.74 23.50
CA ALA A 1016 -15.64 -7.96 22.67
C ALA A 1016 -16.04 -6.50 22.62
N ARG A 1017 -17.35 -6.22 22.51
CA ARG A 1017 -17.80 -4.84 22.47
C ARG A 1017 -17.51 -4.12 23.77
N LEU A 1018 -17.81 -4.76 24.91
CA LEU A 1018 -17.57 -4.12 26.19
C LEU A 1018 -16.09 -3.89 26.42
N ILE A 1019 -15.24 -4.83 26.01
CA ILE A 1019 -13.80 -4.67 26.16
C ILE A 1019 -13.31 -3.51 25.29
N SER A 1020 -13.80 -3.42 24.06
CA SER A 1020 -13.34 -2.36 23.15
C SER A 1020 -13.81 -0.99 23.62
N HIS A 1021 -14.96 -0.90 24.26
CA HIS A 1021 -15.41 0.41 24.73
C HIS A 1021 -14.49 0.96 25.82
N MET A 1022 -13.83 0.08 26.57
CA MET A 1022 -12.91 0.53 27.60
C MET A 1022 -11.62 1.09 27.03
N GLY A 1023 -11.33 0.82 25.76
CA GLY A 1023 -10.13 1.33 25.13
C GLY A 1023 -8.99 0.34 25.08
N SER A 1024 -9.28 -0.90 24.71
CA SER A 1024 -8.26 -1.94 24.64
C SER A 1024 -8.68 -2.97 23.61
N VAL A 1025 -7.70 -3.48 22.85
CA VAL A 1025 -7.96 -4.49 21.83
C VAL A 1025 -7.98 -5.86 22.47
N VAL A 1026 -8.85 -6.74 21.97
CA VAL A 1026 -9.04 -8.05 22.57
C VAL A 1026 -7.82 -8.93 22.33
N GLU A 1027 -7.58 -9.86 23.26
CA GLU A 1027 -6.53 -10.85 23.13
C GLU A 1027 -6.90 -12.08 23.93
N TRP A 1028 -6.38 -13.23 23.52
CA TRP A 1028 -6.62 -14.48 24.22
C TRP A 1028 -5.46 -15.42 23.92
N VAL A 1029 -5.55 -16.65 24.43
CA VAL A 1029 -4.50 -17.65 24.25
C VAL A 1029 -5.14 -18.95 23.79
N THR A 1030 -4.60 -19.54 22.73
CA THR A 1030 -5.07 -20.82 22.25
C THR A 1030 -4.68 -21.92 23.23
N PRO A 1031 -5.38 -23.05 23.21
CA PRO A 1031 -5.03 -24.14 24.15
C PRO A 1031 -3.61 -24.63 24.02
N LEU A 1032 -3.02 -24.56 22.82
CA LEU A 1032 -1.63 -24.96 22.65
C LEU A 1032 -0.69 -24.03 23.43
N GLY A 1033 -0.94 -22.73 23.39
CA GLY A 1033 -0.13 -21.78 24.11
C GLY A 1033 0.23 -20.54 23.33
N VAL A 1034 -0.18 -20.47 22.08
CA VAL A 1034 0.14 -19.33 21.22
C VAL A 1034 -0.74 -18.15 21.61
N PRO A 1035 -0.17 -16.98 21.92
CA PRO A 1035 -0.99 -15.81 22.22
C PRO A 1035 -1.46 -15.11 20.96
N VAL A 1036 -2.71 -14.62 21.01
CA VAL A 1036 -3.37 -13.99 19.88
C VAL A 1036 -3.81 -12.59 20.28
N ILE A 1037 -3.87 -11.69 19.29
CA ILE A 1037 -4.30 -10.31 19.52
C ILE A 1037 -4.91 -9.79 18.22
N GLN A 1038 -5.93 -8.93 18.37
CA GLN A 1038 -6.67 -8.41 17.21
C GLN A 1038 -6.16 -7.03 16.84
N PRO A 1039 -5.64 -6.83 15.63
CA PRO A 1039 -5.01 -5.55 15.27
C PRO A 1039 -5.96 -4.57 14.57
N TYR A 1040 -7.08 -4.26 15.23
CA TYR A 1040 -8.07 -3.35 14.67
C TYR A 1040 -8.02 -2.02 15.40
N ARG A 1041 -7.68 -0.95 14.69
CA ARG A 1041 -7.56 0.38 15.26
C ARG A 1041 -8.09 1.40 14.26
N LEU A 1042 -8.44 2.58 14.78
CA LEU A 1042 -8.97 3.66 13.97
C LEU A 1042 -7.86 4.60 13.55
N ASP A 1043 -7.74 4.86 12.25
CA ASP A 1043 -6.73 5.75 11.71
C ASP A 1043 -7.38 7.11 11.46
N SER A 1044 -7.09 8.07 12.33
CA SER A 1044 -7.68 9.40 12.24
C SER A 1044 -6.74 10.41 11.59
N LYS A 1045 -5.55 10.59 12.16
CA LYS A 1045 -4.58 11.51 11.57
C LYS A 1045 -3.99 10.91 10.31
N VAL A 1046 -3.80 11.75 9.29
CA VAL A 1046 -3.34 11.32 7.98
C VAL A 1046 -1.84 11.58 7.87
N LYS A 1047 -1.15 10.69 7.18
CA LYS A 1047 0.30 10.81 6.97
C LYS A 1047 0.56 10.94 5.48
N GLN A 1048 1.39 11.93 5.12
CA GLN A 1048 1.71 12.20 3.73
C GLN A 1048 3.21 12.39 3.58
N ILE A 1049 3.67 12.34 2.34
CA ILE A 1049 5.08 12.57 2.01
C ILE A 1049 5.18 13.51 0.84
N GLY A 1050 5.47 14.78 1.10
CA GLY A 1050 5.66 15.74 0.02
C GLY A 1050 6.91 15.41 -0.78
N GLY A 1051 6.82 15.61 -2.09
CA GLY A 1051 7.92 15.23 -2.94
C GLY A 1051 7.81 15.83 -4.33
N GLY A 1052 8.69 15.38 -5.21
CA GLY A 1052 8.79 15.96 -6.54
C GLY A 1052 7.59 15.69 -7.42
N ILE A 1053 7.04 14.48 -7.35
CA ILE A 1053 5.97 14.06 -8.25
C ILE A 1053 4.61 14.10 -7.57
N GLN A 1054 4.51 13.56 -6.36
CA GLN A 1054 3.21 13.36 -5.74
C GLN A 1054 3.37 13.33 -4.23
N SER A 1055 2.24 13.46 -3.54
CA SER A 1055 2.19 13.40 -2.08
C SER A 1055 1.54 12.07 -1.70
N ILE A 1056 2.37 11.06 -1.47
CA ILE A 1056 1.88 9.73 -1.19
C ILE A 1056 1.24 9.70 0.19
N THR A 1057 0.04 9.14 0.28
CA THR A 1057 -0.68 8.97 1.54
C THR A 1057 -0.56 7.53 1.99
N TYR A 1058 -0.04 7.33 3.21
CA TYR A 1058 0.16 5.97 3.77
C TYR A 1058 -0.51 5.88 5.14
N THR A 1059 -0.65 4.68 5.69
CA THR A 1059 -1.22 4.51 7.03
C THR A 1059 -0.11 4.08 7.98
N HIS A 1060 0.02 4.76 9.12
CA HIS A 1060 1.09 4.42 10.09
C HIS A 1060 0.62 3.23 10.91
N ASN A 1061 0.99 2.04 10.49
CA ASN A 1061 0.65 0.84 11.28
C ASN A 1061 1.66 0.80 12.42
N GLY A 1062 1.26 0.39 13.61
CA GLY A 1062 2.21 0.44 14.73
C GLY A 1062 2.07 1.73 15.50
N ASP A 1063 0.90 2.37 15.45
CA ASP A 1063 0.67 3.57 16.28
C ASP A 1063 -0.24 3.09 17.41
N ILE A 1064 0.35 2.63 18.51
CA ILE A 1064 -0.47 2.03 19.60
C ILE A 1064 -1.26 3.11 20.34
N SER A 1065 -1.29 4.36 19.87
CA SER A 1065 -2.11 5.32 20.59
C SER A 1065 -3.48 5.53 19.97
N ARG A 1066 -3.75 4.92 18.82
CA ARG A 1066 -5.04 5.10 18.16
C ARG A 1066 -6.13 4.35 18.91
N LYS A 1067 -7.35 4.84 18.78
CA LYS A 1067 -8.48 4.22 19.46
C LYS A 1067 -8.85 2.90 18.78
N PRO A 1068 -9.31 1.92 19.56
CA PRO A 1068 -9.79 0.67 18.95
C PRO A 1068 -11.01 0.91 18.08
N ASN A 1069 -11.13 0.10 17.04
CA ASN A 1069 -12.28 0.15 16.13
C ASN A 1069 -13.32 -0.81 16.69
N THR A 1070 -14.33 -0.27 17.38
CA THR A 1070 -15.33 -1.12 18.01
C THR A 1070 -16.17 -1.87 17.00
N ARG A 1071 -16.40 -1.29 15.82
CA ARG A 1071 -17.23 -1.96 14.82
C ARG A 1071 -16.55 -3.22 14.29
N LYS A 1072 -15.24 -3.18 14.10
CA LYS A 1072 -14.53 -4.30 13.51
C LYS A 1072 -14.00 -5.28 14.56
N GLN A 1073 -14.21 -5.02 15.84
CA GLN A 1073 -13.77 -5.94 16.88
C GLN A 1073 -14.90 -6.78 17.47
N LYS A 1074 -16.14 -6.32 17.36
CA LYS A 1074 -17.29 -7.15 17.70
C LYS A 1074 -17.76 -7.99 16.53
N ASN A 1075 -17.22 -7.75 15.34
CA ASN A 1075 -17.57 -8.52 14.16
C ASN A 1075 -16.60 -9.67 13.91
N GLY A 1076 -15.33 -9.48 14.22
CA GLY A 1076 -14.29 -10.45 13.94
C GLY A 1076 -13.84 -11.30 15.11
N PHE A 1077 -14.47 -11.20 16.27
CA PHE A 1077 -14.05 -12.02 17.39
C PHE A 1077 -14.58 -13.45 17.31
N PRO A 1078 -15.89 -13.67 17.14
CA PRO A 1078 -16.42 -15.05 17.16
C PRO A 1078 -15.79 -15.96 16.11
N PRO A 1079 -15.57 -15.51 14.86
CA PRO A 1079 -14.95 -16.43 13.90
C PRO A 1079 -13.47 -16.69 14.14
N ASN A 1080 -12.73 -15.69 14.64
CA ASN A 1080 -11.30 -15.89 14.85
C ASN A 1080 -11.03 -16.92 15.95
N PHE A 1081 -11.87 -16.96 16.98
CA PHE A 1081 -11.73 -17.98 18.02
C PHE A 1081 -11.85 -19.38 17.42
N ILE A 1082 -12.86 -19.58 16.57
CA ILE A 1082 -13.06 -20.89 15.96
C ILE A 1082 -11.91 -21.24 15.02
N HIS A 1083 -11.41 -20.25 14.28
CA HIS A 1083 -10.28 -20.53 13.39
C HIS A 1083 -9.03 -20.94 14.18
N SER A 1084 -8.78 -20.26 15.31
CA SER A 1084 -7.66 -20.67 16.16
C SER A 1084 -7.87 -22.08 16.70
N LEU A 1085 -9.12 -22.40 17.07
CA LEU A 1085 -9.41 -23.75 17.58
C LEU A 1085 -9.13 -24.82 16.54
N ASP A 1086 -9.57 -24.60 15.30
CA ASP A 1086 -9.33 -25.62 14.28
C ASP A 1086 -7.85 -25.73 13.92
N SER A 1087 -7.12 -24.60 13.94
CA SER A 1087 -5.69 -24.68 13.72
C SER A 1087 -5.01 -25.49 14.83
N SER A 1088 -5.44 -25.31 16.07
CA SER A 1088 -4.89 -26.10 17.17
C SER A 1088 -5.17 -27.58 16.97
N HIS A 1089 -6.39 -27.92 16.55
CA HIS A 1089 -6.72 -29.32 16.31
C HIS A 1089 -5.83 -29.91 15.22
N MET A 1090 -5.63 -29.17 14.12
CA MET A 1090 -4.75 -29.65 13.06
C MET A 1090 -3.33 -29.84 13.57
N MET A 1091 -2.84 -28.89 14.36
CA MET A 1091 -1.48 -28.99 14.87
C MET A 1091 -1.30 -30.22 15.74
N LEU A 1092 -2.26 -30.49 16.62
CA LEU A 1092 -2.17 -31.67 17.47
C LEU A 1092 -2.20 -32.95 16.64
N THR A 1093 -3.07 -32.99 15.63
CA THR A 1093 -3.14 -34.18 14.79
C THR A 1093 -1.83 -34.42 14.06
N ALA A 1094 -1.23 -33.38 13.49
CA ALA A 1094 0.04 -33.55 12.80
C ALA A 1094 1.13 -34.02 13.75
N LEU A 1095 1.20 -33.42 14.93
CA LEU A 1095 2.23 -33.78 15.89
C LEU A 1095 2.11 -35.22 16.31
N HIS A 1096 0.89 -35.70 16.55
CA HIS A 1096 0.75 -37.08 16.97
C HIS A 1096 0.90 -38.06 15.81
N CYS A 1097 0.59 -37.64 14.58
CA CYS A 1097 0.79 -38.52 13.43
C CYS A 1097 2.26 -38.73 13.12
N TYR A 1098 3.08 -37.70 13.34
CA TYR A 1098 4.50 -37.82 13.02
C TYR A 1098 5.19 -38.96 13.76
N ARG A 1099 4.77 -39.22 15.00
CA ARG A 1099 5.42 -40.25 15.80
C ARG A 1099 5.21 -41.65 15.26
N LYS A 1100 4.18 -41.87 14.45
CA LYS A 1100 3.90 -43.17 13.87
C LYS A 1100 4.54 -43.37 12.51
N GLY A 1101 5.20 -42.34 11.98
CA GLY A 1101 5.87 -42.45 10.71
C GLY A 1101 4.93 -42.25 9.53
N LEU A 1102 4.21 -41.13 9.51
CA LEU A 1102 3.28 -40.83 8.44
C LEU A 1102 3.65 -39.51 7.77
N THR A 1103 3.32 -39.41 6.49
CA THR A 1103 3.45 -38.15 5.76
C THR A 1103 2.13 -37.40 5.85
N PHE A 1104 2.17 -36.21 6.43
CA PHE A 1104 0.96 -35.45 6.72
C PHE A 1104 1.06 -34.07 6.09
N VAL A 1105 0.03 -33.71 5.32
CA VAL A 1105 -0.13 -32.36 4.78
C VAL A 1105 -1.60 -32.00 4.90
N SER A 1106 -1.88 -30.78 5.38
CA SER A 1106 -3.24 -30.38 5.69
C SER A 1106 -3.59 -29.08 4.97
N VAL A 1107 -4.85 -28.95 4.63
CA VAL A 1107 -5.40 -27.72 4.06
C VAL A 1107 -6.51 -27.26 5.00
N HIS A 1108 -6.14 -26.47 6.00
CA HIS A 1108 -7.09 -25.82 6.90
C HIS A 1108 -7.94 -26.83 7.65
N ASP A 1109 -8.81 -27.57 6.94
CA ASP A 1109 -9.56 -28.65 7.58
C ASP A 1109 -9.64 -29.89 6.70
N CYS A 1110 -8.78 -30.02 5.70
CA CYS A 1110 -8.67 -31.22 4.88
C CYS A 1110 -7.28 -31.82 5.09
N TYR A 1111 -7.23 -33.11 5.38
CA TYR A 1111 -5.97 -33.78 5.71
C TYR A 1111 -5.60 -34.77 4.62
N TRP A 1112 -4.36 -34.70 4.17
CA TRP A 1112 -3.84 -35.53 3.09
C TRP A 1112 -2.83 -36.52 3.65
N THR A 1113 -2.79 -37.71 3.06
CA THR A 1113 -1.83 -38.74 3.46
C THR A 1113 -1.75 -39.77 2.35
N HIS A 1114 -0.89 -40.76 2.55
CA HIS A 1114 -0.77 -41.84 1.57
C HIS A 1114 -2.01 -42.73 1.61
N ALA A 1115 -2.19 -43.52 0.56
CA ALA A 1115 -3.38 -44.34 0.44
C ALA A 1115 -3.42 -45.50 1.42
N ALA A 1116 -2.33 -45.76 2.15
CA ALA A 1116 -2.27 -46.91 3.05
C ALA A 1116 -2.36 -46.54 4.52
N ASP A 1117 -2.36 -45.26 4.88
CA ASP A 1117 -2.34 -44.84 6.27
C ASP A 1117 -3.61 -44.09 6.67
N VAL A 1118 -4.68 -44.22 5.88
CA VAL A 1118 -5.89 -43.45 6.16
C VAL A 1118 -6.55 -43.91 7.45
N SER A 1119 -6.49 -45.21 7.75
CA SER A 1119 -7.09 -45.71 8.98
C SER A 1119 -6.41 -45.10 10.20
N VAL A 1120 -5.08 -45.12 10.21
CA VAL A 1120 -4.31 -44.56 11.31
C VAL A 1120 -4.60 -43.07 11.43
N MET A 1121 -4.62 -42.36 10.30
CA MET A 1121 -4.85 -40.92 10.37
C MET A 1121 -6.24 -40.61 10.92
N ASN A 1122 -7.25 -41.37 10.51
CA ASN A 1122 -8.60 -41.16 11.03
C ASN A 1122 -8.65 -41.40 12.54
N GLN A 1123 -8.00 -42.47 13.00
CA GLN A 1123 -7.98 -42.75 14.42
C GLN A 1123 -7.33 -41.62 15.20
N VAL A 1124 -6.20 -41.12 14.71
CA VAL A 1124 -5.51 -40.04 15.41
C VAL A 1124 -6.34 -38.77 15.39
N CYS A 1125 -7.02 -38.50 14.27
CA CYS A 1125 -7.89 -37.32 14.20
C CYS A 1125 -8.94 -37.36 15.29
N ARG A 1126 -9.66 -38.48 15.39
CA ARG A 1126 -10.72 -38.57 16.38
C ARG A 1126 -10.17 -38.46 17.80
N GLU A 1127 -9.05 -39.14 18.08
CA GLU A 1127 -8.48 -39.09 19.41
C GLU A 1127 -8.09 -37.67 19.80
N GLN A 1128 -7.43 -36.96 18.88
CA GLN A 1128 -6.97 -35.62 19.22
C GLN A 1128 -8.13 -34.64 19.33
N PHE A 1129 -9.19 -34.80 18.52
CA PHE A 1129 -10.35 -33.93 18.68
C PHE A 1129 -10.98 -34.10 20.05
N VAL A 1130 -11.17 -35.36 20.47
CA VAL A 1130 -11.77 -35.60 21.79
C VAL A 1130 -10.88 -35.04 22.89
N ARG A 1131 -9.57 -35.27 22.81
CA ARG A 1131 -8.67 -34.79 23.84
C ARG A 1131 -8.64 -33.27 23.90
N LEU A 1132 -8.66 -32.61 22.74
CA LEU A 1132 -8.65 -31.15 22.73
C LEU A 1132 -9.92 -30.59 23.33
N HIS A 1133 -11.07 -31.13 22.98
CA HIS A 1133 -12.33 -30.53 23.44
C HIS A 1133 -12.80 -31.07 24.77
N SER A 1134 -12.05 -31.99 25.39
CA SER A 1134 -12.38 -32.40 26.75
C SER A 1134 -11.96 -31.36 27.78
N GLU A 1135 -10.94 -30.56 27.47
CA GLU A 1135 -10.48 -29.54 28.40
C GLU A 1135 -11.47 -28.38 28.46
N PRO A 1136 -11.54 -27.67 29.59
CA PRO A 1136 -12.48 -26.55 29.72
C PRO A 1136 -12.00 -25.29 29.01
N ILE A 1137 -12.28 -25.19 27.71
CA ILE A 1137 -11.78 -24.07 26.91
C ILE A 1137 -12.47 -22.77 27.33
N LEU A 1138 -13.80 -22.80 27.41
CA LEU A 1138 -14.54 -21.56 27.65
C LEU A 1138 -14.22 -20.97 29.01
N GLN A 1139 -14.15 -21.81 30.05
CA GLN A 1139 -13.83 -21.30 31.37
C GLN A 1139 -12.42 -20.71 31.42
N ASP A 1140 -11.47 -21.34 30.75
CA ASP A 1140 -10.12 -20.80 30.69
C ASP A 1140 -10.10 -19.45 30.00
N LEU A 1141 -10.86 -19.32 28.90
CA LEU A 1141 -10.93 -18.04 28.22
C LEU A 1141 -11.56 -16.97 29.11
N SER A 1142 -12.62 -17.32 29.83
CA SER A 1142 -13.26 -16.36 30.72
C SER A 1142 -12.33 -15.92 31.84
N ARG A 1143 -11.60 -16.87 32.43
CA ARG A 1143 -10.67 -16.52 33.50
C ARG A 1143 -9.54 -15.65 32.98
N PHE A 1144 -9.01 -15.95 31.79
CA PHE A 1144 -7.98 -15.10 31.23
C PHE A 1144 -8.49 -13.69 30.98
N LEU A 1145 -9.70 -13.57 30.43
CA LEU A 1145 -10.25 -12.24 30.16
C LEU A 1145 -10.49 -11.47 31.44
N VAL A 1146 -10.97 -12.15 32.48
CA VAL A 1146 -11.21 -11.49 33.76
C VAL A 1146 -9.91 -10.99 34.36
N LYS A 1147 -8.87 -11.82 34.34
CA LYS A 1147 -7.61 -11.44 34.97
C LYS A 1147 -6.90 -10.34 34.19
N ARG A 1148 -6.93 -10.42 32.86
CA ARG A 1148 -6.12 -9.50 32.05
C ARG A 1148 -6.70 -8.09 32.05
N PHE A 1149 -8.02 -7.96 31.85
CA PHE A 1149 -8.64 -6.65 31.64
C PHE A 1149 -9.31 -6.12 32.90
N CYS A 1150 -10.20 -6.90 33.51
CA CYS A 1150 -11.06 -6.38 34.57
C CYS A 1150 -10.28 -6.02 35.82
N SER A 1151 -9.13 -6.65 36.06
CA SER A 1151 -8.40 -6.46 37.31
C SER A 1151 -7.72 -5.09 37.28
N GLU A 1152 -8.52 -4.05 37.49
CA GLU A 1152 -8.02 -2.68 37.57
C GLU A 1152 -8.68 -1.98 38.75
N PRO A 1153 -7.90 -1.32 39.61
CA PRO A 1153 -8.50 -0.59 40.72
C PRO A 1153 -8.85 0.86 40.38
N GLN A 1154 -8.26 1.38 39.30
CA GLN A 1154 -8.48 2.77 38.94
C GLN A 1154 -9.93 3.02 38.51
N LYS A 1155 -10.50 2.10 37.73
CA LYS A 1155 -11.88 2.22 37.27
C LYS A 1155 -12.70 1.09 37.87
N ILE A 1156 -13.91 1.42 38.33
CA ILE A 1156 -14.71 0.46 39.07
C ILE A 1156 -16.01 0.15 38.33
N LEU A 1157 -16.56 1.12 37.61
CA LEU A 1157 -17.86 0.91 36.99
C LEU A 1157 -17.74 0.16 35.66
N GLU A 1158 -16.80 0.59 34.80
CA GLU A 1158 -16.54 -0.18 33.58
C GLU A 1158 -16.07 -1.58 33.91
N ALA A 1159 -15.18 -1.70 34.90
CA ALA A 1159 -14.71 -3.02 35.32
C ALA A 1159 -15.86 -3.86 35.87
N SER A 1160 -16.77 -3.24 36.61
CA SER A 1160 -17.91 -3.99 37.15
C SER A 1160 -18.80 -4.52 36.03
N GLN A 1161 -19.10 -3.68 35.04
CA GLN A 1161 -19.91 -4.13 33.92
C GLN A 1161 -19.20 -5.24 33.14
N LEU A 1162 -17.90 -5.08 32.91
CA LEU A 1162 -17.15 -6.09 32.17
C LEU A 1162 -17.12 -7.41 32.92
N LYS A 1163 -16.92 -7.37 34.24
CA LYS A 1163 -16.91 -8.60 35.03
C LYS A 1163 -18.27 -9.26 35.02
N GLU A 1164 -19.34 -8.46 35.14
CA GLU A 1164 -20.69 -9.01 35.09
C GLU A 1164 -20.93 -9.73 33.77
N THR A 1165 -20.49 -9.15 32.66
CA THR A 1165 -20.69 -9.81 31.37
C THR A 1165 -19.82 -11.07 31.26
N LEU A 1166 -18.55 -10.98 31.63
CA LEU A 1166 -17.62 -12.07 31.38
C LEU A 1166 -17.92 -13.28 32.24
N GLN A 1167 -18.28 -13.07 33.50
CA GLN A 1167 -18.39 -14.21 34.42
C GLN A 1167 -19.58 -15.11 34.12
N ALA A 1168 -20.49 -14.72 33.23
CA ALA A 1168 -21.68 -15.51 32.91
C ALA A 1168 -21.40 -16.31 31.63
N VAL A 1169 -20.81 -17.49 31.81
CA VAL A 1169 -20.51 -18.38 30.69
C VAL A 1169 -21.73 -19.24 30.41
N PRO A 1170 -22.14 -19.41 29.16
CA PRO A 1170 -23.30 -20.26 28.86
C PRO A 1170 -23.08 -21.69 29.32
N LYS A 1171 -24.16 -22.31 29.78
CA LYS A 1171 -24.08 -23.66 30.32
C LYS A 1171 -23.95 -24.69 29.21
N PRO A 1172 -23.25 -25.79 29.47
CA PRO A 1172 -23.17 -26.87 28.48
C PRO A 1172 -24.44 -27.69 28.45
N GLY A 1173 -24.61 -28.43 27.36
CA GLY A 1173 -25.73 -29.32 27.19
C GLY A 1173 -25.45 -30.70 27.76
N ALA A 1174 -26.11 -31.70 27.19
CA ALA A 1174 -25.97 -33.09 27.61
C ALA A 1174 -25.52 -33.92 26.40
N PHE A 1175 -24.21 -33.96 26.17
CA PHE A 1175 -23.64 -34.70 25.06
C PHE A 1175 -22.36 -35.38 25.53
N ASP A 1176 -22.07 -36.54 24.96
CA ASP A 1176 -20.89 -37.32 25.30
C ASP A 1176 -19.89 -37.22 24.16
N LEU A 1177 -18.70 -36.72 24.46
CA LEU A 1177 -17.68 -36.53 23.44
C LEU A 1177 -16.98 -37.83 23.05
N GLU A 1178 -17.12 -38.88 23.84
CA GLU A 1178 -16.42 -40.12 23.53
C GLU A 1178 -16.94 -40.80 22.28
N GLN A 1179 -18.18 -40.50 21.86
CA GLN A 1179 -18.75 -41.14 20.70
C GLN A 1179 -18.06 -40.74 19.40
N VAL A 1180 -17.31 -39.64 19.40
CA VAL A 1180 -16.60 -39.23 18.20
C VAL A 1180 -15.61 -40.30 17.76
N LYS A 1181 -15.07 -41.06 18.71
CA LYS A 1181 -14.12 -42.11 18.38
C LYS A 1181 -14.77 -43.28 17.65
N ARG A 1182 -16.10 -43.34 17.60
CA ARG A 1182 -16.81 -44.40 16.89
C ARG A 1182 -17.62 -43.85 15.71
N SER A 1183 -17.35 -42.62 15.30
CA SER A 1183 -18.09 -41.99 14.20
C SER A 1183 -17.39 -42.26 12.89
N THR A 1184 -18.11 -42.87 11.94
CA THR A 1184 -17.52 -43.19 10.65
C THR A 1184 -17.40 -41.97 9.76
N TYR A 1185 -18.37 -41.05 9.81
CA TYR A 1185 -18.45 -39.95 8.87
C TYR A 1185 -18.16 -38.60 9.51
N PHE A 1186 -17.50 -38.59 10.68
CA PHE A 1186 -17.01 -37.33 11.23
C PHE A 1186 -16.03 -36.66 10.28
N PHE A 1187 -15.10 -37.44 9.73
CA PHE A 1187 -14.25 -37.03 8.62
C PHE A 1187 -14.52 -37.98 7.47
N SER A 1188 -15.01 -37.44 6.35
CA SER A 1188 -15.40 -38.28 5.22
C SER A 1188 -14.64 -37.92 3.96
N PHE B 12 -37.09 16.76 1.19
CA PHE B 12 -37.43 18.18 1.26
C PHE B 12 -38.03 18.68 -0.05
N LYS B 13 -39.13 18.06 -0.46
CA LYS B 13 -39.79 18.47 -1.70
C LYS B 13 -40.53 19.79 -1.52
N ARG B 14 -40.70 20.51 -2.63
CA ARG B 14 -41.38 21.79 -2.63
C ARG B 14 -42.46 21.78 -3.71
N TYR B 15 -43.44 22.66 -3.53
CA TYR B 15 -44.53 22.78 -4.49
C TYR B 15 -44.98 24.23 -4.55
N VAL B 16 -45.72 24.57 -5.60
CA VAL B 16 -46.21 25.92 -5.81
C VAL B 16 -47.67 25.98 -5.37
N THR B 17 -47.98 26.92 -4.48
CA THR B 17 -49.33 27.09 -3.96
C THR B 17 -49.94 28.45 -4.25
N ASP B 18 -49.13 29.50 -4.40
CA ASP B 18 -49.66 30.83 -4.63
C ASP B 18 -50.34 30.91 -5.99
N ARG B 19 -51.45 31.65 -6.05
CA ARG B 19 -52.18 31.79 -7.31
C ARG B 19 -51.41 32.69 -8.29
N ARG B 20 -50.93 33.83 -7.81
CA ARG B 20 -50.27 34.78 -8.71
C ARG B 20 -48.93 34.26 -9.20
N LEU B 21 -48.17 33.61 -8.31
CA LEU B 21 -46.91 33.00 -8.73
C LEU B 21 -47.15 31.95 -9.80
N ALA B 22 -48.17 31.12 -9.61
CA ALA B 22 -48.49 30.10 -10.61
C ALA B 22 -48.91 30.72 -11.92
N GLU B 23 -49.71 31.80 -11.87
CA GLU B 23 -50.13 32.46 -13.10
C GLU B 23 -48.93 33.02 -13.85
N THR B 24 -48.02 33.68 -13.14
CA THR B 24 -46.83 34.23 -13.80
C THR B 24 -45.94 33.11 -14.35
N LEU B 25 -45.80 32.01 -13.61
CA LEU B 25 -45.02 30.88 -14.08
C LEU B 25 -45.62 30.29 -15.34
N ALA B 26 -46.95 30.16 -15.39
CA ALA B 26 -47.62 29.64 -16.58
C ALA B 26 -47.43 30.58 -17.76
N GLN B 27 -47.52 31.88 -17.52
CA GLN B 27 -47.29 32.84 -18.60
C GLN B 27 -45.87 32.72 -19.15
N ILE B 28 -44.89 32.55 -18.27
CA ILE B 28 -43.51 32.38 -18.72
C ILE B 28 -43.35 31.06 -19.48
N TYR B 29 -43.94 29.98 -18.97
CA TYR B 29 -43.79 28.67 -19.59
C TYR B 29 -44.38 28.65 -20.99
N LEU B 30 -45.59 29.20 -21.15
CA LEU B 30 -46.17 29.31 -22.48
C LEU B 30 -45.36 30.29 -23.33
N GLY B 31 -44.96 31.41 -22.74
CA GLY B 31 -44.15 32.39 -23.47
C GLY B 31 -44.88 32.93 -24.68
N LYS B 32 -44.13 33.16 -25.75
CA LYS B 32 -44.72 33.59 -27.00
C LYS B 32 -45.58 32.47 -27.57
N PRO B 33 -46.63 32.81 -28.33
CA PRO B 33 -47.49 31.76 -28.89
C PRO B 33 -46.89 31.06 -30.09
N SER B 34 -45.60 31.30 -30.34
CA SER B 34 -44.91 30.61 -31.43
C SER B 34 -44.90 29.10 -31.15
N ARG B 35 -45.23 28.32 -32.17
CA ARG B 35 -45.44 26.88 -32.04
C ARG B 35 -46.43 26.60 -30.91
N PRO B 36 -47.72 26.89 -31.12
CA PRO B 36 -48.70 26.75 -30.03
C PRO B 36 -48.75 25.35 -29.46
N PRO B 37 -48.95 24.25 -30.30
CA PRO B 37 -49.18 22.92 -29.72
C PRO B 37 -47.91 22.27 -29.17
N HIS B 38 -47.23 22.99 -28.28
CA HIS B 38 -46.05 22.45 -27.62
C HIS B 38 -46.47 21.60 -26.43
N LEU B 39 -46.10 20.32 -26.45
CA LEU B 39 -46.41 19.43 -25.34
C LEU B 39 -45.59 19.82 -24.13
N LEU B 40 -46.22 19.84 -22.96
CA LEU B 40 -45.57 20.24 -21.72
C LEU B 40 -45.60 19.07 -20.75
N LEU B 41 -44.45 18.45 -20.54
CA LEU B 41 -44.31 17.44 -19.50
C LEU B 41 -44.05 18.14 -18.18
N GLU B 42 -44.87 17.84 -17.18
CA GLU B 42 -44.75 18.47 -15.88
C GLU B 42 -44.09 17.51 -14.90
N CYS B 43 -43.03 17.97 -14.25
CA CYS B 43 -42.32 17.17 -13.26
C CYS B 43 -42.86 17.50 -11.87
N ASN B 44 -43.45 16.49 -11.22
CA ASN B 44 -44.01 16.63 -9.88
C ASN B 44 -44.98 17.79 -9.82
N PRO B 45 -46.17 17.68 -10.43
CA PRO B 45 -47.17 18.75 -10.31
C PRO B 45 -47.61 19.00 -8.87
N GLY B 46 -47.65 17.96 -8.04
CA GLY B 46 -48.08 18.10 -6.67
C GLY B 46 -49.55 18.45 -6.57
N PRO B 47 -49.85 19.56 -5.88
CA PRO B 47 -51.26 19.96 -5.73
C PRO B 47 -51.98 20.15 -7.04
N GLY B 48 -51.28 20.60 -8.08
CA GLY B 48 -51.85 20.73 -9.40
C GLY B 48 -52.34 22.10 -9.79
N ILE B 49 -52.09 23.13 -8.97
CA ILE B 49 -52.53 24.47 -9.33
C ILE B 49 -51.76 24.97 -10.55
N LEU B 50 -50.48 24.61 -10.65
CA LEU B 50 -49.71 24.98 -11.84
C LEU B 50 -50.26 24.29 -13.08
N THR B 51 -50.58 23.00 -12.98
CA THR B 51 -51.09 22.28 -14.13
C THR B 51 -52.42 22.85 -14.59
N GLN B 52 -53.32 23.15 -13.65
CA GLN B 52 -54.61 23.73 -14.05
C GLN B 52 -54.44 25.14 -14.58
N ALA B 53 -53.46 25.89 -14.09
CA ALA B 53 -53.18 27.21 -14.66
C ALA B 53 -52.70 27.09 -16.10
N LEU B 54 -51.80 26.14 -16.37
CA LEU B 54 -51.36 25.93 -17.75
C LEU B 54 -52.50 25.45 -18.64
N LEU B 55 -53.37 24.60 -18.11
CA LEU B 55 -54.53 24.16 -18.89
C LEU B 55 -55.46 25.33 -19.20
N GLU B 56 -55.69 26.20 -18.21
CA GLU B 56 -56.49 27.40 -18.46
C GLU B 56 -55.80 28.33 -19.44
N ALA B 57 -54.47 28.25 -19.53
CA ALA B 57 -53.75 28.99 -20.57
C ALA B 57 -53.96 28.39 -21.94
N GLY B 58 -54.32 27.11 -22.02
CA GLY B 58 -54.65 26.49 -23.29
C GLY B 58 -53.57 25.61 -23.88
N ALA B 59 -52.95 24.76 -23.07
CA ALA B 59 -51.90 23.87 -23.53
C ALA B 59 -52.18 22.45 -23.10
N LYS B 60 -51.82 21.49 -23.95
CA LYS B 60 -51.95 20.08 -23.61
C LYS B 60 -50.81 19.67 -22.69
N VAL B 61 -51.14 19.31 -21.46
CA VAL B 61 -50.16 19.03 -20.42
C VAL B 61 -50.33 17.60 -19.95
N VAL B 62 -49.21 16.90 -19.77
CA VAL B 62 -49.18 15.57 -19.20
C VAL B 62 -48.27 15.59 -17.98
N ALA B 63 -48.77 15.12 -16.84
CA ALA B 63 -48.10 15.27 -15.56
C ALA B 63 -47.42 13.95 -15.16
N LEU B 64 -46.12 14.02 -14.87
CA LEU B 64 -45.36 12.86 -14.40
C LEU B 64 -45.26 12.94 -12.88
N GLU B 65 -46.39 12.69 -12.21
CA GLU B 65 -46.46 12.76 -10.76
C GLU B 65 -45.94 11.47 -10.14
N SER B 66 -45.21 11.60 -9.03
CA SER B 66 -44.57 10.48 -8.37
C SER B 66 -45.39 9.90 -7.23
N ASP B 67 -45.93 10.75 -6.36
CA ASP B 67 -46.68 10.28 -5.19
C ASP B 67 -47.98 9.61 -5.62
N LYS B 68 -48.29 8.48 -4.97
CA LYS B 68 -49.49 7.74 -5.31
C LYS B 68 -50.77 8.42 -4.84
N THR B 69 -50.68 9.37 -3.91
CA THR B 69 -51.86 9.99 -3.36
C THR B 69 -52.32 11.23 -4.12
N PHE B 70 -51.64 11.61 -5.19
CA PHE B 70 -51.98 12.84 -5.90
C PHE B 70 -52.73 12.60 -7.21
N ILE B 71 -52.59 11.42 -7.83
CA ILE B 71 -53.35 11.13 -9.04
C ILE B 71 -54.85 11.24 -8.84
N PRO B 72 -55.44 10.75 -7.74
CA PRO B 72 -56.91 10.87 -7.62
C PRO B 72 -57.43 12.29 -7.74
N HIS B 73 -56.77 13.26 -7.10
CA HIS B 73 -57.22 14.65 -7.20
C HIS B 73 -57.04 15.19 -8.62
N LEU B 74 -55.92 14.87 -9.25
CA LEU B 74 -55.67 15.34 -10.60
C LEU B 74 -56.72 14.80 -11.57
N GLU B 75 -57.04 13.51 -11.45
CA GLU B 75 -58.04 12.91 -12.32
C GLU B 75 -59.43 13.45 -12.02
N SER B 76 -59.74 13.70 -10.74
CA SER B 76 -61.04 14.25 -10.37
C SER B 76 -61.21 15.65 -10.96
N LEU B 77 -60.18 16.47 -10.90
CA LEU B 77 -60.26 17.81 -11.49
C LEU B 77 -60.26 17.74 -13.01
N GLY B 78 -59.61 16.72 -13.59
CA GLY B 78 -59.55 16.54 -15.01
C GLY B 78 -60.48 15.49 -15.59
N LYS B 79 -61.48 15.05 -14.83
CA LYS B 79 -62.42 14.06 -15.35
C LYS B 79 -63.24 14.63 -16.50
N ASN B 80 -63.72 15.86 -16.36
CA ASN B 80 -64.47 16.54 -17.40
C ASN B 80 -63.64 17.67 -18.03
N LEU B 81 -62.31 17.50 -18.07
CA LEU B 81 -61.46 18.53 -18.63
C LEU B 81 -61.72 18.73 -20.12
N ASP B 82 -61.95 17.64 -20.84
CA ASP B 82 -62.23 17.64 -22.28
C ASP B 82 -61.07 18.16 -23.11
N GLY B 83 -59.92 18.41 -22.48
CA GLY B 83 -58.74 18.88 -23.19
C GLY B 83 -57.66 17.82 -23.23
N LYS B 84 -56.67 17.95 -22.35
CA LYS B 84 -55.63 16.93 -22.23
C LYS B 84 -55.04 17.03 -20.84
N LEU B 85 -55.25 15.99 -20.02
CA LEU B 85 -54.63 15.88 -18.72
C LEU B 85 -54.19 14.44 -18.50
N ARG B 86 -53.56 13.86 -19.52
CA ARG B 86 -53.01 12.52 -19.38
C ARG B 86 -52.00 12.49 -18.24
N VAL B 87 -52.09 11.49 -17.38
CA VAL B 87 -51.27 11.42 -16.18
C VAL B 87 -50.56 10.06 -16.16
N ILE B 88 -49.26 10.08 -15.87
CA ILE B 88 -48.47 8.87 -15.75
C ILE B 88 -47.75 8.90 -14.40
N HIS B 89 -47.80 7.79 -13.68
CA HIS B 89 -47.13 7.65 -12.39
C HIS B 89 -45.65 7.35 -12.64
N CYS B 90 -44.89 8.42 -12.91
CA CYS B 90 -43.49 8.29 -13.27
C CYS B 90 -42.70 9.45 -12.65
N ASP B 91 -41.39 9.26 -12.56
CA ASP B 91 -40.47 10.27 -12.05
C ASP B 91 -39.41 10.55 -13.10
N PHE B 92 -39.21 11.83 -13.43
CA PHE B 92 -38.30 12.21 -14.50
C PHE B 92 -36.86 11.85 -14.17
N PHE B 93 -36.44 12.09 -12.93
CA PHE B 93 -35.05 11.83 -12.56
C PHE B 93 -34.78 10.36 -12.29
N LYS B 94 -35.82 9.54 -12.12
CA LYS B 94 -35.67 8.10 -11.95
C LYS B 94 -35.85 7.35 -13.25
N LEU B 95 -35.91 8.05 -14.37
CA LEU B 95 -36.10 7.41 -15.67
C LEU B 95 -34.88 6.58 -16.04
N ASP B 96 -35.13 5.38 -16.56
CA ASP B 96 -34.10 4.47 -17.05
C ASP B 96 -33.08 4.11 -15.98
N PRO B 97 -33.44 3.29 -14.99
CA PRO B 97 -32.44 2.78 -14.06
C PRO B 97 -31.45 1.86 -14.76
N ARG B 98 -30.23 1.76 -14.23
CA ARG B 98 -29.18 0.97 -14.94
C ARG B 98 -29.03 -0.43 -14.32
N SER B 99 -29.60 -0.66 -13.15
CA SER B 99 -29.56 -1.99 -12.56
C SER B 99 -30.95 -2.43 -12.17
N GLY B 100 -31.17 -3.75 -12.18
CA GLY B 100 -32.48 -4.29 -11.90
C GLY B 100 -33.14 -4.85 -13.15
N GLY B 101 -33.50 -6.13 -13.12
CA GLY B 101 -34.08 -6.75 -14.31
C GLY B 101 -35.40 -6.13 -14.71
N VAL B 102 -36.27 -5.86 -13.74
CA VAL B 102 -37.58 -5.28 -14.00
C VAL B 102 -37.61 -3.87 -13.46
N ILE B 103 -38.47 -3.04 -14.07
CA ILE B 103 -38.54 -1.61 -13.68
C ILE B 103 -39.81 -1.38 -12.85
N LYS B 104 -39.61 -0.90 -11.60
CA LYS B 104 -40.77 -0.76 -10.69
C LYS B 104 -41.68 0.42 -11.12
N PRO B 105 -43.02 0.46 -10.77
CA PRO B 105 -43.93 1.51 -11.26
C PRO B 105 -43.40 2.93 -11.05
N PRO B 106 -42.73 3.24 -9.93
CA PRO B 106 -42.16 4.60 -9.81
C PRO B 106 -41.18 4.95 -10.91
N ALA B 107 -40.39 3.99 -11.37
CA ALA B 107 -39.51 4.21 -12.51
C ALA B 107 -40.21 3.80 -13.80
N MET B 108 -39.60 4.14 -14.93
CA MET B 108 -40.13 3.77 -16.23
C MET B 108 -38.96 3.55 -17.18
N SER B 109 -39.26 3.45 -18.47
CA SER B 109 -38.27 3.35 -19.53
C SER B 109 -38.40 4.55 -20.44
N SER B 110 -37.25 5.08 -20.88
CA SER B 110 -37.27 6.27 -21.74
C SER B 110 -37.95 5.99 -23.06
N ARG B 111 -37.99 4.73 -23.50
CA ARG B 111 -38.66 4.38 -24.74
C ARG B 111 -40.14 4.08 -24.51
N GLY B 112 -40.48 3.39 -23.41
CA GLY B 112 -41.87 3.04 -23.16
C GLY B 112 -42.75 4.25 -22.92
N LEU B 113 -42.25 5.23 -22.16
CA LEU B 113 -43.03 6.43 -21.90
C LEU B 113 -43.32 7.19 -23.19
N PHE B 114 -42.31 7.29 -24.07
CA PHE B 114 -42.53 7.99 -25.33
C PHE B 114 -43.42 7.18 -26.27
N LYS B 115 -43.37 5.85 -26.19
CA LYS B 115 -44.34 5.04 -26.92
C LYS B 115 -45.75 5.33 -26.45
N ASN B 116 -45.95 5.43 -25.14
CA ASN B 116 -47.27 5.74 -24.60
C ASN B 116 -47.72 7.13 -25.02
N LEU B 117 -46.79 8.09 -25.04
CA LEU B 117 -47.13 9.45 -25.43
C LEU B 117 -47.34 9.58 -26.93
N GLY B 118 -46.88 8.62 -27.72
CA GLY B 118 -47.10 8.63 -29.15
C GLY B 118 -46.19 9.52 -29.95
N ILE B 119 -45.21 10.16 -29.31
CA ILE B 119 -44.28 11.02 -30.05
C ILE B 119 -43.20 10.15 -30.69
N GLU B 120 -42.58 10.70 -31.74
CA GLU B 120 -41.65 9.95 -32.57
C GLU B 120 -40.25 10.54 -32.49
N ALA B 121 -39.27 9.70 -32.81
CA ALA B 121 -37.88 10.13 -32.81
C ALA B 121 -37.64 11.14 -33.93
N VAL B 122 -36.74 12.09 -33.67
CA VAL B 122 -36.43 13.17 -34.60
C VAL B 122 -34.92 13.40 -34.60
N PRO B 123 -34.31 13.70 -35.74
CA PRO B 123 -32.86 13.93 -35.77
C PRO B 123 -32.45 15.13 -34.92
N TRP B 124 -31.13 15.26 -34.75
CA TRP B 124 -30.58 16.35 -33.95
C TRP B 124 -30.85 17.71 -34.60
N THR B 125 -30.71 17.80 -35.92
CA THR B 125 -30.76 19.08 -36.60
C THR B 125 -32.14 19.72 -36.58
N ALA B 126 -33.19 18.96 -36.34
CA ALA B 126 -34.55 19.49 -36.43
C ALA B 126 -34.88 20.29 -35.16
N ASP B 127 -36.15 20.64 -35.01
CA ASP B 127 -36.59 21.53 -33.94
C ASP B 127 -36.83 20.76 -32.65
N ILE B 128 -37.14 21.51 -31.60
CA ILE B 128 -37.46 20.95 -30.28
C ILE B 128 -38.80 20.23 -30.37
N PRO B 129 -38.86 18.95 -30.04
CA PRO B 129 -40.14 18.24 -30.11
C PRO B 129 -41.01 18.36 -28.86
N LEU B 130 -40.39 18.62 -27.70
CA LEU B 130 -41.14 18.58 -26.45
C LEU B 130 -40.41 19.43 -25.42
N LYS B 131 -41.16 19.89 -24.41
CA LYS B 131 -40.63 20.73 -23.35
C LYS B 131 -40.93 20.12 -21.98
N VAL B 132 -39.97 20.19 -21.07
CA VAL B 132 -40.08 19.63 -19.73
C VAL B 132 -39.82 20.74 -18.71
N VAL B 133 -40.72 20.86 -17.72
CA VAL B 133 -40.59 21.86 -16.67
C VAL B 133 -40.70 21.16 -15.32
N GLY B 134 -40.19 21.82 -14.29
CA GLY B 134 -40.22 21.25 -12.95
C GLY B 134 -39.23 21.97 -12.03
N MET B 135 -38.78 21.23 -11.01
CA MET B 135 -37.80 21.74 -10.06
C MET B 135 -36.81 20.64 -9.70
N PHE B 136 -35.57 21.06 -9.44
CA PHE B 136 -34.49 20.12 -9.15
C PHE B 136 -34.63 19.55 -7.74
N PRO B 137 -34.01 18.41 -7.47
CA PRO B 137 -34.03 17.87 -6.10
C PRO B 137 -33.33 18.79 -5.12
N SER B 138 -33.83 18.82 -3.88
CA SER B 138 -33.30 19.73 -2.88
C SER B 138 -31.85 19.39 -2.53
N ARG B 139 -31.54 18.11 -2.37
CA ARG B 139 -30.21 17.68 -1.93
C ARG B 139 -29.41 17.01 -3.03
N GLY B 140 -29.92 16.99 -4.26
CA GLY B 140 -29.27 16.24 -5.31
C GLY B 140 -29.02 17.03 -6.58
N GLU B 141 -28.63 18.29 -6.47
CA GLU B 141 -28.39 19.11 -7.65
C GLU B 141 -27.24 18.54 -8.48
N LYS B 142 -26.12 18.25 -7.84
CA LYS B 142 -24.95 17.76 -8.57
C LYS B 142 -25.21 16.41 -9.20
N ARG B 143 -25.88 15.51 -8.47
CA ARG B 143 -26.18 14.20 -9.02
C ARG B 143 -27.05 14.31 -10.27
N ALA B 144 -28.10 15.12 -10.20
CA ALA B 144 -28.99 15.29 -11.34
C ALA B 144 -28.27 15.93 -12.51
N LEU B 145 -27.43 16.94 -12.24
CA LEU B 145 -26.71 17.59 -13.33
C LEU B 145 -25.76 16.62 -14.02
N TRP B 146 -25.02 15.82 -13.25
CA TRP B 146 -24.11 14.86 -13.85
C TRP B 146 -24.86 13.79 -14.64
N LYS B 147 -25.98 13.31 -14.10
CA LYS B 147 -26.76 12.32 -14.82
C LYS B 147 -27.30 12.86 -16.14
N LEU B 148 -27.80 14.10 -16.12
CA LEU B 148 -28.30 14.69 -17.36
C LEU B 148 -27.17 14.90 -18.35
N ALA B 149 -25.98 15.30 -17.87
CA ALA B 149 -24.84 15.47 -18.77
C ALA B 149 -24.46 14.15 -19.43
N TYR B 150 -24.43 13.07 -18.65
CA TYR B 150 -24.10 11.76 -19.22
C TYR B 150 -25.16 11.27 -20.18
N ASP B 151 -26.42 11.59 -19.91
CA ASP B 151 -27.51 11.21 -20.81
C ASP B 151 -27.58 12.09 -22.05
N LEU B 152 -26.98 13.28 -22.01
CA LEU B 152 -26.95 14.18 -23.16
C LEU B 152 -25.77 13.91 -24.07
N TYR B 153 -24.57 13.80 -23.51
CA TYR B 153 -23.38 13.68 -24.34
C TYR B 153 -23.33 12.37 -25.11
N SER B 154 -24.09 11.37 -24.70
CA SER B 154 -24.13 10.09 -25.41
C SER B 154 -25.39 9.93 -26.25
N CYS B 155 -26.27 10.92 -26.27
CA CYS B 155 -27.54 10.85 -27.00
C CYS B 155 -28.33 9.59 -26.62
N THR B 156 -28.42 9.35 -25.32
CA THR B 156 -29.13 8.21 -24.77
C THR B 156 -30.29 8.70 -23.92
N SER B 157 -31.17 7.77 -23.57
CA SER B 157 -32.33 8.02 -22.70
C SER B 157 -33.23 9.05 -23.39
N ILE B 158 -33.65 10.12 -22.71
CA ILE B 158 -34.61 11.04 -23.30
C ILE B 158 -34.03 11.83 -24.46
N TYR B 159 -32.71 11.95 -24.56
CA TYR B 159 -32.13 12.77 -25.61
C TYR B 159 -32.00 12.03 -26.94
N LYS B 160 -32.24 10.73 -26.97
CA LYS B 160 -32.24 10.00 -28.24
C LYS B 160 -33.40 10.41 -29.13
N PHE B 161 -34.39 11.11 -28.58
CA PHE B 161 -35.59 11.49 -29.31
C PHE B 161 -35.57 12.92 -29.80
N GLY B 162 -34.43 13.62 -29.68
CA GLY B 162 -34.26 14.96 -30.17
C GLY B 162 -33.74 15.87 -29.09
N ARG B 163 -33.65 17.16 -29.42
CA ARG B 163 -33.21 18.17 -28.48
C ARG B 163 -34.40 18.56 -27.61
N ILE B 164 -34.37 18.16 -26.33
CA ILE B 164 -35.48 18.40 -25.42
C ILE B 164 -35.11 19.55 -24.49
N GLU B 165 -35.99 20.53 -24.40
CA GLU B 165 -35.76 21.70 -23.57
C GLU B 165 -36.15 21.43 -22.12
N VAL B 166 -35.29 21.87 -21.20
CA VAL B 166 -35.49 21.61 -19.77
C VAL B 166 -35.47 22.96 -19.04
N ASN B 167 -36.54 23.26 -18.32
CA ASN B 167 -36.66 24.47 -17.52
C ASN B 167 -36.90 24.05 -16.07
N MET B 168 -35.99 24.43 -15.17
CA MET B 168 -36.09 24.01 -13.78
C MET B 168 -35.59 25.11 -12.86
N PHE B 169 -35.96 25.00 -11.59
CA PHE B 169 -35.47 25.88 -10.54
C PHE B 169 -34.21 25.29 -9.91
N ILE B 170 -33.36 26.17 -9.38
CA ILE B 170 -32.09 25.76 -8.78
C ILE B 170 -31.71 26.75 -7.69
N GLY B 171 -30.90 26.28 -6.74
CA GLY B 171 -30.47 27.11 -5.64
C GLY B 171 -29.38 28.08 -6.01
N GLU B 172 -29.00 28.91 -5.04
CA GLU B 172 -28.02 29.97 -5.31
C GLU B 172 -26.62 29.41 -5.46
N LYS B 173 -26.22 28.51 -4.56
CA LYS B 173 -24.83 28.02 -4.58
C LYS B 173 -24.55 27.19 -5.83
N GLU B 174 -25.45 26.26 -6.15
CA GLU B 174 -25.27 25.44 -7.34
C GLU B 174 -25.29 26.31 -8.60
N PHE B 175 -26.17 27.31 -8.64
CA PHE B 175 -26.21 28.20 -9.81
C PHE B 175 -24.91 28.97 -9.95
N GLN B 176 -24.37 29.48 -8.84
CA GLN B 176 -23.13 30.24 -8.91
C GLN B 176 -21.97 29.36 -9.36
N LYS B 177 -21.94 28.10 -8.90
CA LYS B 177 -20.91 27.18 -9.38
C LYS B 177 -21.10 26.88 -10.86
N LEU B 178 -22.36 26.77 -11.31
CA LEU B 178 -22.64 26.33 -12.67
C LEU B 178 -22.27 27.39 -13.71
N MET B 179 -22.39 28.67 -13.37
CA MET B 179 -22.11 29.75 -14.30
C MET B 179 -20.78 30.44 -14.03
N ALA B 180 -19.84 29.72 -13.42
CA ALA B 180 -18.52 30.28 -13.19
C ALA B 180 -17.78 30.47 -14.51
N ASP B 181 -16.94 31.48 -14.56
CA ASP B 181 -16.19 31.87 -15.74
C ASP B 181 -14.74 32.09 -15.36
N PRO B 182 -13.84 32.12 -16.33
CA PRO B 182 -12.43 32.41 -16.01
C PRO B 182 -12.23 33.72 -15.28
N GLY B 183 -13.21 34.63 -15.32
CA GLY B 183 -13.17 35.81 -14.48
C GLY B 183 -13.56 35.58 -13.04
N ASN B 184 -14.02 34.37 -12.72
CA ASN B 184 -14.37 33.99 -11.35
C ASN B 184 -13.77 32.63 -11.05
N PRO B 185 -12.44 32.55 -10.91
CA PRO B 185 -11.77 31.25 -10.81
C PRO B 185 -11.94 30.55 -9.47
N ASP B 186 -12.67 31.13 -8.52
CA ASP B 186 -12.83 30.47 -7.23
C ASP B 186 -13.75 29.26 -7.33
N LEU B 187 -14.81 29.35 -8.14
CA LEU B 187 -15.82 28.31 -8.26
C LEU B 187 -15.76 27.57 -9.58
N TYR B 188 -14.88 27.95 -10.49
CA TYR B 188 -14.77 27.27 -11.78
C TYR B 188 -14.42 25.81 -11.58
N HIS B 189 -15.12 24.93 -12.29
CA HIS B 189 -14.87 23.50 -12.18
C HIS B 189 -15.24 22.82 -13.50
N VAL B 190 -15.26 21.48 -13.48
CA VAL B 190 -15.53 20.71 -14.69
C VAL B 190 -16.98 20.84 -15.11
N LEU B 191 -17.91 20.80 -14.14
CA LEU B 191 -19.33 20.78 -14.47
C LEU B 191 -19.74 22.05 -15.21
N SER B 192 -19.20 23.19 -14.80
CA SER B 192 -19.47 24.43 -15.53
C SER B 192 -19.05 24.32 -16.98
N VAL B 193 -17.88 23.74 -17.23
CA VAL B 193 -17.37 23.62 -18.59
C VAL B 193 -18.26 22.70 -19.42
N ILE B 194 -18.56 21.51 -18.90
CA ILE B 194 -19.31 20.53 -19.68
C ILE B 194 -20.78 20.91 -19.81
N TRP B 195 -21.26 21.88 -19.03
CA TRP B 195 -22.63 22.35 -19.22
C TRP B 195 -22.72 23.61 -20.08
N GLN B 196 -21.68 24.44 -20.10
CA GLN B 196 -21.68 25.58 -20.99
C GLN B 196 -21.21 25.22 -22.40
N LEU B 197 -20.58 24.05 -22.57
CA LEU B 197 -20.16 23.64 -23.90
C LEU B 197 -21.30 23.06 -24.73
N ALA B 198 -22.42 22.69 -24.12
CA ALA B 198 -23.49 22.02 -24.84
C ALA B 198 -24.80 22.77 -24.84
N CYS B 199 -25.02 23.69 -23.91
CA CYS B 199 -26.29 24.38 -23.79
C CYS B 199 -26.08 25.88 -23.69
N GLU B 200 -27.15 26.62 -23.93
CA GLU B 200 -27.16 28.08 -23.80
C GLU B 200 -27.99 28.40 -22.56
N ILE B 201 -27.31 28.58 -21.43
CA ILE B 201 -28.00 28.74 -20.16
C ILE B 201 -28.60 30.13 -20.08
N LYS B 202 -29.85 30.21 -19.64
CA LYS B 202 -30.57 31.47 -19.51
C LYS B 202 -31.18 31.56 -18.12
N VAL B 203 -31.46 32.79 -17.70
CA VAL B 203 -32.10 33.05 -16.41
C VAL B 203 -33.41 33.77 -16.68
N LEU B 204 -34.52 33.12 -16.32
CA LEU B 204 -35.86 33.61 -16.66
C LEU B 204 -36.55 34.32 -15.50
N HIS B 205 -36.48 33.77 -14.29
CA HIS B 205 -37.22 34.33 -13.17
C HIS B 205 -36.39 34.18 -11.90
N MET B 206 -36.73 35.01 -10.92
CA MET B 206 -36.09 35.01 -9.62
C MET B 206 -37.16 34.90 -8.54
N GLU B 207 -36.89 34.11 -7.50
CA GLU B 207 -37.93 33.93 -6.48
C GLU B 207 -37.30 33.52 -5.17
N PRO B 208 -37.79 34.04 -4.04
CA PRO B 208 -37.30 33.57 -2.74
C PRO B 208 -37.87 32.21 -2.37
N TRP B 209 -37.22 31.58 -1.39
CA TRP B 209 -37.66 30.28 -0.89
C TRP B 209 -38.97 30.36 -0.14
N SER B 210 -39.35 31.55 0.34
CA SER B 210 -40.59 31.69 1.09
C SER B 210 -41.82 31.58 0.20
N SER B 211 -41.66 31.76 -1.12
CA SER B 211 -42.81 31.67 -2.01
C SER B 211 -43.33 30.24 -2.12
N PHE B 212 -42.43 29.25 -2.05
CA PHE B 212 -42.82 27.86 -2.14
C PHE B 212 -43.07 27.29 -0.74
N ASP B 213 -44.12 26.49 -0.63
CA ASP B 213 -44.47 25.85 0.64
C ASP B 213 -43.81 24.47 0.68
N ILE B 214 -42.86 24.29 1.61
CA ILE B 214 -42.13 23.04 1.68
C ILE B 214 -43.07 21.91 2.10
N TYR B 215 -42.67 20.68 1.74
CA TYR B 215 -43.45 19.50 2.05
C TYR B 215 -42.53 18.43 2.63
N THR B 216 -43.09 17.63 3.54
CA THR B 216 -42.38 16.52 4.16
C THR B 216 -43.03 15.21 3.73
N ARG B 217 -42.51 14.10 4.25
CA ARG B 217 -43.13 12.81 4.02
C ARG B 217 -44.52 12.75 4.64
N LYS B 218 -44.67 13.33 5.83
CA LYS B 218 -45.98 13.35 6.47
C LYS B 218 -46.93 14.31 5.77
N GLY B 219 -46.45 15.49 5.39
CA GLY B 219 -47.27 16.49 4.76
C GLY B 219 -46.68 17.87 4.82
N PRO B 220 -47.54 18.89 4.87
CA PRO B 220 -47.05 20.27 4.93
C PRO B 220 -46.22 20.52 6.18
N LEU B 221 -45.16 21.33 6.01
CA LEU B 221 -44.29 21.72 7.11
C LEU B 221 -44.70 23.12 7.55
N GLU B 222 -45.80 23.20 8.30
CA GLU B 222 -46.36 24.47 8.72
C GLU B 222 -45.70 25.04 9.96
N ASN B 223 -44.73 24.35 10.54
CA ASN B 223 -44.09 24.80 11.77
C ASN B 223 -43.34 26.10 11.54
N PRO B 224 -43.64 27.17 12.26
CA PRO B 224 -42.89 28.42 12.07
C PRO B 224 -41.42 28.30 12.36
N LYS B 225 -41.03 27.48 13.35
CA LYS B 225 -39.62 27.31 13.67
C LYS B 225 -38.86 26.71 12.50
N ARG B 226 -39.44 25.70 11.84
CA ARG B 226 -38.83 25.16 10.64
C ARG B 226 -39.03 26.11 9.45
N ARG B 227 -40.11 26.89 9.47
CA ARG B 227 -40.26 27.96 8.49
C ARG B 227 -39.22 29.05 8.71
N GLU B 228 -38.89 29.32 9.98
CA GLU B 228 -37.79 30.24 10.26
C GLU B 228 -36.46 29.65 9.82
N LEU B 229 -36.32 28.32 9.86
CA LEU B 229 -35.15 27.69 9.26
C LEU B 229 -35.11 27.96 7.75
N LEU B 230 -36.28 27.94 7.11
CA LEU B 230 -36.34 28.34 5.70
C LEU B 230 -35.95 29.81 5.55
N ASP B 231 -36.36 30.66 6.50
CA ASP B 231 -35.83 32.01 6.53
C ASP B 231 -34.33 32.00 6.81
N GLN B 232 -33.88 31.13 7.71
CA GLN B 232 -32.45 30.99 7.96
C GLN B 232 -31.73 30.43 6.74
N LEU B 233 -32.34 29.47 6.05
CA LEU B 233 -31.79 28.89 4.83
C LEU B 233 -32.38 29.52 3.57
N GLN B 234 -32.73 30.81 3.64
CA GLN B 234 -33.38 31.49 2.53
C GLN B 234 -32.33 31.80 1.46
N GLN B 235 -32.37 31.06 0.36
CA GLN B 235 -31.51 31.30 -0.78
C GLN B 235 -32.36 31.59 -2.00
N LYS B 236 -31.88 32.48 -2.86
CA LYS B 236 -32.57 32.78 -4.10
C LYS B 236 -32.72 31.50 -4.91
N LEU B 237 -33.94 31.24 -5.39
CA LEU B 237 -34.22 30.07 -6.22
C LEU B 237 -34.32 30.54 -7.66
N TYR B 238 -33.19 30.50 -8.37
CA TYR B 238 -33.14 30.97 -9.75
C TYR B 238 -33.88 30.00 -10.67
N LEU B 239 -34.33 30.52 -11.81
CA LEU B 239 -34.94 29.72 -12.86
C LEU B 239 -34.01 29.68 -14.06
N ILE B 240 -33.72 28.48 -14.55
CA ILE B 240 -32.77 28.29 -15.62
C ILE B 240 -33.43 27.52 -16.76
N GLN B 241 -33.13 27.92 -18.00
CA GLN B 241 -33.62 27.25 -19.19
C GLN B 241 -32.44 26.69 -19.97
N MET B 242 -32.54 25.43 -20.38
CA MET B 242 -31.44 24.72 -21.01
C MET B 242 -31.91 24.19 -22.36
N ILE B 243 -31.19 24.53 -23.42
CA ILE B 243 -31.47 24.02 -24.76
C ILE B 243 -30.18 23.48 -25.35
N PRO B 244 -30.13 22.22 -25.77
CA PRO B 244 -28.90 21.68 -26.36
C PRO B 244 -28.49 22.47 -27.59
N ARG B 245 -27.18 22.70 -27.72
CA ARG B 245 -26.68 23.48 -28.84
C ARG B 245 -26.71 22.65 -30.13
N GLN B 246 -26.99 23.34 -31.24
CA GLN B 246 -27.12 22.65 -32.52
C GLN B 246 -25.80 22.05 -32.96
N ASN B 247 -24.71 22.78 -32.81
CA ASN B 247 -23.40 22.37 -33.32
C ASN B 247 -22.55 21.68 -32.27
N LEU B 248 -23.18 20.98 -31.32
CA LEU B 248 -22.42 20.32 -30.26
C LEU B 248 -21.58 19.18 -30.83
N PHE B 249 -22.19 18.31 -31.62
CA PHE B 249 -21.52 17.11 -32.13
C PHE B 249 -20.85 17.42 -33.46
N THR B 250 -19.53 17.52 -33.46
CA THR B 250 -18.77 17.68 -34.68
C THR B 250 -18.26 16.32 -35.15
N LYS B 251 -17.37 16.32 -36.14
CA LYS B 251 -16.83 15.07 -36.66
C LYS B 251 -15.87 14.40 -35.67
N ASN B 252 -15.38 15.13 -34.68
CA ASN B 252 -14.47 14.57 -33.69
C ASN B 252 -15.11 14.30 -32.34
N LEU B 253 -16.10 15.09 -31.95
CA LEU B 253 -16.77 14.90 -30.67
C LEU B 253 -18.02 14.03 -30.83
N THR B 254 -17.80 12.83 -31.34
CA THR B 254 -18.89 11.91 -31.58
C THR B 254 -19.41 11.36 -30.26
N PRO B 255 -20.65 10.86 -30.23
CA PRO B 255 -21.19 10.29 -29.00
C PRO B 255 -20.43 9.08 -28.51
N MET B 256 -19.65 8.42 -29.36
CA MET B 256 -18.84 7.28 -28.95
C MET B 256 -17.43 7.68 -28.56
N ASN B 257 -17.20 8.95 -28.25
CA ASN B 257 -15.86 9.45 -28.01
C ASN B 257 -15.76 10.40 -26.81
N TYR B 258 -16.87 10.71 -26.15
CA TYR B 258 -16.85 11.74 -25.11
C TYR B 258 -16.06 11.33 -23.88
N ASN B 259 -15.80 10.04 -23.69
CA ASN B 259 -15.16 9.58 -22.45
C ASN B 259 -13.77 10.18 -22.29
N ILE B 260 -13.01 10.24 -23.39
CA ILE B 260 -11.68 10.85 -23.33
C ILE B 260 -11.80 12.32 -22.97
N PHE B 261 -12.82 13.01 -23.50
CA PHE B 261 -13.03 14.41 -23.17
C PHE B 261 -13.31 14.59 -21.69
N PHE B 262 -14.18 13.75 -21.13
CA PHE B 262 -14.50 13.85 -19.71
C PHE B 262 -13.28 13.59 -18.84
N HIS B 263 -12.48 12.57 -19.20
CA HIS B 263 -11.28 12.31 -18.42
C HIS B 263 -10.27 13.45 -18.54
N LEU B 264 -10.14 14.04 -19.72
CA LEU B 264 -9.24 15.17 -19.89
C LEU B 264 -9.65 16.32 -19.01
N LEU B 265 -10.96 16.63 -18.98
CA LEU B 265 -11.43 17.72 -18.14
C LEU B 265 -11.22 17.40 -16.67
N LYS B 266 -11.46 16.15 -16.26
CA LYS B 266 -11.25 15.79 -14.87
C LYS B 266 -9.78 15.90 -14.46
N HIS B 267 -8.88 15.46 -15.34
CA HIS B 267 -7.45 15.54 -15.03
C HIS B 267 -6.98 16.99 -14.97
N CYS B 268 -7.50 17.84 -15.85
CA CYS B 268 -7.04 19.23 -15.87
C CYS B 268 -7.39 19.96 -14.58
N PHE B 269 -8.46 19.57 -13.91
CA PHE B 269 -8.85 20.20 -12.66
C PHE B 269 -8.36 19.43 -11.43
N GLY B 270 -7.59 18.37 -11.62
CA GLY B 270 -6.96 17.72 -10.49
C GLY B 270 -5.92 18.59 -9.82
N ARG B 271 -5.11 19.28 -10.61
CA ARG B 271 -4.15 20.27 -10.14
C ARG B 271 -4.56 21.61 -10.74
N ARG B 272 -5.37 22.36 -10.00
CA ARG B 272 -5.90 23.63 -10.52
C ARG B 272 -4.78 24.63 -10.79
N SER B 273 -3.82 24.74 -9.88
CA SER B 273 -2.76 25.74 -10.00
C SER B 273 -1.55 25.17 -10.73
N ALA B 274 -1.78 24.77 -11.97
CA ALA B 274 -0.71 24.28 -12.82
C ALA B 274 -1.01 24.65 -14.27
N THR B 275 0.05 24.84 -15.05
CA THR B 275 -0.11 25.19 -16.44
C THR B 275 -0.68 24.01 -17.23
N VAL B 276 -1.24 24.30 -18.39
CA VAL B 276 -1.79 23.24 -19.23
C VAL B 276 -0.70 22.43 -19.91
N ILE B 277 0.53 22.95 -19.97
CA ILE B 277 1.60 22.26 -20.67
C ILE B 277 1.98 20.99 -19.92
N ASP B 278 2.01 21.02 -18.59
CA ASP B 278 2.37 19.82 -17.84
C ASP B 278 1.28 18.77 -17.91
N HIS B 279 0.01 19.20 -17.88
CA HIS B 279 -1.08 18.25 -18.07
C HIS B 279 -1.01 17.60 -19.43
N LEU B 280 -0.68 18.38 -20.47
CA LEU B 280 -0.52 17.80 -21.79
C LEU B 280 0.65 16.81 -21.82
N ARG B 281 1.75 17.15 -21.14
CA ARG B 281 2.88 16.22 -21.09
C ARG B 281 2.52 14.94 -20.36
N SER B 282 1.61 15.00 -19.40
CA SER B 282 1.20 13.83 -18.65
C SER B 282 -0.03 13.14 -19.22
N LEU B 283 -0.60 13.65 -20.31
CA LEU B 283 -1.79 13.05 -20.90
C LEU B 283 -1.56 12.49 -22.30
N THR B 284 -0.78 13.14 -23.14
CA THR B 284 -0.59 12.70 -24.51
C THR B 284 0.89 12.67 -24.87
N PRO B 285 1.30 11.74 -25.71
CA PRO B 285 2.72 11.67 -26.11
C PRO B 285 3.12 12.67 -27.17
N LEU B 286 2.17 13.36 -27.81
CA LEU B 286 2.51 14.31 -28.85
C LEU B 286 3.19 15.55 -28.25
N ASP B 287 3.87 16.29 -29.12
CA ASP B 287 4.54 17.52 -28.70
C ASP B 287 3.52 18.52 -28.18
N ALA B 288 3.55 18.78 -26.87
CA ALA B 288 2.55 19.65 -26.27
C ALA B 288 2.60 21.06 -26.82
N ARG B 289 3.81 21.59 -27.03
CA ARG B 289 3.95 22.94 -27.55
C ARG B 289 3.32 23.08 -28.92
N ASP B 290 3.37 22.02 -29.74
CA ASP B 290 2.71 22.07 -31.04
C ASP B 290 1.21 22.23 -30.87
N ILE B 291 0.61 21.49 -29.94
CA ILE B 291 -0.83 21.60 -29.71
C ILE B 291 -1.18 22.99 -29.22
N LEU B 292 -0.39 23.52 -28.29
CA LEU B 292 -0.67 24.85 -27.76
C LEU B 292 -0.56 25.91 -28.84
N MET B 293 0.43 25.78 -29.73
CA MET B 293 0.55 26.72 -30.85
C MET B 293 -0.63 26.58 -31.79
N GLN B 294 -1.08 25.36 -32.07
CA GLN B 294 -2.17 25.16 -33.00
C GLN B 294 -3.48 25.76 -32.47
N ILE B 295 -3.76 25.59 -31.18
CA ILE B 295 -4.97 26.20 -30.64
C ILE B 295 -4.82 27.68 -30.36
N GLY B 296 -3.62 28.23 -30.53
CA GLY B 296 -3.42 29.65 -30.40
C GLY B 296 -3.31 30.15 -28.97
N LYS B 297 -2.33 29.65 -28.23
CA LYS B 297 -2.09 30.08 -26.86
C LYS B 297 -0.61 29.98 -26.56
N GLN B 298 -0.21 30.63 -25.47
CA GLN B 298 1.18 30.65 -25.05
C GLN B 298 1.51 29.44 -24.18
N GLU B 299 2.81 29.29 -23.89
CA GLU B 299 3.25 28.14 -23.10
C GLU B 299 2.77 28.23 -21.66
N ASP B 300 2.89 29.40 -21.05
CA ASP B 300 2.58 29.57 -19.63
C ASP B 300 1.10 29.91 -19.39
N GLU B 301 0.21 29.12 -19.97
CA GLU B 301 -1.22 29.34 -19.82
C GLU B 301 -1.75 28.47 -18.68
N LYS B 302 -2.41 29.10 -17.71
CA LYS B 302 -2.97 28.38 -16.59
C LYS B 302 -4.20 27.60 -17.02
N VAL B 303 -4.60 26.64 -16.18
CA VAL B 303 -5.78 25.85 -16.47
C VAL B 303 -7.04 26.70 -16.31
N VAL B 304 -7.10 27.50 -15.24
CA VAL B 304 -8.30 28.30 -14.96
C VAL B 304 -8.41 29.52 -15.85
N ASN B 305 -7.51 29.71 -16.80
CA ASN B 305 -7.59 30.81 -17.75
C ASN B 305 -8.16 30.37 -19.10
N MET B 306 -8.71 29.16 -19.18
CA MET B 306 -9.20 28.62 -20.42
C MET B 306 -10.73 28.67 -20.44
N HIS B 307 -11.29 29.26 -21.49
CA HIS B 307 -12.72 29.31 -21.65
C HIS B 307 -13.27 27.93 -22.03
N PRO B 308 -14.55 27.68 -21.77
CA PRO B 308 -15.10 26.35 -22.09
C PRO B 308 -14.95 25.95 -23.54
N GLN B 309 -14.99 26.90 -24.48
CA GLN B 309 -14.82 26.55 -25.88
C GLN B 309 -13.36 26.21 -26.20
N ASP B 310 -12.41 26.75 -25.42
CA ASP B 310 -11.01 26.45 -25.66
C ASP B 310 -10.68 24.99 -25.36
N PHE B 311 -11.32 24.42 -24.34
CA PHE B 311 -11.14 22.99 -24.07
C PHE B 311 -11.61 22.14 -25.24
N LYS B 312 -12.77 22.49 -25.82
CA LYS B 312 -13.27 21.77 -26.98
C LYS B 312 -12.32 21.92 -28.16
N THR B 313 -11.78 23.13 -28.36
CA THR B 313 -10.83 23.34 -29.44
C THR B 313 -9.57 22.51 -29.24
N LEU B 314 -9.07 22.44 -28.01
CA LEU B 314 -7.87 21.66 -27.73
C LEU B 314 -8.11 20.17 -27.96
N PHE B 315 -9.26 19.66 -27.51
CA PHE B 315 -9.57 18.26 -27.74
C PHE B 315 -9.66 17.96 -29.23
N GLU B 316 -10.34 18.84 -29.98
CA GLU B 316 -10.42 18.63 -31.43
C GLU B 316 -9.05 18.65 -32.07
N THR B 317 -8.19 19.59 -31.64
CA THR B 317 -6.85 19.68 -32.22
C THR B 317 -6.05 18.41 -31.98
N ILE B 318 -6.12 17.88 -30.75
CA ILE B 318 -5.38 16.65 -30.48
C ILE B 318 -5.94 15.49 -31.29
N GLU B 319 -7.27 15.36 -31.34
CA GLU B 319 -7.87 14.21 -32.02
C GLU B 319 -7.71 14.28 -33.53
N ARG B 320 -7.54 15.47 -34.09
CA ARG B 320 -7.57 15.63 -35.55
C ARG B 320 -6.30 15.12 -36.23
N SER B 321 -5.19 15.02 -35.50
CA SER B 321 -3.93 14.64 -36.11
C SER B 321 -3.96 13.17 -36.52
N LYS B 322 -3.00 12.81 -37.39
CA LYS B 322 -2.94 11.45 -37.92
C LYS B 322 -1.53 10.87 -37.97
N ASP B 323 -0.50 11.63 -37.58
CA ASP B 323 0.87 11.15 -37.74
C ASP B 323 1.16 9.97 -36.82
N CYS B 324 0.74 10.05 -35.57
CA CYS B 324 1.04 9.03 -34.58
C CYS B 324 -0.16 8.14 -34.35
N ALA B 325 0.08 6.83 -34.27
CA ALA B 325 -0.99 5.88 -34.05
C ALA B 325 -1.64 6.08 -32.68
N TYR B 326 -0.83 6.32 -31.66
CA TYR B 326 -1.31 6.48 -30.29
C TYR B 326 -1.34 7.97 -29.95
N LYS B 327 -2.53 8.47 -29.61
CA LYS B 327 -2.71 9.87 -29.26
C LYS B 327 -3.02 10.10 -27.79
N TRP B 328 -3.79 9.22 -27.17
CA TRP B 328 -4.23 9.38 -25.80
C TRP B 328 -3.70 8.24 -24.94
N LEU B 329 -3.51 8.52 -23.65
CA LEU B 329 -3.16 7.50 -22.68
C LEU B 329 -4.35 7.00 -21.88
N TYR B 330 -5.55 7.51 -22.15
CA TYR B 330 -6.74 7.03 -21.47
C TYR B 330 -7.17 5.68 -22.05
N ASP B 331 -7.42 4.72 -21.16
CA ASP B 331 -7.86 3.40 -21.55
C ASP B 331 -9.00 2.97 -20.65
N GLU B 332 -9.68 1.90 -21.04
CA GLU B 332 -10.77 1.36 -20.24
C GLU B 332 -10.30 0.84 -18.89
N THR B 333 -9.00 0.63 -18.71
CA THR B 333 -8.48 0.14 -17.44
C THR B 333 -8.42 1.21 -16.36
N LEU B 334 -8.51 2.49 -16.74
CA LEU B 334 -8.49 3.59 -15.78
C LEU B 334 -9.84 3.79 -15.11
N GLU B 335 -10.78 2.87 -15.28
CA GLU B 335 -12.10 2.96 -14.69
C GLU B 335 -12.26 1.90 -13.60
N ASP B 336 -13.00 2.25 -12.55
CA ASP B 336 -13.26 1.36 -11.42
C ASP B 336 -11.96 0.84 -10.82
N ARG B 337 -11.02 1.75 -10.60
CA ARG B 337 -9.72 1.40 -10.05
C ARG B 337 -9.70 1.58 -8.53
N SER C 28 16.37 55.24 -8.15
CA SER C 28 15.71 56.14 -9.10
C SER C 28 14.20 56.12 -8.92
N SER C 29 13.55 55.13 -9.53
CA SER C 29 12.11 55.00 -9.40
C SER C 29 11.69 54.67 -7.98
N VAL C 30 12.52 53.91 -7.25
CA VAL C 30 12.17 53.52 -5.89
C VAL C 30 12.15 54.72 -4.96
N LEU C 31 13.02 55.70 -5.19
CA LEU C 31 13.11 56.84 -4.28
C LEU C 31 11.83 57.67 -4.29
N ALA C 32 11.34 58.00 -5.48
CA ALA C 32 10.10 58.76 -5.58
C ALA C 32 8.90 57.92 -5.20
N SER C 33 8.96 56.60 -5.45
CA SER C 33 7.85 55.72 -5.09
C SER C 33 7.67 55.65 -3.58
N CYS C 34 8.78 55.58 -2.83
CA CYS C 34 8.71 55.46 -1.38
C CYS C 34 10.00 55.97 -0.77
N PRO C 35 9.96 56.58 0.41
CA PRO C 35 11.18 57.06 1.06
C PRO C 35 11.89 55.92 1.79
N LYS C 36 12.99 56.29 2.46
CA LYS C 36 13.78 55.30 3.18
C LYS C 36 13.19 55.06 4.57
N LYS C 37 13.52 53.89 5.12
CA LYS C 37 12.98 53.49 6.41
C LYS C 37 13.49 54.39 7.53
N PRO C 38 12.70 54.59 8.58
CA PRO C 38 13.15 55.41 9.70
C PRO C 38 14.34 54.78 10.39
N VAL C 39 15.20 55.63 10.94
CA VAL C 39 16.42 55.19 11.61
C VAL C 39 16.10 54.82 13.05
N SER C 40 16.71 53.74 13.53
CA SER C 40 16.39 53.14 14.82
C SER C 40 16.94 53.99 15.97
N SER C 41 16.56 53.59 17.19
CA SER C 41 16.95 54.32 18.39
C SER C 41 18.47 54.41 18.51
N TYR C 42 19.14 53.27 18.33
CA TYR C 42 20.62 53.23 18.44
C TYR C 42 21.23 54.10 17.35
N LEU C 43 20.45 54.33 16.28
CA LEU C 43 21.00 55.13 15.15
C LEU C 43 20.85 56.60 15.54
N ARG C 44 19.72 57.00 16.15
CA ARG C 44 19.63 58.36 16.67
C ARG C 44 20.73 58.64 17.69
N PHE C 45 20.99 57.66 18.57
CA PHE C 45 22.05 57.83 19.56
C PHE C 45 23.40 58.03 18.89
N SER C 46 23.59 57.33 17.77
CA SER C 46 24.87 57.45 17.01
C SER C 46 24.90 58.83 16.36
N LYS C 47 23.75 59.28 15.85
CA LYS C 47 23.69 60.56 15.17
C LYS C 47 24.01 61.72 16.11
N GLU C 48 23.45 61.71 17.31
CA GLU C 48 23.66 62.83 18.21
C GLU C 48 25.02 62.80 18.90
N GLN C 49 25.52 61.62 19.26
CA GLN C 49 26.67 61.51 20.14
C GLN C 49 27.98 61.20 19.42
N LEU C 50 27.95 60.31 18.43
CA LEU C 50 29.20 59.92 17.76
C LEU C 50 29.89 61.09 17.07
N PRO C 51 29.22 61.94 16.28
CA PRO C 51 29.93 63.10 15.71
C PRO C 51 30.51 64.02 16.76
N ILE C 52 29.83 64.19 17.90
CA ILE C 52 30.42 64.93 19.01
C ILE C 52 31.67 64.22 19.52
N PHE C 53 31.58 62.90 19.70
CA PHE C 53 32.74 62.13 20.09
C PHE C 53 33.82 62.17 19.02
N LYS C 54 33.42 62.09 17.74
CA LYS C 54 34.38 62.20 16.66
C LYS C 54 35.03 63.57 16.63
N ALA C 55 34.25 64.63 16.86
CA ALA C 55 34.80 65.98 16.88
C ALA C 55 35.78 66.15 18.03
N GLN C 56 35.47 65.55 19.18
CA GLN C 56 36.36 65.67 20.34
C GLN C 56 37.71 65.01 20.09
N ASN C 57 37.72 63.84 19.46
CA ASN C 57 38.95 63.11 19.20
C ASN C 57 39.32 63.20 17.74
N PRO C 58 40.38 63.93 17.36
CA PRO C 58 40.64 64.19 15.94
C PRO C 58 41.26 63.02 15.19
N ASP C 59 42.09 62.22 15.87
CA ASP C 59 42.74 61.08 15.25
C ASP C 59 41.91 59.81 15.35
N ALA C 60 40.74 59.86 15.97
CA ALA C 60 39.92 58.68 16.14
C ALA C 60 39.36 58.20 14.81
N LYS C 61 39.30 56.89 14.63
CA LYS C 61 38.70 56.27 13.46
C LYS C 61 37.41 55.56 13.84
N THR C 62 36.62 55.24 12.81
CA THR C 62 35.25 54.80 13.03
C THR C 62 35.15 53.47 13.78
N THR C 63 36.18 52.64 13.75
CA THR C 63 36.14 51.36 14.44
C THR C 63 35.97 51.55 15.95
N GLU C 64 36.98 52.14 16.60
CA GLU C 64 36.87 52.35 18.03
C GLU C 64 35.90 53.48 18.37
N LEU C 65 35.61 54.38 17.42
CA LEU C 65 34.55 55.36 17.66
C LEU C 65 33.21 54.66 17.83
N ILE C 66 32.90 53.73 16.92
CA ILE C 66 31.59 53.02 16.96
C ILE C 66 31.57 52.07 18.16
N ARG C 67 32.74 51.66 18.65
CA ARG C 67 32.80 50.68 19.76
C ARG C 67 32.61 51.47 21.04
N ARG C 68 33.21 52.66 21.12
CA ARG C 68 32.97 53.51 22.28
C ARG C 68 31.54 54.02 22.32
N ILE C 69 30.94 54.29 21.15
CA ILE C 69 29.53 54.67 21.10
C ILE C 69 28.66 53.53 21.64
N ALA C 70 29.03 52.30 21.28
CA ALA C 70 28.29 51.12 21.79
C ALA C 70 28.45 51.06 23.31
N GLN C 71 29.67 51.28 23.80
CA GLN C 71 29.89 51.25 25.24
C GLN C 71 29.05 52.31 25.96
N ARG C 72 28.99 53.52 25.40
CA ARG C 72 28.18 54.57 26.01
C ARG C 72 26.70 54.21 25.97
N TRP C 73 26.24 53.65 24.85
CA TRP C 73 24.84 53.25 24.75
C TRP C 73 24.50 52.16 25.77
N ARG C 74 25.39 51.20 25.96
CA ARG C 74 25.21 50.21 27.01
C ARG C 74 25.22 50.88 28.39
N GLU C 75 25.99 51.96 28.54
CA GLU C 75 26.00 52.73 29.77
C GLU C 75 24.94 53.82 29.78
N LEU C 76 24.23 54.04 28.68
CA LEU C 76 23.21 55.08 28.64
C LEU C 76 22.06 54.71 29.56
N PRO C 77 21.51 55.68 30.30
CA PRO C 77 20.35 55.39 31.14
C PRO C 77 19.13 55.03 30.30
N ASP C 78 18.22 54.27 30.92
CA ASP C 78 17.06 53.76 30.20
C ASP C 78 16.11 54.86 29.76
N SER C 79 16.19 56.05 30.35
CA SER C 79 15.34 57.16 29.91
C SER C 79 15.66 57.55 28.48
N LYS C 80 16.96 57.62 28.14
CA LYS C 80 17.35 57.94 26.78
C LYS C 80 16.90 56.87 25.80
N LYS C 81 17.02 55.60 26.20
CA LYS C 81 16.50 54.52 25.36
C LYS C 81 15.00 54.68 25.14
N LYS C 82 14.26 55.02 26.19
CA LYS C 82 12.81 55.16 26.06
C LYS C 82 12.43 56.30 25.15
N ILE C 83 13.10 57.45 25.28
CA ILE C 83 12.76 58.59 24.43
C ILE C 83 13.16 58.31 22.98
N TYR C 84 14.30 57.65 22.77
CA TYR C 84 14.69 57.28 21.41
C TYR C 84 13.69 56.30 20.80
N GLN C 85 13.20 55.35 21.60
CA GLN C 85 12.20 54.41 21.12
C GLN C 85 10.88 55.12 20.81
N ASP C 86 10.51 56.13 21.61
CA ASP C 86 9.31 56.90 21.31
C ASP C 86 9.45 57.65 19.99
N ALA C 87 10.61 58.27 19.77
CA ALA C 87 10.84 58.94 18.48
C ALA C 87 10.81 57.93 17.33
N TYR C 88 11.42 56.76 17.54
CA TYR C 88 11.45 55.74 16.49
C TYR C 88 10.05 55.25 16.15
N ARG C 89 9.20 55.04 17.17
CA ARG C 89 7.86 54.55 16.89
C ARG C 89 6.99 55.65 16.28
N ALA C 90 7.19 56.91 16.65
CA ALA C 90 6.48 57.98 15.98
C ALA C 90 6.84 58.04 14.50
N GLU C 91 8.15 57.95 14.19
CA GLU C 91 8.58 57.92 12.81
C GLU C 91 8.06 56.70 12.08
N TRP C 92 8.02 55.55 12.76
CA TRP C 92 7.47 54.34 12.15
C TRP C 92 5.99 54.50 11.83
N GLN C 93 5.24 55.14 12.73
CA GLN C 93 3.81 55.35 12.46
C GLN C 93 3.60 56.30 11.28
N VAL C 94 4.35 57.40 11.24
CA VAL C 94 4.17 58.34 10.14
C VAL C 94 4.61 57.72 8.83
N TYR C 95 5.66 56.88 8.86
CA TYR C 95 6.07 56.16 7.66
C TYR C 95 5.01 55.15 7.24
N LYS C 96 4.38 54.47 8.21
CA LYS C 96 3.32 53.53 7.87
C LYS C 96 2.17 54.23 7.18
N GLU C 97 1.76 55.40 7.70
CA GLU C 97 0.71 56.17 7.04
C GLU C 97 1.16 56.64 5.66
N GLU C 98 2.40 57.10 5.54
CA GLU C 98 2.91 57.55 4.25
C GLU C 98 2.92 56.42 3.23
N ILE C 99 3.32 55.22 3.65
CA ILE C 99 3.34 54.07 2.75
C ILE C 99 1.92 53.69 2.35
N SER C 100 1.00 53.67 3.31
CA SER C 100 -0.39 53.34 3.00
C SER C 100 -0.96 54.32 1.98
N ARG C 101 -0.58 55.61 2.08
CA ARG C 101 -1.00 56.56 1.06
C ARG C 101 -0.24 56.37 -0.25
N PHE C 102 1.01 55.91 -0.18
CA PHE C 102 1.84 55.83 -1.37
C PHE C 102 1.43 54.67 -2.26
N LYS C 103 1.01 53.55 -1.66
CA LYS C 103 0.66 52.38 -2.47
C LYS C 103 -0.46 52.66 -3.45
N GLU C 104 -1.26 53.70 -3.21
CA GLU C 104 -2.33 54.06 -4.13
C GLU C 104 -1.86 55.08 -5.16
N GLN C 105 -0.84 55.87 -4.85
CA GLN C 105 -0.39 56.95 -5.73
C GLN C 105 0.58 56.47 -6.81
N LEU C 106 0.98 55.20 -6.79
CA LEU C 106 1.88 54.66 -7.81
C LEU C 106 1.07 53.89 -8.84
N THR C 107 1.19 54.30 -10.11
CA THR C 107 0.56 53.56 -11.19
C THR C 107 1.24 52.19 -11.35
N PRO C 108 0.49 51.18 -11.81
CA PRO C 108 1.08 49.83 -11.90
C PRO C 108 2.34 49.74 -12.74
N SER C 109 2.51 50.61 -13.74
CA SER C 109 3.75 50.61 -14.51
C SER C 109 4.95 50.87 -13.62
N GLN C 110 4.80 51.80 -12.67
CA GLN C 110 5.87 52.02 -11.69
C GLN C 110 6.09 50.79 -10.83
N ILE C 111 5.03 50.03 -10.55
CA ILE C 111 5.18 48.80 -9.78
C ILE C 111 6.03 47.78 -10.53
N MET C 112 5.73 47.61 -11.83
CA MET C 112 6.54 46.69 -12.64
C MET C 112 7.99 47.16 -12.74
N SER C 113 8.19 48.46 -12.91
CA SER C 113 9.55 48.99 -12.96
C SER C 113 10.29 48.72 -11.66
N LEU C 114 9.62 48.92 -10.52
CA LEU C 114 10.23 48.62 -9.23
C LEU C 114 10.59 47.14 -9.13
N GLU C 115 9.68 46.27 -9.56
CA GLU C 115 9.90 44.83 -9.46
C GLU C 115 11.12 44.41 -10.28
N LYS C 116 11.19 44.89 -11.53
CA LYS C 116 12.34 44.52 -12.36
C LYS C 116 13.62 45.11 -11.79
N GLU C 117 13.54 46.30 -11.19
CA GLU C 117 14.72 46.91 -10.60
C GLU C 117 15.26 46.07 -9.44
N ILE C 118 14.38 45.63 -8.53
CA ILE C 118 14.86 44.85 -7.39
C ILE C 118 15.35 43.48 -7.87
N MET C 119 14.68 42.90 -8.87
CA MET C 119 15.11 41.62 -9.41
C MET C 119 16.53 41.72 -9.97
N ASP C 120 16.79 42.76 -10.78
CA ASP C 120 18.12 42.95 -11.33
C ASP C 120 19.15 43.25 -10.24
N LYS C 121 18.76 44.02 -9.23
CA LYS C 121 19.67 44.30 -8.12
C LYS C 121 20.06 43.02 -7.40
N HIS C 122 19.10 42.14 -7.15
CA HIS C 122 19.40 40.87 -6.50
C HIS C 122 20.32 40.02 -7.38
N LEU C 123 20.07 39.98 -8.68
CA LEU C 123 20.92 39.18 -9.57
C LEU C 123 22.35 39.70 -9.59
N LYS C 124 22.52 41.02 -9.68
CA LYS C 124 23.88 41.54 -9.74
C LYS C 124 24.60 41.39 -8.40
N ARG C 125 23.86 41.50 -7.29
CA ARG C 125 24.46 41.25 -5.99
C ARG C 125 24.91 39.80 -5.85
N LYS C 126 24.09 38.86 -6.31
CA LYS C 126 24.47 37.45 -6.26
C LYS C 126 25.68 37.18 -7.14
N ALA C 127 25.73 37.77 -8.33
CA ALA C 127 26.89 37.61 -9.18
C ALA C 127 28.14 38.15 -8.51
N MET C 128 28.01 39.32 -7.89
CA MET C 128 29.17 39.95 -7.19
C MET C 128 29.67 39.01 -6.10
N THR C 129 28.77 38.51 -5.24
CA THR C 129 29.23 37.69 -4.13
C THR C 129 29.79 36.36 -4.60
N LYS C 130 29.25 35.80 -5.69
CA LYS C 130 29.82 34.57 -6.24
C LYS C 130 31.23 34.81 -6.78
N LYS C 131 31.41 35.95 -7.46
CA LYS C 131 32.76 36.28 -8.01
C LYS C 131 33.73 36.48 -6.84
N LYS C 132 33.30 37.17 -5.78
CA LYS C 132 34.15 37.39 -4.62
C LYS C 132 34.50 36.06 -3.94
N GLU C 133 33.53 35.15 -3.84
CA GLU C 133 33.79 33.84 -3.26
C GLU C 133 34.83 33.11 -4.09
N LEU C 134 34.67 33.11 -5.41
CA LEU C 134 35.63 32.42 -6.27
C LEU C 134 37.03 33.01 -6.12
N THR C 135 37.13 34.33 -6.03
CA THR C 135 38.44 34.97 -5.93
C THR C 135 39.03 34.90 -4.53
N LEU C 136 38.23 34.59 -3.51
CA LEU C 136 38.75 34.56 -2.15
C LEU C 136 39.49 33.27 -1.81
N LEU C 137 39.50 32.29 -2.71
CA LEU C 137 40.21 31.04 -2.51
C LEU C 137 41.51 30.97 -3.30
N GLY C 138 42.01 32.10 -3.80
CA GLY C 138 43.26 32.12 -4.53
C GLY C 138 43.22 31.37 -5.84
N LYS C 139 42.17 31.59 -6.62
CA LYS C 139 42.04 30.92 -7.91
C LYS C 139 43.18 31.32 -8.83
N PRO C 140 43.84 30.36 -9.50
CA PRO C 140 44.89 30.69 -10.45
C PRO C 140 44.36 31.53 -11.60
N LYS C 141 45.22 32.41 -12.11
CA LYS C 141 44.82 33.35 -13.14
C LYS C 141 44.60 32.66 -14.47
N ARG C 142 43.72 33.24 -15.29
CA ARG C 142 43.45 32.75 -16.63
C ARG C 142 44.66 33.00 -17.53
N PRO C 143 44.81 32.24 -18.60
CA PRO C 143 45.97 32.45 -19.50
C PRO C 143 45.92 33.82 -20.15
N ARG C 144 47.06 34.49 -20.19
CA ARG C 144 47.15 35.82 -20.79
C ARG C 144 47.20 35.71 -22.31
N SER C 145 47.21 36.85 -22.98
CA SER C 145 47.25 36.92 -24.43
C SER C 145 48.54 37.57 -24.89
N ALA C 146 48.96 37.21 -26.11
CA ALA C 146 50.18 37.78 -26.67
C ALA C 146 50.05 39.29 -26.86
N TYR C 147 48.92 39.75 -27.40
CA TYR C 147 48.68 41.18 -27.54
C TYR C 147 48.60 41.85 -26.17
N ASN C 148 47.98 41.17 -25.20
CA ASN C 148 47.92 41.71 -23.84
C ASN C 148 49.31 41.86 -23.23
N VAL C 149 50.16 40.84 -23.38
CA VAL C 149 51.51 40.93 -22.85
C VAL C 149 52.29 42.03 -23.56
N TYR C 150 52.10 42.15 -24.88
CA TYR C 150 52.79 43.19 -25.63
C TYR C 150 52.37 44.59 -25.16
N VAL C 151 51.07 44.80 -24.94
CA VAL C 151 50.62 46.12 -24.51
C VAL C 151 51.00 46.37 -23.07
N ALA C 152 51.13 45.32 -22.25
CA ALA C 152 51.64 45.51 -20.89
C ALA C 152 53.10 45.93 -20.91
N GLU C 153 53.91 45.30 -21.77
CA GLU C 153 55.32 45.67 -21.85
C GLU C 153 55.49 47.07 -22.43
N ARG C 154 54.68 47.42 -23.43
CA ARG C 154 54.79 48.73 -24.05
C ARG C 154 54.45 49.85 -23.07
N PHE C 155 53.41 49.65 -22.26
CA PHE C 155 52.99 50.65 -21.28
C PHE C 155 54.05 50.84 -20.20
N SER C 162 42.58 59.47 -22.34
CA SER C 162 41.44 58.59 -22.60
C SER C 162 41.88 57.15 -22.75
N PRO C 163 41.75 56.35 -21.68
CA PRO C 163 42.15 54.95 -21.76
C PRO C 163 41.41 54.16 -22.81
N GLN C 164 40.14 54.48 -23.06
CA GLN C 164 39.40 53.80 -24.12
C GLN C 164 40.01 54.10 -25.48
N GLU C 165 40.41 55.35 -25.71
CA GLU C 165 41.04 55.71 -26.97
C GLU C 165 42.34 54.95 -27.18
N LYS C 166 43.17 54.85 -26.13
CA LYS C 166 44.43 54.14 -26.27
C LYS C 166 44.22 52.64 -26.42
N LEU C 167 43.20 52.08 -25.76
CA LEU C 167 42.90 50.66 -25.95
C LEU C 167 42.46 50.38 -27.37
N LYS C 168 41.60 51.23 -27.92
CA LYS C 168 41.23 51.09 -29.34
C LYS C 168 42.45 51.26 -30.23
N THR C 169 43.34 52.19 -29.90
CA THR C 169 44.53 52.42 -30.71
C THR C 169 45.42 51.18 -30.73
N VAL C 170 45.70 50.60 -29.56
CA VAL C 170 46.56 49.44 -29.52
C VAL C 170 45.89 48.23 -30.17
N LYS C 171 44.56 48.10 -30.02
CA LYS C 171 43.86 46.99 -30.64
C LYS C 171 43.93 47.08 -32.17
N GLU C 172 43.73 48.29 -32.71
CA GLU C 172 43.82 48.45 -34.16
C GLU C 172 45.26 48.37 -34.65
N ASN C 173 46.22 48.71 -33.78
CA ASN C 173 47.63 48.56 -34.15
C ASN C 173 48.02 47.10 -34.24
N TRP C 174 47.50 46.27 -33.34
CA TRP C 174 47.80 44.84 -33.40
C TRP C 174 47.28 44.23 -34.69
N LYS C 175 46.08 44.63 -35.12
CA LYS C 175 45.48 44.11 -36.35
C LYS C 175 46.29 44.52 -37.57
N GLU C 183 58.38 40.22 -26.82
CA GLU C 183 59.29 39.60 -25.87
C GLU C 183 58.90 38.15 -25.62
N LEU C 184 58.79 37.37 -26.70
CA LEU C 184 58.31 35.99 -26.64
C LEU C 184 56.94 35.91 -25.99
N TYR C 185 56.07 36.88 -26.34
CA TYR C 185 54.75 36.96 -25.71
C TYR C 185 53.89 35.77 -26.08
N ILE C 186 53.98 35.29 -27.33
CA ILE C 186 53.11 34.20 -27.77
C ILE C 186 53.37 32.95 -26.95
N GLN C 187 54.64 32.59 -26.77
CA GLN C 187 54.95 31.38 -26.00
C GLN C 187 54.75 31.61 -24.50
N HIS C 188 55.05 32.81 -24.02
CA HIS C 188 54.93 33.09 -22.59
C HIS C 188 53.48 33.07 -22.14
N ALA C 189 52.54 33.45 -23.02
CA ALA C 189 51.13 33.42 -22.66
C ALA C 189 50.68 32.00 -22.34
N LYS C 190 51.06 31.03 -23.17
CA LYS C 190 50.78 29.63 -22.86
C LYS C 190 51.70 29.11 -21.76
N GLU C 191 52.96 29.58 -21.74
CA GLU C 191 53.89 29.15 -20.71
C GLU C 191 53.39 29.54 -19.33
N ASP C 192 52.83 30.74 -19.19
CA ASP C 192 52.27 31.15 -17.91
C ASP C 192 51.15 30.22 -17.47
N GLU C 193 50.25 29.88 -18.40
CA GLU C 193 49.17 28.96 -18.06
C GLU C 193 49.72 27.58 -17.72
N THR C 194 50.73 27.11 -18.45
CA THR C 194 51.39 25.87 -18.05
C THR C 194 52.11 26.05 -16.71
N ARG C 195 52.66 27.24 -16.46
CA ARG C 195 53.12 27.55 -15.12
C ARG C 195 51.95 27.58 -14.15
N TYR C 196 50.83 28.17 -14.56
CA TYR C 196 49.61 28.11 -13.76
C TYR C 196 49.00 26.71 -13.74
N HIS C 197 49.37 25.86 -14.71
CA HIS C 197 48.82 24.51 -14.75
C HIS C 197 49.19 23.74 -13.49
N ASN C 198 50.45 23.83 -13.06
CA ASN C 198 50.85 23.19 -11.81
C ASN C 198 50.08 23.75 -10.62
N GLU C 199 49.60 24.98 -10.71
CA GLU C 199 48.78 25.54 -9.63
C GLU C 199 47.39 24.92 -9.61
N MET C 200 46.75 24.79 -10.78
CA MET C 200 45.38 24.29 -10.81
C MET C 200 45.31 22.80 -10.46
N LYS C 201 46.34 22.03 -10.80
CA LYS C 201 46.41 20.66 -10.29
C LYS C 201 46.48 20.67 -8.77
N SER C 202 47.26 21.59 -8.20
CA SER C 202 47.31 21.74 -6.75
C SER C 202 46.05 22.43 -6.23
N TRP C 203 45.42 23.28 -7.04
CA TRP C 203 44.25 24.02 -6.59
C TRP C 203 43.05 23.12 -6.32
N GLU C 204 43.03 21.91 -6.89
CA GLU C 204 41.96 20.96 -6.59
C GLU C 204 42.22 20.20 -5.31
N GLU C 205 43.44 20.25 -4.77
CA GLU C 205 43.78 19.41 -3.62
C GLU C 205 43.12 19.92 -2.34
N GLN C 206 43.18 21.23 -2.11
CA GLN C 206 42.61 21.75 -0.87
C GLN C 206 41.09 21.65 -0.88
N MET C 207 40.47 21.84 -2.05
CA MET C 207 39.01 21.90 -2.12
C MET C 207 38.37 20.61 -1.65
N ILE C 208 38.93 19.46 -2.05
CA ILE C 208 38.39 18.18 -1.58
C ILE C 208 38.65 18.03 -0.09
N GLU C 209 39.78 18.53 0.41
CA GLU C 209 40.03 18.51 1.84
C GLU C 209 39.10 19.48 2.57
N VAL C 210 38.99 20.71 2.07
CA VAL C 210 38.12 21.69 2.72
C VAL C 210 36.67 21.25 2.64
N GLY C 211 36.23 20.78 1.47
CA GLY C 211 34.89 20.25 1.35
C GLY C 211 34.09 20.84 0.21
N ARG C 212 34.71 21.71 -0.60
CA ARG C 212 34.03 22.31 -1.74
C ARG C 212 34.32 21.45 -2.98
N LYS C 213 33.50 20.41 -3.13
CA LYS C 213 33.67 19.48 -4.24
C LYS C 213 32.97 19.95 -5.51
N ASP C 214 32.18 21.02 -5.45
CA ASP C 214 31.49 21.50 -6.64
C ASP C 214 32.42 22.24 -7.60
N LEU C 215 33.50 22.83 -7.08
CA LEU C 215 34.39 23.62 -7.92
C LEU C 215 35.08 22.75 -8.97
N LEU C 216 35.48 21.54 -8.59
CA LEU C 216 36.13 20.64 -9.53
C LEU C 216 35.11 19.74 -10.20
#